data_2E5I
#
_entry.id   2E5I
#
_entity_poly.entity_id   1
_entity_poly.type   'polypeptide(L)'
_entity_poly.pdbx_seq_one_letter_code
;GSSGSSGKRITRPGNTDDPSGGNKVLLLSIQNPLYPITVDVLYTVCNPVGKVQRIVIFKRNGIQAMVEFESVLCAQKAKA
ALNGADIYAGCCTLKIEYARPTRLNVIRNDNDSWDYTKPYLGRR
;
_entity_poly.pdbx_strand_id   A
#
# COMPACT_ATOMS: atom_id res chain seq x y z
N GLY A 1 -14.98 66.05 14.93
CA GLY A 1 -13.70 65.55 14.48
C GLY A 1 -13.40 64.17 15.03
N SER A 2 -12.36 63.53 14.51
CA SER A 2 -11.96 62.20 14.96
C SER A 2 -10.62 61.80 14.34
N SER A 3 -9.94 60.87 15.00
CA SER A 3 -8.64 60.40 14.52
C SER A 3 -8.27 59.07 15.18
N GLY A 4 -7.62 58.19 14.41
CA GLY A 4 -7.23 56.90 14.93
C GLY A 4 -6.25 56.18 14.02
N SER A 5 -5.35 55.40 14.61
CA SER A 5 -4.35 54.66 13.85
C SER A 5 -4.67 53.17 13.85
N SER A 6 -4.44 52.52 12.71
CA SER A 6 -4.69 51.09 12.59
C SER A 6 -3.45 50.35 12.08
N GLY A 7 -2.96 49.43 12.89
CA GLY A 7 -1.77 48.67 12.52
C GLY A 7 -1.94 47.19 12.81
N LYS A 8 -1.17 46.37 12.08
CA LYS A 8 -1.22 44.92 12.27
C LYS A 8 0.07 44.27 11.80
N ARG A 9 0.29 43.04 12.24
CA ARG A 9 1.49 42.30 11.86
C ARG A 9 1.14 40.94 11.26
N ILE A 10 1.81 40.60 10.16
CA ILE A 10 1.56 39.34 9.48
C ILE A 10 1.39 38.20 10.48
N THR A 11 0.42 37.34 10.23
CA THR A 11 0.15 36.21 11.10
C THR A 11 -0.54 35.07 10.35
N ARG A 12 0.06 33.88 10.40
CA ARG A 12 -0.49 32.72 9.72
C ARG A 12 -0.65 31.55 10.68
N PRO A 13 -1.70 30.74 10.46
CA PRO A 13 -1.98 29.58 11.30
C PRO A 13 -1.10 28.38 10.97
N GLY A 14 -0.62 28.35 9.73
CA GLY A 14 0.24 27.26 9.30
C GLY A 14 1.54 27.20 10.09
N ASN A 15 2.03 25.98 10.32
CA ASN A 15 3.27 25.78 11.07
C ASN A 15 4.31 25.08 10.22
N THR A 16 5.58 25.34 10.50
CA THR A 16 6.68 24.74 9.76
C THR A 16 6.33 23.30 9.35
N ASP A 17 6.44 23.03 8.05
CA ASP A 17 6.13 21.70 7.53
C ASP A 17 7.39 20.85 7.45
N ASP A 18 7.21 19.55 7.29
CA ASP A 18 8.34 18.63 7.18
C ASP A 18 7.97 17.40 6.35
N PRO A 19 8.92 16.94 5.53
CA PRO A 19 8.72 15.78 4.66
C PRO A 19 8.82 14.46 5.42
N SER A 20 8.78 14.55 6.75
CA SER A 20 8.86 13.36 7.60
C SER A 20 8.12 12.19 6.96
N GLY A 21 8.87 11.15 6.61
CA GLY A 21 8.28 9.97 5.99
C GLY A 21 8.15 8.81 6.97
N GLY A 22 7.10 8.01 6.78
CA GLY A 22 6.88 6.87 7.66
C GLY A 22 5.55 6.93 8.38
N ASN A 23 4.64 6.04 8.01
CA ASN A 23 3.32 6.01 8.62
C ASN A 23 2.75 4.59 8.59
N LYS A 24 1.87 4.29 9.55
CA LYS A 24 1.26 2.97 9.64
C LYS A 24 0.46 2.66 8.37
N VAL A 25 -0.07 3.69 7.75
CA VAL A 25 -0.85 3.52 6.52
C VAL A 25 0.04 3.54 5.29
N LEU A 26 -0.26 2.66 4.34
CA LEU A 26 0.52 2.56 3.11
C LEU A 26 -0.38 2.50 1.89
N LEU A 27 -0.08 3.31 0.88
CA LEU A 27 -0.87 3.34 -0.35
C LEU A 27 -0.45 2.21 -1.28
N LEU A 28 -1.28 1.17 -1.34
CA LEU A 28 -1.00 0.02 -2.20
C LEU A 28 -1.63 0.21 -3.58
N SER A 29 -0.83 0.04 -4.62
CA SER A 29 -1.31 0.19 -6.00
C SER A 29 -1.05 -1.07 -6.81
N ILE A 30 -2.12 -1.77 -7.18
CA ILE A 30 -1.99 -2.99 -7.96
C ILE A 30 -1.66 -2.68 -9.42
N GLN A 31 -0.64 -3.37 -9.94
CA GLN A 31 -0.22 -3.17 -11.32
C GLN A 31 -0.79 -4.26 -12.23
N ASN A 32 -1.57 -3.85 -13.23
CA ASN A 32 -2.17 -4.79 -14.16
C ASN A 32 -3.14 -5.72 -13.44
N PRO A 33 -4.08 -5.13 -12.70
CA PRO A 33 -5.08 -5.89 -11.95
C PRO A 33 -6.17 -6.46 -12.85
N LEU A 34 -5.75 -7.09 -13.94
CA LEU A 34 -6.68 -7.69 -14.89
C LEU A 34 -7.83 -8.38 -14.16
N TYR A 35 -7.51 -9.07 -13.08
CA TYR A 35 -8.51 -9.77 -12.29
C TYR A 35 -8.94 -8.95 -11.08
N PRO A 36 -10.23 -8.98 -10.76
CA PRO A 36 -10.80 -8.24 -9.62
C PRO A 36 -9.97 -8.43 -8.35
N ILE A 37 -9.54 -7.31 -7.77
CA ILE A 37 -8.75 -7.35 -6.55
C ILE A 37 -9.56 -6.88 -5.35
N THR A 38 -9.90 -7.82 -4.47
CA THR A 38 -10.67 -7.51 -3.29
C THR A 38 -9.79 -7.47 -2.05
N VAL A 39 -10.27 -6.79 -1.01
CA VAL A 39 -9.52 -6.67 0.24
C VAL A 39 -8.91 -8.01 0.65
N ASP A 40 -9.68 -9.08 0.46
CA ASP A 40 -9.22 -10.42 0.81
C ASP A 40 -7.89 -10.72 0.14
N VAL A 41 -7.85 -10.61 -1.18
CA VAL A 41 -6.63 -10.88 -1.94
C VAL A 41 -5.43 -10.22 -1.29
N LEU A 42 -5.62 -9.02 -0.76
CA LEU A 42 -4.54 -8.29 -0.10
C LEU A 42 -4.31 -8.82 1.31
N TYR A 43 -5.31 -8.67 2.17
CA TYR A 43 -5.22 -9.13 3.55
C TYR A 43 -4.67 -10.55 3.61
N THR A 44 -4.90 -11.31 2.55
CA THR A 44 -4.43 -12.68 2.48
C THR A 44 -2.90 -12.75 2.49
N VAL A 45 -2.28 -11.93 1.65
CA VAL A 45 -0.82 -11.88 1.56
C VAL A 45 -0.25 -10.91 2.59
N CYS A 46 -1.11 -10.12 3.20
CA CYS A 46 -0.68 -9.14 4.20
C CYS A 46 -0.62 -9.78 5.58
N ASN A 47 -1.69 -10.47 5.96
CA ASN A 47 -1.77 -11.11 7.26
C ASN A 47 -0.51 -11.93 7.54
N PRO A 48 -0.09 -12.72 6.53
CA PRO A 48 1.11 -13.57 6.64
C PRO A 48 2.30 -12.81 7.20
N VAL A 49 2.23 -11.48 7.16
CA VAL A 49 3.30 -10.63 7.67
C VAL A 49 2.97 -10.06 9.04
N GLY A 50 1.71 -9.64 9.21
CA GLY A 50 1.28 -9.08 10.46
C GLY A 50 -0.21 -8.80 10.50
N LYS A 51 -0.70 -8.33 11.64
CA LYS A 51 -2.12 -8.01 11.79
C LYS A 51 -2.50 -6.81 10.94
N VAL A 52 -3.70 -6.85 10.37
CA VAL A 52 -4.19 -5.77 9.53
C VAL A 52 -5.33 -5.01 10.22
N GLN A 53 -5.26 -3.68 10.17
CA GLN A 53 -6.28 -2.84 10.78
C GLN A 53 -7.51 -2.72 9.87
N ARG A 54 -7.30 -2.18 8.69
CA ARG A 54 -8.38 -2.01 7.73
C ARG A 54 -7.83 -1.79 6.32
N ILE A 55 -8.64 -2.12 5.32
CA ILE A 55 -8.24 -1.96 3.93
C ILE A 55 -9.35 -1.33 3.09
N VAL A 56 -9.06 -0.16 2.53
CA VAL A 56 -10.05 0.54 1.71
C VAL A 56 -9.63 0.54 0.24
N ILE A 57 -10.43 -0.12 -0.59
CA ILE A 57 -10.15 -0.19 -2.02
C ILE A 57 -10.96 0.85 -2.79
N PHE A 58 -10.24 1.80 -3.38
CA PHE A 58 -10.89 2.86 -4.16
C PHE A 58 -10.48 2.79 -5.62
N LYS A 59 -11.26 3.44 -6.48
CA LYS A 59 -10.97 3.46 -7.92
C LYS A 59 -10.69 4.87 -8.41
N ARG A 60 -9.43 5.26 -8.38
CA ARG A 60 -9.02 6.60 -8.82
C ARG A 60 -7.82 6.52 -9.76
N ASN A 61 -8.09 6.49 -11.06
CA ASN A 61 -7.03 6.42 -12.06
C ASN A 61 -6.19 5.16 -11.88
N GLY A 62 -6.86 4.06 -11.53
CA GLY A 62 -6.15 2.81 -11.33
C GLY A 62 -6.54 2.13 -10.03
N ILE A 63 -6.86 0.84 -10.11
CA ILE A 63 -7.25 0.07 -8.93
C ILE A 63 -6.27 0.30 -7.78
N GLN A 64 -6.69 1.13 -6.82
CA GLN A 64 -5.86 1.43 -5.66
C GLN A 64 -6.53 0.97 -4.37
N ALA A 65 -5.76 0.93 -3.29
CA ALA A 65 -6.28 0.51 -1.99
C ALA A 65 -5.29 0.81 -0.88
N MET A 66 -5.78 1.46 0.18
CA MET A 66 -4.94 1.81 1.31
C MET A 66 -5.07 0.78 2.42
N VAL A 67 -3.93 0.35 2.96
CA VAL A 67 -3.91 -0.63 4.03
C VAL A 67 -3.19 -0.10 5.26
N GLU A 68 -3.86 -0.14 6.40
CA GLU A 68 -3.28 0.35 7.65
C GLU A 68 -2.81 -0.81 8.52
N PHE A 69 -1.77 -0.57 9.32
CA PHE A 69 -1.23 -1.59 10.20
C PHE A 69 -1.26 -1.14 11.65
N GLU A 70 -1.19 -2.10 12.57
CA GLU A 70 -1.22 -1.80 14.00
C GLU A 70 -0.37 -0.58 14.31
N SER A 71 0.94 -0.71 14.11
CA SER A 71 1.87 0.39 14.38
C SER A 71 2.81 0.60 13.19
N VAL A 72 3.65 1.63 13.29
CA VAL A 72 4.59 1.94 12.22
C VAL A 72 5.55 0.78 11.97
N LEU A 73 6.17 0.28 13.04
CA LEU A 73 7.10 -0.83 12.94
C LEU A 73 6.60 -1.87 11.93
N CYS A 74 5.46 -2.46 12.23
CA CYS A 74 4.88 -3.47 11.35
C CYS A 74 4.87 -2.99 9.90
N ALA A 75 4.54 -1.73 9.70
CA ALA A 75 4.50 -1.15 8.36
C ALA A 75 5.83 -1.31 7.65
N GLN A 76 6.92 -1.07 8.38
CA GLN A 76 8.26 -1.19 7.82
C GLN A 76 8.48 -2.57 7.20
N LYS A 77 8.32 -3.60 8.02
CA LYS A 77 8.49 -4.98 7.56
C LYS A 77 7.47 -5.32 6.48
N ALA A 78 6.19 -5.16 6.80
CA ALA A 78 5.12 -5.45 5.85
C ALA A 78 5.41 -4.82 4.50
N LYS A 79 5.78 -3.54 4.50
CA LYS A 79 6.09 -2.83 3.27
C LYS A 79 7.06 -3.62 2.41
N ALA A 80 8.15 -4.08 3.02
CA ALA A 80 9.16 -4.87 2.31
C ALA A 80 8.58 -6.18 1.81
N ALA A 81 8.25 -7.08 2.74
CA ALA A 81 7.70 -8.37 2.39
C ALA A 81 6.71 -8.25 1.24
N LEU A 82 5.99 -7.13 1.20
CA LEU A 82 5.00 -6.90 0.15
C LEU A 82 5.64 -6.14 -1.03
N ASN A 83 6.66 -5.35 -0.74
CA ASN A 83 7.34 -4.58 -1.76
C ASN A 83 7.84 -5.50 -2.89
N GLY A 84 7.09 -5.52 -3.99
CA GLY A 84 7.48 -6.34 -5.12
C GLY A 84 7.05 -7.79 -4.94
N ALA A 85 6.05 -8.02 -4.08
CA ALA A 85 5.55 -9.36 -3.84
C ALA A 85 4.52 -9.77 -4.89
N ASP A 86 4.99 -10.42 -5.94
CA ASP A 86 4.11 -10.86 -7.01
C ASP A 86 2.99 -11.76 -6.46
N ILE A 87 1.76 -11.44 -6.82
CA ILE A 87 0.60 -12.21 -6.36
C ILE A 87 0.12 -13.17 -7.45
N TYR A 88 0.10 -12.69 -8.68
CA TYR A 88 -0.34 -13.51 -9.81
C TYR A 88 0.78 -13.71 -10.82
N ALA A 89 0.55 -14.57 -11.79
CA ALA A 89 1.54 -14.85 -12.82
C ALA A 89 2.00 -13.58 -13.51
N GLY A 90 3.23 -13.15 -13.24
CA GLY A 90 3.75 -11.94 -13.84
C GLY A 90 2.69 -10.88 -14.04
N CYS A 91 1.99 -10.55 -12.96
CA CYS A 91 0.93 -9.54 -13.03
C CYS A 91 0.37 -9.24 -11.63
N CYS A 92 -0.48 -8.24 -11.53
CA CYS A 92 -1.07 -7.85 -10.26
C CYS A 92 0.00 -7.56 -9.22
N THR A 93 1.06 -6.88 -9.65
CA THR A 93 2.16 -6.54 -8.76
C THR A 93 1.74 -5.50 -7.73
N LEU A 94 2.26 -5.63 -6.51
CA LEU A 94 1.93 -4.70 -5.44
C LEU A 94 2.89 -3.51 -5.43
N LYS A 95 2.32 -2.31 -5.44
CA LYS A 95 3.12 -1.09 -5.43
C LYS A 95 2.83 -0.26 -4.20
N ILE A 96 3.44 -0.63 -3.07
CA ILE A 96 3.25 0.09 -1.82
C ILE A 96 3.93 1.46 -1.86
N GLU A 97 3.30 2.45 -1.23
CA GLU A 97 3.84 3.80 -1.18
C GLU A 97 3.29 4.57 0.00
N TYR A 98 4.14 4.79 1.01
CA TYR A 98 3.73 5.52 2.20
C TYR A 98 2.72 6.60 1.87
N ALA A 99 1.45 6.33 2.13
CA ALA A 99 0.39 7.28 1.86
C ALA A 99 0.64 8.61 2.57
N ARG A 100 -0.09 9.64 2.16
CA ARG A 100 0.06 10.97 2.76
C ARG A 100 -0.51 11.00 4.17
N PRO A 101 -1.81 10.67 4.28
CA PRO A 101 -2.51 10.65 5.57
C PRO A 101 -2.08 9.46 6.44
N THR A 102 -2.34 9.57 7.75
CA THR A 102 -1.99 8.51 8.68
C THR A 102 -3.22 7.70 9.07
N ARG A 103 -4.38 8.35 9.03
CA ARG A 103 -5.64 7.68 9.40
C ARG A 103 -6.52 7.50 8.16
N LEU A 104 -7.26 6.39 8.12
CA LEU A 104 -8.15 6.11 7.01
C LEU A 104 -9.61 6.24 7.43
N ASN A 105 -10.52 6.07 6.47
CA ASN A 105 -11.95 6.17 6.74
C ASN A 105 -12.71 5.04 6.05
N VAL A 106 -13.68 4.47 6.75
CA VAL A 106 -14.49 3.39 6.20
C VAL A 106 -15.97 3.60 6.48
N ILE A 107 -16.68 4.15 5.50
CA ILE A 107 -18.11 4.41 5.64
C ILE A 107 -18.84 3.16 6.12
N ARG A 108 -18.72 2.08 5.36
CA ARG A 108 -19.37 0.82 5.69
C ARG A 108 -18.45 -0.37 5.40
N ASN A 109 -18.92 -1.56 5.74
CA ASN A 109 -18.14 -2.77 5.53
C ASN A 109 -18.61 -3.51 4.29
N ASP A 110 -17.74 -3.62 3.30
CA ASP A 110 -18.07 -4.31 2.06
C ASP A 110 -16.82 -4.75 1.31
N ASN A 111 -16.99 -5.54 0.26
CA ASN A 111 -15.87 -6.03 -0.53
C ASN A 111 -14.87 -4.91 -0.80
N ASP A 112 -15.39 -3.71 -1.09
CA ASP A 112 -14.54 -2.56 -1.38
C ASP A 112 -13.61 -2.27 -0.20
N SER A 113 -14.19 -1.97 0.95
CA SER A 113 -13.42 -1.67 2.15
C SER A 113 -13.91 -2.47 3.35
N TRP A 114 -12.98 -3.06 4.08
CA TRP A 114 -13.33 -3.87 5.25
C TRP A 114 -12.61 -3.36 6.49
N ASP A 115 -13.30 -3.37 7.62
CA ASP A 115 -12.73 -2.91 8.88
C ASP A 115 -12.61 -4.05 9.88
N TYR A 116 -11.41 -4.60 10.01
CA TYR A 116 -11.17 -5.71 10.93
C TYR A 116 -11.18 -5.22 12.38
N THR A 117 -10.46 -4.14 12.64
CA THR A 117 -10.37 -3.58 13.98
C THR A 117 -11.72 -3.67 14.69
N LYS A 118 -12.79 -3.34 13.98
CA LYS A 118 -14.13 -3.39 14.53
C LYS A 118 -15.06 -4.23 13.66
N PRO A 119 -15.11 -5.54 13.94
CA PRO A 119 -15.96 -6.47 13.19
C PRO A 119 -17.41 -6.41 13.64
N TYR A 120 -17.69 -5.63 14.67
CA TYR A 120 -19.04 -5.49 15.19
C TYR A 120 -19.67 -4.18 14.72
N LEU A 121 -20.56 -4.29 13.75
CA LEU A 121 -21.25 -3.11 13.21
C LEU A 121 -22.76 -3.34 13.15
N GLY A 122 -23.18 -4.34 12.39
CA GLY A 122 -24.60 -4.64 12.27
C GLY A 122 -25.00 -5.85 13.09
N ARG A 123 -25.61 -5.60 14.24
CA ARG A 123 -26.05 -6.67 15.12
C ARG A 123 -27.42 -7.20 14.71
N ARG A 124 -27.61 -7.35 13.40
CA ARG A 124 -28.88 -7.83 12.87
C ARG A 124 -29.11 -9.30 13.25
N GLY A 1 75.18 7.70 -16.19
CA GLY A 1 73.82 8.23 -16.21
C GLY A 1 73.01 7.78 -15.01
N SER A 2 72.03 8.59 -14.62
CA SER A 2 71.19 8.28 -13.47
C SER A 2 69.91 9.11 -13.50
N SER A 3 68.82 8.53 -13.00
CA SER A 3 67.54 9.22 -12.96
C SER A 3 66.54 8.46 -12.10
N GLY A 4 65.45 9.14 -11.73
CA GLY A 4 64.44 8.51 -10.90
C GLY A 4 63.06 9.10 -11.12
N SER A 5 62.03 8.37 -10.71
CA SER A 5 60.66 8.83 -10.88
C SER A 5 59.68 7.89 -10.18
N SER A 6 58.76 8.47 -9.41
CA SER A 6 57.77 7.67 -8.67
C SER A 6 56.76 8.58 -7.99
N GLY A 7 55.48 8.31 -8.23
CA GLY A 7 54.42 9.11 -7.63
C GLY A 7 53.04 8.56 -7.93
N LYS A 8 52.19 8.53 -6.90
CA LYS A 8 50.84 8.02 -7.04
C LYS A 8 50.00 8.30 -5.80
N ARG A 9 48.70 8.46 -5.98
CA ARG A 9 47.80 8.74 -4.86
C ARG A 9 46.41 8.19 -5.15
N ILE A 10 45.90 7.37 -4.23
CA ILE A 10 44.59 6.77 -4.38
C ILE A 10 43.67 7.16 -3.22
N THR A 11 42.70 8.03 -3.51
CA THR A 11 41.75 8.48 -2.49
C THR A 11 40.37 8.74 -3.09
N ARG A 12 39.35 8.19 -2.46
CA ARG A 12 37.97 8.36 -2.94
C ARG A 12 36.99 8.35 -1.77
N PRO A 13 36.09 9.34 -1.74
CA PRO A 13 35.08 9.47 -0.69
C PRO A 13 33.92 8.49 -0.88
N GLY A 14 33.20 8.20 0.19
CA GLY A 14 32.08 7.29 0.12
C GLY A 14 31.45 7.03 1.48
N ASN A 15 30.24 7.53 1.68
CA ASN A 15 29.53 7.35 2.94
C ASN A 15 28.03 7.45 2.74
N THR A 16 27.29 6.61 3.47
CA THR A 16 25.83 6.62 3.37
C THR A 16 25.19 6.18 4.69
N ASP A 17 24.14 6.89 5.09
CA ASP A 17 23.44 6.57 6.32
C ASP A 17 22.25 5.66 6.06
N ASP A 18 21.63 5.17 7.13
CA ASP A 18 20.48 4.29 7.02
C ASP A 18 19.20 5.00 7.43
N PRO A 19 18.14 4.81 6.63
CA PRO A 19 16.83 5.43 6.88
C PRO A 19 16.05 4.72 7.99
N SER A 20 15.49 5.49 8.90
CA SER A 20 14.72 4.92 10.01
C SER A 20 13.38 5.64 10.15
N GLY A 21 12.30 4.87 9.99
CA GLY A 21 10.97 5.44 10.10
C GLY A 21 9.99 4.83 9.12
N GLY A 22 8.82 5.43 9.00
CA GLY A 22 7.81 4.93 8.09
C GLY A 22 6.43 5.47 8.39
N ASN A 23 5.40 4.69 8.09
CA ASN A 23 4.02 5.11 8.33
C ASN A 23 3.10 3.89 8.38
N LYS A 24 2.32 3.81 9.46
CA LYS A 24 1.38 2.70 9.64
C LYS A 24 0.51 2.51 8.40
N VAL A 25 0.17 3.62 7.74
CA VAL A 25 -0.65 3.58 6.54
C VAL A 25 0.22 3.44 5.30
N LEU A 26 -0.27 2.66 4.33
CA LEU A 26 0.46 2.46 3.09
C LEU A 26 -0.49 2.38 1.90
N LEU A 27 -0.22 3.18 0.87
CA LEU A 27 -1.05 3.21 -0.32
C LEU A 27 -0.62 2.13 -1.32
N LEU A 28 -1.39 1.06 -1.40
CA LEU A 28 -1.08 -0.03 -2.33
C LEU A 28 -1.71 0.22 -3.69
N SER A 29 -0.97 -0.12 -4.75
CA SER A 29 -1.45 0.07 -6.11
C SER A 29 -1.16 -1.17 -6.96
N ILE A 30 -2.23 -1.82 -7.42
CA ILE A 30 -2.10 -3.01 -8.24
C ILE A 30 -1.83 -2.65 -9.70
N GLN A 31 -0.81 -3.27 -10.28
CA GLN A 31 -0.45 -3.01 -11.67
C GLN A 31 -1.03 -4.09 -12.59
N ASN A 32 -1.68 -3.65 -13.66
CA ASN A 32 -2.28 -4.58 -14.61
C ASN A 32 -3.09 -5.65 -13.90
N PRO A 33 -4.03 -5.20 -13.04
CA PRO A 33 -4.89 -6.10 -12.27
C PRO A 33 -5.46 -7.22 -13.14
N LEU A 34 -5.22 -8.46 -12.72
CA LEU A 34 -5.72 -9.62 -13.46
C LEU A 34 -7.09 -10.06 -12.93
N TYR A 35 -7.13 -10.47 -11.67
CA TYR A 35 -8.37 -10.92 -11.04
C TYR A 35 -8.87 -9.88 -10.03
N PRO A 36 -10.18 -9.88 -9.81
CA PRO A 36 -10.82 -8.95 -8.86
C PRO A 36 -10.07 -8.86 -7.53
N ILE A 37 -9.48 -7.71 -7.27
CA ILE A 37 -8.74 -7.50 -6.03
C ILE A 37 -9.63 -6.94 -4.94
N THR A 38 -9.81 -7.71 -3.87
CA THR A 38 -10.64 -7.28 -2.75
C THR A 38 -9.88 -7.38 -1.43
N VAL A 39 -10.36 -6.65 -0.42
CA VAL A 39 -9.73 -6.65 0.88
C VAL A 39 -9.22 -8.05 1.25
N ASP A 40 -9.94 -9.07 0.79
CA ASP A 40 -9.56 -10.45 1.07
C ASP A 40 -8.24 -10.80 0.39
N VAL A 41 -8.21 -10.69 -0.93
CA VAL A 41 -7.01 -10.99 -1.70
C VAL A 41 -5.77 -10.35 -1.07
N LEU A 42 -5.91 -9.09 -0.67
CA LEU A 42 -4.81 -8.36 -0.05
C LEU A 42 -4.52 -8.91 1.35
N TYR A 43 -5.52 -8.80 2.23
CA TYR A 43 -5.36 -9.28 3.59
C TYR A 43 -4.82 -10.71 3.62
N THR A 44 -5.09 -11.45 2.56
CA THR A 44 -4.63 -12.84 2.46
C THR A 44 -3.10 -12.90 2.38
N VAL A 45 -2.53 -12.07 1.53
CA VAL A 45 -1.08 -12.03 1.35
C VAL A 45 -0.43 -11.09 2.37
N CYS A 46 -1.24 -10.23 2.97
CA CYS A 46 -0.75 -9.27 3.95
C CYS A 46 -0.68 -9.91 5.34
N ASN A 47 -1.74 -10.59 5.72
CA ASN A 47 -1.80 -11.25 7.03
C ASN A 47 -0.53 -12.06 7.29
N PRO A 48 -0.13 -12.87 6.30
CA PRO A 48 1.06 -13.71 6.39
C PRO A 48 2.28 -12.93 6.88
N VAL A 49 2.19 -11.60 6.80
CA VAL A 49 3.29 -10.74 7.24
C VAL A 49 3.05 -10.22 8.65
N GLY A 50 1.82 -9.80 8.92
CA GLY A 50 1.47 -9.28 10.23
C GLY A 50 -0.02 -9.15 10.43
N LYS A 51 -0.43 -8.26 11.34
CA LYS A 51 -1.83 -8.04 11.63
C LYS A 51 -2.34 -6.79 10.93
N VAL A 52 -3.46 -6.90 10.24
CA VAL A 52 -4.05 -5.78 9.53
C VAL A 52 -5.21 -5.18 10.32
N GLN A 53 -5.34 -3.86 10.26
CA GLN A 53 -6.41 -3.17 10.98
C GLN A 53 -7.62 -2.95 10.06
N ARG A 54 -7.40 -2.24 8.96
CA ARG A 54 -8.47 -1.95 8.01
C ARG A 54 -7.89 -1.70 6.61
N ILE A 55 -8.76 -1.76 5.60
CA ILE A 55 -8.34 -1.55 4.23
C ILE A 55 -9.44 -0.83 3.43
N VAL A 56 -9.02 0.09 2.57
CA VAL A 56 -9.96 0.83 1.74
C VAL A 56 -9.60 0.74 0.26
N ILE A 57 -10.52 0.23 -0.54
CA ILE A 57 -10.29 0.09 -1.98
C ILE A 57 -11.01 1.19 -2.75
N PHE A 58 -10.24 2.01 -3.46
CA PHE A 58 -10.81 3.10 -4.25
C PHE A 58 -10.24 3.10 -5.67
N LYS A 59 -10.99 3.66 -6.60
CA LYS A 59 -10.57 3.71 -8.00
C LYS A 59 -10.28 5.16 -8.41
N ARG A 60 -9.02 5.57 -8.29
CA ARG A 60 -8.62 6.92 -8.65
C ARG A 60 -7.40 6.89 -9.58
N ASN A 61 -7.65 7.11 -10.88
CA ASN A 61 -6.58 7.11 -11.86
C ASN A 61 -5.68 5.89 -11.68
N GLY A 62 -6.28 4.75 -11.38
CA GLY A 62 -5.52 3.53 -11.20
C GLY A 62 -5.93 2.77 -9.95
N ILE A 63 -6.36 1.52 -10.14
CA ILE A 63 -6.79 0.68 -9.02
C ILE A 63 -5.87 0.87 -7.81
N GLN A 64 -6.37 1.56 -6.79
CA GLN A 64 -5.59 1.80 -5.58
C GLN A 64 -6.35 1.35 -4.34
N ALA A 65 -5.62 0.96 -3.30
CA ALA A 65 -6.24 0.51 -2.06
C ALA A 65 -5.31 0.76 -0.87
N MET A 66 -5.76 1.58 0.06
CA MET A 66 -4.98 1.91 1.25
C MET A 66 -5.04 0.77 2.26
N VAL A 67 -3.95 0.57 2.99
CA VAL A 67 -3.88 -0.48 4.00
C VAL A 67 -3.20 0.01 5.26
N GLU A 68 -3.93 -0.01 6.37
CA GLU A 68 -3.39 0.44 7.65
C GLU A 68 -2.92 -0.74 8.49
N PHE A 69 -1.93 -0.49 9.35
CA PHE A 69 -1.39 -1.54 10.21
C PHE A 69 -1.42 -1.12 11.67
N GLU A 70 -1.45 -2.10 12.56
CA GLU A 70 -1.48 -1.83 14.00
C GLU A 70 -0.54 -0.68 14.36
N SER A 71 0.75 -0.89 14.13
CA SER A 71 1.76 0.13 14.43
C SER A 71 2.70 0.32 13.24
N VAL A 72 3.56 1.33 13.34
CA VAL A 72 4.51 1.63 12.27
C VAL A 72 5.43 0.44 12.00
N LEU A 73 6.04 -0.07 13.06
CA LEU A 73 6.94 -1.22 12.93
C LEU A 73 6.43 -2.21 11.90
N CYS A 74 5.29 -2.82 12.19
CA CYS A 74 4.68 -3.79 11.29
C CYS A 74 4.70 -3.28 9.85
N ALA A 75 4.36 -2.00 9.69
CA ALA A 75 4.33 -1.39 8.36
C ALA A 75 5.68 -1.48 7.68
N GLN A 76 6.75 -1.27 8.44
CA GLN A 76 8.10 -1.34 7.90
C GLN A 76 8.34 -2.67 7.19
N LYS A 77 8.23 -3.77 7.93
CA LYS A 77 8.43 -5.09 7.36
C LYS A 77 7.38 -5.38 6.28
N ALA A 78 6.11 -5.22 6.64
CA ALA A 78 5.02 -5.46 5.70
C ALA A 78 5.30 -4.81 4.35
N LYS A 79 5.67 -3.53 4.39
CA LYS A 79 5.97 -2.78 3.17
C LYS A 79 6.98 -3.53 2.31
N ALA A 80 8.05 -4.00 2.93
CA ALA A 80 9.09 -4.74 2.21
C ALA A 80 8.53 -6.03 1.62
N ALA A 81 8.07 -6.93 2.49
CA ALA A 81 7.51 -8.19 2.05
C ALA A 81 6.55 -8.01 0.90
N LEU A 82 5.79 -6.91 0.92
CA LEU A 82 4.83 -6.61 -0.12
C LEU A 82 5.48 -5.80 -1.24
N ASN A 83 6.55 -5.08 -0.91
CA ASN A 83 7.27 -4.27 -1.88
C ASN A 83 7.74 -5.12 -3.06
N GLY A 84 6.99 -5.07 -4.16
CA GLY A 84 7.35 -5.83 -5.33
C GLY A 84 6.94 -7.29 -5.22
N ALA A 85 6.00 -7.58 -4.33
CA ALA A 85 5.52 -8.94 -4.13
C ALA A 85 4.31 -9.23 -5.01
N ASP A 86 4.56 -9.81 -6.17
CA ASP A 86 3.49 -10.14 -7.11
C ASP A 86 2.48 -11.09 -6.45
N ILE A 87 1.37 -11.32 -7.14
CA ILE A 87 0.32 -12.20 -6.64
C ILE A 87 0.09 -13.37 -7.58
N TYR A 88 0.21 -13.12 -8.87
CA TYR A 88 0.02 -14.16 -9.87
C TYR A 88 1.16 -14.17 -10.89
N ALA A 89 1.14 -15.16 -11.77
CA ALA A 89 2.18 -15.28 -12.79
C ALA A 89 2.60 -13.90 -13.32
N GLY A 90 3.76 -13.43 -12.86
CA GLY A 90 4.24 -12.13 -13.29
C GLY A 90 3.13 -11.20 -13.71
N CYS A 91 2.42 -10.65 -12.74
CA CYS A 91 1.32 -9.74 -13.01
C CYS A 91 0.75 -9.17 -11.72
N CYS A 92 -0.33 -8.40 -11.84
CA CYS A 92 -0.98 -7.80 -10.68
C CYS A 92 0.05 -7.39 -9.64
N THR A 93 1.16 -6.82 -10.10
CA THR A 93 2.22 -6.38 -9.21
C THR A 93 1.70 -5.38 -8.18
N LEU A 94 2.26 -5.43 -6.98
CA LEU A 94 1.86 -4.53 -5.90
C LEU A 94 2.80 -3.33 -5.81
N LYS A 95 2.23 -2.15 -5.59
CA LYS A 95 3.03 -0.93 -5.47
C LYS A 95 2.64 -0.15 -4.21
N ILE A 96 3.50 -0.20 -3.20
CA ILE A 96 3.26 0.50 -1.95
C ILE A 96 3.86 1.90 -1.98
N GLU A 97 3.13 2.87 -1.44
CA GLU A 97 3.60 4.25 -1.40
C GLU A 97 3.11 4.96 -0.13
N TYR A 98 4.04 5.23 0.77
CA TYR A 98 3.70 5.91 2.02
C TYR A 98 2.60 6.94 1.81
N ALA A 99 1.37 6.56 2.17
CA ALA A 99 0.22 7.45 2.02
C ALA A 99 0.52 8.83 2.60
N ARG A 100 -0.25 9.83 2.16
CA ARG A 100 -0.06 11.18 2.64
C ARG A 100 -0.58 11.32 4.07
N PRO A 101 -1.86 11.02 4.27
CA PRO A 101 -2.51 11.11 5.59
C PRO A 101 -2.09 9.98 6.51
N THR A 102 -2.22 10.21 7.82
CA THR A 102 -1.84 9.21 8.81
C THR A 102 -3.05 8.41 9.28
N ARG A 103 -4.21 9.06 9.30
CA ARG A 103 -5.44 8.42 9.72
C ARG A 103 -6.39 8.23 8.53
N LEU A 104 -7.11 7.10 8.53
CA LEU A 104 -8.04 6.80 7.46
C LEU A 104 -9.47 6.69 7.99
N ASN A 105 -10.44 7.15 7.19
CA ASN A 105 -11.83 7.11 7.59
C ASN A 105 -12.65 6.28 6.59
N VAL A 106 -13.19 5.16 7.06
CA VAL A 106 -13.98 4.28 6.21
C VAL A 106 -15.44 4.73 6.17
N ILE A 107 -15.89 5.16 5.00
CA ILE A 107 -17.26 5.62 4.83
C ILE A 107 -18.25 4.47 5.00
N ARG A 108 -18.05 3.42 4.22
CA ARG A 108 -18.93 2.25 4.27
C ARG A 108 -18.11 0.97 4.38
N ASN A 109 -18.69 -0.04 5.03
CA ASN A 109 -18.03 -1.32 5.20
C ASN A 109 -18.48 -2.33 4.14
N ASP A 110 -17.70 -2.46 3.08
CA ASP A 110 -18.03 -3.38 2.01
C ASP A 110 -16.76 -3.92 1.35
N ASN A 111 -16.93 -4.90 0.46
CA ASN A 111 -15.79 -5.50 -0.24
C ASN A 111 -14.72 -4.46 -0.51
N ASP A 112 -15.13 -3.28 -0.98
CA ASP A 112 -14.20 -2.20 -1.28
C ASP A 112 -13.34 -1.87 -0.06
N SER A 113 -14.00 -1.56 1.05
CA SER A 113 -13.30 -1.21 2.29
C SER A 113 -13.85 -2.01 3.46
N TRP A 114 -12.95 -2.54 4.29
CA TRP A 114 -13.34 -3.32 5.45
C TRP A 114 -12.47 -3.00 6.65
N ASP A 115 -13.07 -2.45 7.70
CA ASP A 115 -12.34 -2.11 8.91
C ASP A 115 -12.63 -3.09 10.03
N TYR A 116 -11.79 -4.12 10.13
CA TYR A 116 -11.96 -5.15 11.15
C TYR A 116 -12.03 -4.53 12.54
N THR A 117 -11.12 -3.58 12.80
CA THR A 117 -11.08 -2.91 14.09
C THR A 117 -12.48 -2.60 14.60
N LYS A 118 -13.31 -2.02 13.73
CA LYS A 118 -14.68 -1.67 14.09
C LYS A 118 -15.67 -2.43 13.23
N PRO A 119 -16.11 -3.60 13.72
CA PRO A 119 -17.08 -4.45 13.01
C PRO A 119 -18.50 -3.93 13.12
N TYR A 120 -18.68 -2.89 13.93
CA TYR A 120 -20.00 -2.29 14.12
C TYR A 120 -20.19 -1.07 13.22
N LEU A 121 -19.20 -0.18 13.23
CA LEU A 121 -19.25 1.02 12.42
C LEU A 121 -19.78 0.72 11.02
N GLY A 122 -20.52 1.66 10.45
CA GLY A 122 -21.06 1.47 9.11
C GLY A 122 -22.27 2.35 8.85
N ARG A 123 -23.25 1.81 8.13
CA ARG A 123 -24.45 2.57 7.81
C ARG A 123 -25.64 2.08 8.63
N ARG A 124 -25.85 0.76 8.62
CA ARG A 124 -26.94 0.17 9.37
C ARG A 124 -26.42 -0.66 10.55
N GLY A 1 38.74 14.44 -39.88
CA GLY A 1 38.12 14.09 -38.62
C GLY A 1 36.62 14.02 -38.72
N SER A 2 35.97 13.60 -37.63
CA SER A 2 34.52 13.48 -37.59
C SER A 2 33.89 14.67 -36.88
N SER A 3 34.46 15.03 -35.73
CA SER A 3 33.96 16.14 -34.94
C SER A 3 32.49 15.93 -34.59
N GLY A 4 32.15 14.71 -34.21
CA GLY A 4 30.78 14.39 -33.84
C GLY A 4 30.68 13.78 -32.46
N SER A 5 29.94 14.44 -31.57
CA SER A 5 29.77 13.96 -30.21
C SER A 5 28.29 13.95 -29.82
N SER A 6 27.96 13.19 -28.79
CA SER A 6 26.59 13.08 -28.31
C SER A 6 26.52 12.45 -26.93
N GLY A 7 25.41 12.67 -26.24
CA GLY A 7 25.25 12.12 -24.90
C GLY A 7 26.50 12.26 -24.06
N LYS A 8 27.10 13.45 -24.08
CA LYS A 8 28.31 13.72 -23.31
C LYS A 8 28.18 13.17 -21.90
N ARG A 9 27.07 13.50 -21.24
CA ARG A 9 26.83 13.05 -19.87
C ARG A 9 25.51 12.28 -19.78
N ILE A 10 25.61 10.98 -19.53
CA ILE A 10 24.43 10.14 -19.42
C ILE A 10 24.39 9.41 -18.08
N THR A 11 23.68 10.00 -17.11
CA THR A 11 23.56 9.41 -15.79
C THR A 11 22.50 10.12 -14.97
N ARG A 12 21.83 9.38 -14.09
CA ARG A 12 20.79 9.93 -13.25
C ARG A 12 20.29 8.90 -12.23
N PRO A 13 19.96 9.36 -11.02
CA PRO A 13 19.47 8.49 -9.95
C PRO A 13 18.00 8.14 -10.12
N GLY A 14 17.49 7.27 -9.25
CA GLY A 14 16.09 6.87 -9.33
C GLY A 14 15.63 6.15 -8.07
N ASN A 15 15.77 6.81 -6.92
CA ASN A 15 15.36 6.24 -5.66
C ASN A 15 14.83 7.31 -4.70
N THR A 16 14.06 6.88 -3.71
CA THR A 16 13.49 7.81 -2.74
C THR A 16 13.54 7.23 -1.33
N ASP A 17 14.43 7.77 -0.51
CA ASP A 17 14.59 7.32 0.87
C ASP A 17 14.97 8.48 1.78
N ASP A 18 14.71 8.31 3.08
CA ASP A 18 15.01 9.33 4.06
C ASP A 18 15.22 8.72 5.44
N PRO A 19 16.15 9.31 6.21
CA PRO A 19 16.47 8.83 7.57
C PRO A 19 15.22 8.55 8.39
N SER A 20 14.10 9.16 7.99
CA SER A 20 12.84 8.97 8.70
C SER A 20 11.67 9.45 7.85
N GLY A 21 10.66 8.61 7.70
CA GLY A 21 9.50 8.97 6.91
C GLY A 21 8.54 7.81 6.73
N GLY A 22 8.01 7.30 7.84
CA GLY A 22 7.08 6.18 7.78
C GLY A 22 5.70 6.55 8.31
N ASN A 23 4.71 5.72 7.99
CA ASN A 23 3.35 5.96 8.44
C ASN A 23 2.60 4.65 8.61
N LYS A 24 1.55 4.67 9.42
CA LYS A 24 0.74 3.49 9.68
C LYS A 24 0.03 3.03 8.41
N VAL A 25 -0.64 3.97 7.74
CA VAL A 25 -1.36 3.66 6.50
C VAL A 25 -0.39 3.55 5.32
N LEU A 26 -0.76 2.72 4.35
CA LEU A 26 0.07 2.53 3.17
C LEU A 26 -0.79 2.45 1.91
N LEU A 27 -0.48 3.28 0.93
CA LEU A 27 -1.23 3.30 -0.32
C LEU A 27 -0.70 2.25 -1.29
N LEU A 28 -1.43 1.15 -1.42
CA LEU A 28 -1.04 0.06 -2.30
C LEU A 28 -1.56 0.29 -3.71
N SER A 29 -0.68 0.19 -4.69
CA SER A 29 -1.05 0.39 -6.09
C SER A 29 -0.72 -0.84 -6.93
N ILE A 30 -1.75 -1.50 -7.44
CA ILE A 30 -1.56 -2.69 -8.27
C ILE A 30 -1.20 -2.32 -9.70
N GLN A 31 -0.45 -3.19 -10.35
CA GLN A 31 -0.04 -2.95 -11.74
C GLN A 31 -0.63 -4.01 -12.67
N ASN A 32 -1.42 -3.56 -13.64
CA ASN A 32 -2.05 -4.46 -14.60
C ASN A 32 -2.94 -5.47 -13.89
N PRO A 33 -3.82 -4.96 -13.01
CA PRO A 33 -4.76 -5.80 -12.26
C PRO A 33 -5.85 -6.39 -13.13
N LEU A 34 -5.75 -7.68 -13.41
CA LEU A 34 -6.74 -8.38 -14.23
C LEU A 34 -7.90 -8.89 -13.39
N TYR A 35 -7.57 -9.54 -12.28
CA TYR A 35 -8.58 -10.09 -11.38
C TYR A 35 -8.95 -9.08 -10.29
N PRO A 36 -10.26 -8.90 -10.06
CA PRO A 36 -10.76 -7.96 -9.05
C PRO A 36 -10.06 -8.12 -7.71
N ILE A 37 -9.37 -7.08 -7.28
CA ILE A 37 -8.65 -7.11 -6.01
C ILE A 37 -9.58 -6.74 -4.85
N THR A 38 -9.90 -7.74 -4.02
CA THR A 38 -10.77 -7.52 -2.87
C THR A 38 -9.98 -7.52 -1.58
N VAL A 39 -10.48 -6.79 -0.58
CA VAL A 39 -9.82 -6.70 0.72
C VAL A 39 -9.22 -8.04 1.11
N ASP A 40 -9.93 -9.12 0.82
CA ASP A 40 -9.46 -10.46 1.14
C ASP A 40 -8.13 -10.77 0.45
N VAL A 41 -8.14 -10.71 -0.88
CA VAL A 41 -6.95 -10.98 -1.67
C VAL A 41 -5.72 -10.34 -1.03
N LEU A 42 -5.85 -9.06 -0.66
CA LEU A 42 -4.75 -8.33 -0.04
C LEU A 42 -4.47 -8.85 1.36
N TYR A 43 -5.46 -8.72 2.24
CA TYR A 43 -5.32 -9.18 3.62
C TYR A 43 -4.76 -10.60 3.67
N THR A 44 -5.00 -11.36 2.60
CA THR A 44 -4.52 -12.72 2.52
C THR A 44 -3.00 -12.78 2.50
N VAL A 45 -2.39 -11.96 1.66
CA VAL A 45 -0.93 -11.92 1.55
C VAL A 45 -0.33 -10.99 2.61
N CYS A 46 -1.17 -10.12 3.17
CA CYS A 46 -0.71 -9.18 4.19
C CYS A 46 -0.68 -9.86 5.56
N ASN A 47 -1.80 -10.45 5.94
CA ASN A 47 -1.89 -11.12 7.24
C ASN A 47 -0.63 -11.92 7.53
N PRO A 48 -0.21 -12.73 6.55
CA PRO A 48 1.00 -13.57 6.67
C PRO A 48 2.19 -12.78 7.20
N VAL A 49 2.33 -11.54 6.75
CA VAL A 49 3.44 -10.69 7.17
C VAL A 49 3.24 -10.21 8.61
N GLY A 50 2.00 -9.84 8.94
CA GLY A 50 1.70 -9.36 10.28
C GLY A 50 0.21 -9.27 10.55
N LYS A 51 -0.25 -8.11 10.97
CA LYS A 51 -1.66 -7.90 11.27
C LYS A 51 -2.25 -6.85 10.34
N VAL A 52 -3.58 -6.77 10.31
CA VAL A 52 -4.28 -5.81 9.47
C VAL A 52 -5.53 -5.28 10.16
N GLN A 53 -5.51 -3.98 10.46
CA GLN A 53 -6.64 -3.33 11.12
C GLN A 53 -7.81 -3.17 10.17
N ARG A 54 -7.61 -2.36 9.13
CA ARG A 54 -8.64 -2.12 8.14
C ARG A 54 -8.05 -1.97 6.75
N ILE A 55 -8.90 -2.07 5.73
CA ILE A 55 -8.46 -1.94 4.35
C ILE A 55 -9.48 -1.18 3.51
N VAL A 56 -8.99 -0.35 2.59
CA VAL A 56 -9.85 0.43 1.73
C VAL A 56 -9.46 0.26 0.26
N ILE A 57 -10.46 0.05 -0.60
CA ILE A 57 -10.21 -0.13 -2.02
C ILE A 57 -10.92 0.95 -2.83
N PHE A 58 -10.19 1.56 -3.76
CA PHE A 58 -10.74 2.62 -4.60
C PHE A 58 -10.18 2.52 -6.02
N LYS A 59 -10.72 3.34 -6.91
CA LYS A 59 -10.29 3.35 -8.30
C LYS A 59 -9.97 4.77 -8.76
N ARG A 60 -9.30 5.53 -7.91
CA ARG A 60 -8.93 6.91 -8.22
C ARG A 60 -7.69 6.95 -9.10
N ASN A 61 -7.89 7.09 -10.41
CA ASN A 61 -6.77 7.15 -11.34
C ASN A 61 -5.98 5.84 -11.32
N GLY A 62 -6.68 4.71 -11.28
CA GLY A 62 -6.02 3.42 -11.25
C GLY A 62 -6.40 2.61 -10.03
N ILE A 63 -6.52 1.30 -10.21
CA ILE A 63 -6.87 0.41 -9.11
C ILE A 63 -5.88 0.54 -7.95
N GLN A 64 -6.38 1.00 -6.81
CA GLN A 64 -5.54 1.18 -5.63
C GLN A 64 -6.30 0.80 -4.36
N ALA A 65 -5.57 0.69 -3.25
CA ALA A 65 -6.17 0.34 -1.98
C ALA A 65 -5.26 0.70 -0.81
N MET A 66 -5.78 1.47 0.14
CA MET A 66 -5.01 1.88 1.30
C MET A 66 -5.17 0.88 2.44
N VAL A 67 -4.05 0.30 2.88
CA VAL A 67 -4.07 -0.67 3.97
C VAL A 67 -3.42 -0.09 5.22
N GLU A 68 -4.09 -0.27 6.36
CA GLU A 68 -3.58 0.23 7.63
C GLU A 68 -3.09 -0.92 8.51
N PHE A 69 -1.96 -0.72 9.17
CA PHE A 69 -1.39 -1.75 10.04
C PHE A 69 -1.50 -1.32 11.51
N GLU A 70 -1.40 -2.30 12.41
CA GLU A 70 -1.48 -2.03 13.83
C GLU A 70 -0.59 -0.85 14.21
N SER A 71 0.71 -1.02 14.02
CA SER A 71 1.68 0.03 14.34
C SER A 71 2.58 0.33 13.16
N VAL A 72 3.36 1.41 13.26
CA VAL A 72 4.26 1.80 12.19
C VAL A 72 5.25 0.69 11.86
N LEU A 73 5.92 0.18 12.89
CA LEU A 73 6.89 -0.90 12.71
C LEU A 73 6.41 -1.90 11.67
N CYS A 74 5.29 -2.55 11.96
CA CYS A 74 4.72 -3.53 11.06
C CYS A 74 4.75 -3.04 9.61
N ALA A 75 4.47 -1.75 9.43
CA ALA A 75 4.49 -1.15 8.10
C ALA A 75 5.85 -1.32 7.43
N GLN A 76 6.91 -1.14 8.20
CA GLN A 76 8.26 -1.28 7.68
C GLN A 76 8.45 -2.63 7.01
N LYS A 77 8.28 -3.70 7.78
CA LYS A 77 8.44 -5.05 7.25
C LYS A 77 7.39 -5.34 6.18
N ALA A 78 6.12 -5.14 6.52
CA ALA A 78 5.03 -5.38 5.59
C ALA A 78 5.32 -4.75 4.23
N LYS A 79 5.73 -3.48 4.24
CA LYS A 79 6.05 -2.77 3.01
C LYS A 79 7.11 -3.51 2.20
N ALA A 80 8.15 -3.97 2.90
CA ALA A 80 9.24 -4.70 2.24
C ALA A 80 8.74 -6.03 1.68
N ALA A 81 8.22 -6.87 2.57
CA ALA A 81 7.72 -8.18 2.17
C ALA A 81 6.80 -8.07 0.95
N LEU A 82 6.01 -7.00 0.91
CA LEU A 82 5.10 -6.77 -0.20
C LEU A 82 5.76 -5.93 -1.29
N ASN A 83 6.80 -5.19 -0.92
CA ASN A 83 7.51 -4.34 -1.86
C ASN A 83 8.01 -5.16 -3.05
N GLY A 84 7.30 -5.06 -4.17
CA GLY A 84 7.70 -5.80 -5.36
C GLY A 84 7.25 -7.24 -5.32
N ALA A 85 6.22 -7.52 -4.53
CA ALA A 85 5.69 -8.87 -4.40
C ALA A 85 4.80 -9.22 -5.58
N ASP A 86 4.29 -10.45 -5.58
CA ASP A 86 3.42 -10.91 -6.66
C ASP A 86 2.35 -11.85 -6.13
N ILE A 87 1.09 -11.55 -6.43
CA ILE A 87 -0.02 -12.37 -5.99
C ILE A 87 -0.38 -13.43 -7.03
N TYR A 88 -0.18 -13.09 -8.30
CA TYR A 88 -0.48 -14.01 -9.39
C TYR A 88 0.72 -14.18 -10.30
N ALA A 89 0.62 -15.12 -11.25
CA ALA A 89 1.70 -15.38 -12.18
C ALA A 89 2.14 -14.09 -12.88
N GLY A 90 3.33 -13.61 -12.52
CA GLY A 90 3.85 -12.40 -13.12
C GLY A 90 2.75 -11.40 -13.46
N CYS A 91 2.23 -10.72 -12.43
CA CYS A 91 1.17 -9.74 -12.63
C CYS A 91 0.85 -9.03 -11.32
N CYS A 92 -0.14 -8.14 -11.36
CA CYS A 92 -0.55 -7.40 -10.17
C CYS A 92 0.66 -6.98 -9.35
N THR A 93 1.74 -6.60 -10.03
CA THR A 93 2.96 -6.19 -9.36
C THR A 93 2.67 -5.19 -8.25
N LEU A 94 2.51 -5.70 -7.03
CA LEU A 94 2.23 -4.85 -5.88
C LEU A 94 3.14 -3.63 -5.86
N LYS A 95 2.55 -2.45 -5.76
CA LYS A 95 3.31 -1.21 -5.73
C LYS A 95 2.92 -0.37 -4.51
N ILE A 96 3.53 -0.67 -3.37
CA ILE A 96 3.25 0.06 -2.13
C ILE A 96 3.87 1.45 -2.18
N GLU A 97 3.18 2.42 -1.56
CA GLU A 97 3.66 3.79 -1.52
C GLU A 97 3.18 4.51 -0.27
N TYR A 98 4.12 4.88 0.60
CA TYR A 98 3.78 5.57 1.84
C TYR A 98 2.65 6.57 1.62
N ALA A 99 1.46 6.20 2.10
CA ALA A 99 0.30 7.07 1.96
C ALA A 99 0.54 8.44 2.58
N ARG A 100 0.06 9.48 1.90
CA ARG A 100 0.24 10.85 2.38
C ARG A 100 -0.45 11.04 3.73
N PRO A 101 -1.69 10.54 3.84
CA PRO A 101 -2.48 10.65 5.06
C PRO A 101 -2.09 9.61 6.10
N THR A 102 -2.27 9.95 7.38
CA THR A 102 -1.93 9.05 8.46
C THR A 102 -3.14 8.21 8.87
N ARG A 103 -4.33 8.72 8.60
CA ARG A 103 -5.57 8.03 8.94
C ARG A 103 -6.46 7.86 7.71
N LEU A 104 -7.38 6.91 7.77
CA LEU A 104 -8.29 6.65 6.67
C LEU A 104 -9.73 6.92 7.08
N ASN A 105 -10.66 6.75 6.13
CA ASN A 105 -12.07 6.99 6.40
C ASN A 105 -12.92 5.86 5.82
N VAL A 106 -13.61 5.13 6.68
CA VAL A 106 -14.45 4.02 6.25
C VAL A 106 -15.92 4.32 6.56
N ILE A 107 -16.67 4.69 5.53
CA ILE A 107 -18.09 4.99 5.69
C ILE A 107 -18.87 3.74 6.07
N ARG A 108 -18.79 2.71 5.23
CA ARG A 108 -19.50 1.47 5.47
C ARG A 108 -18.56 0.27 5.32
N ASN A 109 -19.07 -0.93 5.60
CA ASN A 109 -18.28 -2.14 5.49
C ASN A 109 -18.69 -2.96 4.26
N ASP A 110 -17.90 -2.86 3.21
CA ASP A 110 -18.17 -3.59 1.97
C ASP A 110 -16.88 -4.03 1.30
N ASN A 111 -17.01 -4.86 0.26
CA ASN A 111 -15.85 -5.36 -0.46
C ASN A 111 -14.80 -4.26 -0.64
N ASP A 112 -15.26 -3.07 -1.01
CA ASP A 112 -14.36 -1.93 -1.21
C ASP A 112 -13.49 -1.72 0.02
N SER A 113 -14.13 -1.51 1.17
CA SER A 113 -13.41 -1.28 2.42
C SER A 113 -13.99 -2.13 3.55
N TRP A 114 -13.12 -2.70 4.36
CA TRP A 114 -13.55 -3.53 5.48
C TRP A 114 -12.76 -3.19 6.75
N ASP A 115 -13.48 -2.83 7.80
CA ASP A 115 -12.84 -2.47 9.07
C ASP A 115 -13.06 -3.58 10.11
N TYR A 116 -11.99 -3.95 10.79
CA TYR A 116 -12.06 -4.99 11.81
C TYR A 116 -12.14 -4.39 13.20
N THR A 117 -11.27 -3.42 13.47
CA THR A 117 -11.23 -2.76 14.77
C THR A 117 -12.64 -2.43 15.26
N LYS A 118 -13.45 -1.86 14.36
CA LYS A 118 -14.82 -1.48 14.69
C LYS A 118 -15.81 -2.39 13.97
N PRO A 119 -16.25 -3.46 14.67
CA PRO A 119 -17.20 -4.42 14.12
C PRO A 119 -18.64 -3.89 14.13
N TYR A 120 -19.07 -3.40 15.29
CA TYR A 120 -20.41 -2.87 15.44
C TYR A 120 -20.49 -1.43 14.92
N LEU A 121 -19.81 -1.17 13.82
CA LEU A 121 -19.79 0.16 13.23
C LEU A 121 -20.92 0.32 12.22
N GLY A 122 -22.11 0.67 12.72
CA GLY A 122 -23.26 0.85 11.85
C GLY A 122 -24.22 -0.32 11.91
N ARG A 123 -25.51 -0.03 11.92
CA ARG A 123 -26.53 -1.07 11.97
C ARG A 123 -26.61 -1.82 10.65
N ARG A 124 -26.86 -1.08 9.57
CA ARG A 124 -26.97 -1.67 8.25
C ARG A 124 -25.76 -2.56 7.95
N GLY A 1 34.53 41.35 -35.28
CA GLY A 1 34.47 40.00 -34.74
C GLY A 1 34.60 38.95 -35.82
N SER A 2 35.75 38.94 -36.50
CA SER A 2 35.99 37.98 -37.57
C SER A 2 35.43 36.60 -37.20
N SER A 3 35.51 36.27 -35.92
CA SER A 3 35.01 34.99 -35.44
C SER A 3 34.16 35.16 -34.18
N GLY A 4 33.45 34.11 -33.81
CA GLY A 4 32.60 34.17 -32.63
C GLY A 4 32.63 32.89 -31.82
N SER A 5 32.22 32.97 -30.56
CA SER A 5 32.21 31.82 -29.68
C SER A 5 30.97 31.83 -28.78
N SER A 6 30.70 30.70 -28.16
CA SER A 6 29.54 30.57 -27.27
C SER A 6 29.59 29.25 -26.50
N GLY A 7 28.94 29.24 -25.34
CA GLY A 7 28.92 28.04 -24.51
C GLY A 7 27.92 28.14 -23.38
N LYS A 8 27.76 27.03 -22.65
CA LYS A 8 26.83 26.99 -21.53
C LYS A 8 27.39 26.15 -20.39
N ARG A 9 27.20 26.63 -19.16
CA ARG A 9 27.69 25.92 -17.99
C ARG A 9 26.53 25.31 -17.20
N ILE A 10 26.58 24.00 -17.00
CA ILE A 10 25.53 23.29 -16.28
C ILE A 10 25.92 23.09 -14.82
N THR A 11 25.68 24.10 -13.99
CA THR A 11 26.00 24.03 -12.57
C THR A 11 25.40 22.80 -11.93
N ARG A 12 26.26 21.84 -11.56
CA ARG A 12 25.81 20.61 -10.93
C ARG A 12 24.93 20.90 -9.72
N PRO A 13 23.76 20.25 -9.67
CA PRO A 13 22.80 20.41 -8.57
C PRO A 13 23.22 19.67 -7.32
N GLY A 14 23.01 20.29 -6.16
CA GLY A 14 23.37 19.67 -4.89
C GLY A 14 22.57 18.40 -4.63
N ASN A 15 23.01 17.64 -3.64
CA ASN A 15 22.33 16.39 -3.28
C ASN A 15 21.18 16.66 -2.31
N THR A 16 19.97 16.71 -2.84
CA THR A 16 18.78 16.95 -2.02
C THR A 16 17.87 15.73 -1.99
N ASP A 17 17.99 14.94 -0.94
CA ASP A 17 17.17 13.73 -0.79
C ASP A 17 17.26 13.19 0.64
N ASP A 18 16.13 13.21 1.34
CA ASP A 18 16.08 12.71 2.71
C ASP A 18 14.87 11.82 2.93
N PRO A 19 15.04 10.77 3.75
CA PRO A 19 13.96 9.82 4.06
C PRO A 19 12.65 10.52 4.38
N SER A 20 11.54 9.85 4.12
CA SER A 20 10.22 10.40 4.39
C SER A 20 9.62 9.80 5.66
N GLY A 21 10.46 9.64 6.68
CA GLY A 21 10.00 9.07 7.93
C GLY A 21 9.20 7.80 7.74
N GLY A 22 7.89 7.91 7.88
CA GLY A 22 7.04 6.74 7.72
C GLY A 22 5.57 7.05 7.98
N ASN A 23 4.70 6.12 7.62
CA ASN A 23 3.27 6.30 7.82
C ASN A 23 2.55 4.95 7.88
N LYS A 24 1.82 4.73 8.97
CA LYS A 24 1.09 3.49 9.16
C LYS A 24 0.30 3.13 7.90
N VAL A 25 -0.41 4.10 7.35
CA VAL A 25 -1.19 3.88 6.14
C VAL A 25 -0.30 3.78 4.91
N LEU A 26 -0.41 2.68 4.18
CA LEU A 26 0.38 2.47 2.98
C LEU A 26 -0.51 2.38 1.75
N LEU A 27 -0.15 3.13 0.71
CA LEU A 27 -0.91 3.12 -0.53
C LEU A 27 -0.48 1.98 -1.44
N LEU A 28 -1.38 1.02 -1.64
CA LEU A 28 -1.08 -0.13 -2.49
C LEU A 28 -1.67 0.05 -3.88
N SER A 29 -0.94 -0.39 -4.89
CA SER A 29 -1.38 -0.27 -6.28
C SER A 29 -1.25 -1.60 -7.00
N ILE A 30 -2.27 -1.93 -7.80
CA ILE A 30 -2.27 -3.18 -8.56
C ILE A 30 -1.93 -2.93 -10.02
N GLN A 31 -0.82 -3.51 -10.47
CA GLN A 31 -0.39 -3.34 -11.86
C GLN A 31 -1.17 -4.28 -12.78
N ASN A 32 -1.52 -3.77 -13.96
CA ASN A 32 -2.27 -4.55 -14.94
C ASN A 32 -3.31 -5.42 -14.24
N PRO A 33 -4.17 -4.78 -13.42
CA PRO A 33 -5.24 -5.47 -12.69
C PRO A 33 -5.98 -6.48 -13.57
N LEU A 34 -5.64 -7.75 -13.43
CA LEU A 34 -6.28 -8.80 -14.21
C LEU A 34 -7.48 -9.39 -13.45
N TYR A 35 -7.25 -9.77 -12.20
CA TYR A 35 -8.30 -10.34 -11.38
C TYR A 35 -8.72 -9.37 -10.28
N PRO A 36 -10.03 -9.18 -10.11
CA PRO A 36 -10.60 -8.28 -9.10
C PRO A 36 -9.98 -8.50 -7.73
N ILE A 37 -9.21 -7.52 -7.26
CA ILE A 37 -8.56 -7.62 -5.95
C ILE A 37 -9.45 -7.04 -4.86
N THR A 38 -9.93 -7.90 -3.97
CA THR A 38 -10.79 -7.48 -2.87
C THR A 38 -10.03 -7.50 -1.55
N VAL A 39 -10.57 -6.78 -0.56
CA VAL A 39 -9.94 -6.71 0.75
C VAL A 39 -9.37 -8.05 1.16
N ASP A 40 -10.07 -9.13 0.80
CA ASP A 40 -9.63 -10.47 1.13
C ASP A 40 -8.25 -10.76 0.55
N VAL A 41 -8.17 -10.78 -0.78
CA VAL A 41 -6.91 -11.03 -1.46
C VAL A 41 -5.75 -10.38 -0.73
N LEU A 42 -5.95 -9.13 -0.31
CA LEU A 42 -4.92 -8.39 0.41
C LEU A 42 -4.81 -8.86 1.85
N TYR A 43 -5.94 -9.19 2.45
CA TYR A 43 -5.97 -9.65 3.84
C TYR A 43 -5.64 -11.14 3.92
N THR A 44 -5.07 -11.67 2.84
CA THR A 44 -4.69 -13.08 2.79
C THR A 44 -3.19 -13.24 2.56
N VAL A 45 -2.63 -12.36 1.73
CA VAL A 45 -1.21 -12.41 1.43
C VAL A 45 -0.43 -11.41 2.28
N CYS A 46 -1.14 -10.43 2.81
CA CYS A 46 -0.51 -9.40 3.64
C CYS A 46 -0.50 -9.82 5.10
N ASN A 47 -1.62 -10.36 5.58
CA ASN A 47 -1.74 -10.79 6.95
C ASN A 47 -0.60 -11.73 7.33
N PRO A 48 -0.31 -12.69 6.44
CA PRO A 48 0.76 -13.68 6.64
C PRO A 48 2.07 -13.02 7.08
N VAL A 49 2.21 -11.74 6.77
CA VAL A 49 3.42 -11.00 7.13
C VAL A 49 3.21 -10.22 8.42
N GLY A 50 2.07 -9.54 8.52
CA GLY A 50 1.77 -8.76 9.71
C GLY A 50 0.28 -8.57 9.92
N LYS A 51 -0.13 -8.40 11.18
CA LYS A 51 -1.53 -8.21 11.51
C LYS A 51 -2.10 -7.00 10.79
N VAL A 52 -3.26 -7.18 10.16
CA VAL A 52 -3.92 -6.11 9.43
C VAL A 52 -5.04 -5.49 10.25
N GLN A 53 -5.12 -4.16 10.24
CA GLN A 53 -6.15 -3.45 10.98
C GLN A 53 -7.37 -3.16 10.10
N ARG A 54 -7.17 -2.34 9.07
CA ARG A 54 -8.25 -1.99 8.15
C ARG A 54 -7.73 -1.84 6.73
N ILE A 55 -8.60 -2.09 5.75
CA ILE A 55 -8.22 -1.99 4.35
C ILE A 55 -9.22 -1.13 3.57
N VAL A 56 -8.72 -0.43 2.56
CA VAL A 56 -9.56 0.43 1.75
C VAL A 56 -9.18 0.34 0.28
N ILE A 57 -10.19 0.19 -0.58
CA ILE A 57 -9.96 0.10 -2.02
C ILE A 57 -10.67 1.21 -2.77
N PHE A 58 -9.94 1.90 -3.65
CA PHE A 58 -10.50 2.98 -4.43
C PHE A 58 -9.89 3.02 -5.83
N LYS A 59 -10.74 3.25 -6.83
CA LYS A 59 -10.29 3.31 -8.21
C LYS A 59 -10.12 4.76 -8.67
N ARG A 60 -9.57 5.59 -7.79
CA ARG A 60 -9.36 7.00 -8.11
C ARG A 60 -8.14 7.18 -8.99
N ASN A 61 -8.36 7.36 -10.29
CA ASN A 61 -7.28 7.54 -11.24
C ASN A 61 -6.36 6.33 -11.26
N GLY A 62 -6.97 5.14 -11.25
CA GLY A 62 -6.19 3.91 -11.27
C GLY A 62 -6.51 3.00 -10.09
N ILE A 63 -6.62 1.70 -10.36
CA ILE A 63 -6.92 0.74 -9.31
C ILE A 63 -5.90 0.81 -8.18
N GLN A 64 -6.36 1.25 -7.01
CA GLN A 64 -5.48 1.37 -5.85
C GLN A 64 -6.22 0.97 -4.57
N ALA A 65 -5.48 0.91 -3.47
CA ALA A 65 -6.06 0.54 -2.18
C ALA A 65 -5.13 0.90 -1.03
N MET A 66 -5.65 1.65 -0.06
CA MET A 66 -4.86 2.06 1.09
C MET A 66 -5.06 1.10 2.26
N VAL A 67 -3.97 0.49 2.70
CA VAL A 67 -4.03 -0.45 3.82
C VAL A 67 -3.35 0.12 5.05
N GLU A 68 -4.00 -0.04 6.20
CA GLU A 68 -3.46 0.47 7.46
C GLU A 68 -2.91 -0.68 8.31
N PHE A 69 -1.94 -0.36 9.17
CA PHE A 69 -1.34 -1.36 10.05
C PHE A 69 -1.39 -0.91 11.51
N GLU A 70 -1.19 -1.86 12.41
CA GLU A 70 -1.21 -1.56 13.85
C GLU A 70 -0.36 -0.33 14.15
N SER A 71 0.94 -0.44 13.94
CA SER A 71 1.86 0.66 14.19
C SER A 71 2.86 0.82 13.05
N VAL A 72 3.68 1.87 13.13
CA VAL A 72 4.68 2.13 12.10
C VAL A 72 5.61 0.92 11.92
N LEU A 73 6.22 0.48 13.01
CA LEU A 73 7.13 -0.66 12.97
C LEU A 73 6.59 -1.75 12.06
N CYS A 74 5.33 -2.12 12.27
CA CYS A 74 4.70 -3.15 11.46
C CYS A 74 4.76 -2.81 9.98
N ALA A 75 4.44 -1.56 9.65
CA ALA A 75 4.47 -1.10 8.27
C ALA A 75 5.82 -1.38 7.62
N GLN A 76 6.88 -1.25 8.41
CA GLN A 76 8.24 -1.49 7.92
C GLN A 76 8.37 -2.89 7.34
N LYS A 77 8.23 -3.89 8.20
CA LYS A 77 8.34 -5.28 7.78
C LYS A 77 7.29 -5.61 6.73
N ALA A 78 6.03 -5.37 7.05
CA ALA A 78 4.93 -5.64 6.14
C ALA A 78 5.20 -5.05 4.77
N LYS A 79 5.51 -3.76 4.74
CA LYS A 79 5.81 -3.05 3.49
C LYS A 79 6.89 -3.79 2.70
N ALA A 80 7.94 -4.22 3.39
CA ALA A 80 9.03 -4.93 2.76
C ALA A 80 8.53 -6.15 1.99
N ALA A 81 7.95 -7.10 2.71
CA ALA A 81 7.42 -8.31 2.09
C ALA A 81 6.45 -7.98 0.96
N LEU A 82 5.52 -7.05 1.24
CA LEU A 82 4.53 -6.65 0.25
C LEU A 82 5.20 -5.90 -0.91
N ASN A 83 6.31 -5.25 -0.62
CA ASN A 83 7.05 -4.51 -1.65
C ASN A 83 7.61 -5.45 -2.70
N GLY A 84 6.95 -5.50 -3.86
CA GLY A 84 7.41 -6.36 -4.93
C GLY A 84 6.95 -7.79 -4.75
N ALA A 85 5.92 -7.99 -3.94
CA ALA A 85 5.39 -9.32 -3.68
C ALA A 85 4.42 -9.74 -4.78
N ASP A 86 4.93 -10.42 -5.80
CA ASP A 86 4.10 -10.88 -6.91
C ASP A 86 2.98 -11.78 -6.42
N ILE A 87 1.78 -11.55 -6.92
CA ILE A 87 0.62 -12.36 -6.53
C ILE A 87 0.24 -13.35 -7.62
N TYR A 88 0.26 -12.88 -8.87
CA TYR A 88 -0.08 -13.72 -10.00
C TYR A 88 1.10 -13.87 -10.96
N ALA A 89 0.95 -14.74 -11.94
CA ALA A 89 2.02 -14.98 -12.92
C ALA A 89 2.51 -13.67 -13.53
N GLY A 90 3.67 -13.22 -13.08
CA GLY A 90 4.24 -11.98 -13.59
C GLY A 90 3.17 -10.94 -13.89
N CYS A 91 2.30 -10.69 -12.92
CA CYS A 91 1.22 -9.72 -13.08
C CYS A 91 0.65 -9.29 -11.73
N CYS A 92 -0.10 -8.20 -11.72
CA CYS A 92 -0.70 -7.70 -10.50
C CYS A 92 0.37 -7.30 -9.49
N THR A 93 1.43 -6.66 -9.98
CA THR A 93 2.52 -6.23 -9.12
C THR A 93 2.03 -5.29 -8.02
N LEU A 94 2.48 -5.53 -6.79
CA LEU A 94 2.08 -4.72 -5.66
C LEU A 94 3.02 -3.52 -5.50
N LYS A 95 2.44 -2.32 -5.47
CA LYS A 95 3.21 -1.10 -5.32
C LYS A 95 2.79 -0.34 -4.07
N ILE A 96 3.65 -0.37 -3.05
CA ILE A 96 3.37 0.31 -1.79
C ILE A 96 3.96 1.72 -1.80
N GLU A 97 3.24 2.65 -1.17
CA GLU A 97 3.70 4.03 -1.10
C GLU A 97 3.10 4.74 0.11
N TYR A 98 3.96 5.17 1.03
CA TYR A 98 3.51 5.85 2.24
C TYR A 98 2.39 6.85 1.92
N ALA A 99 1.17 6.48 2.28
CA ALA A 99 0.02 7.33 2.03
C ALA A 99 0.23 8.74 2.59
N ARG A 100 -0.56 9.69 2.12
CA ARG A 100 -0.44 11.07 2.58
C ARG A 100 -1.01 11.23 3.99
N PRO A 101 -2.28 10.85 4.16
CA PRO A 101 -2.96 10.93 5.45
C PRO A 101 -2.51 9.85 6.43
N THR A 102 -2.56 10.17 7.72
CA THR A 102 -2.15 9.22 8.75
C THR A 102 -3.24 8.18 9.01
N ARG A 103 -4.50 8.58 8.81
CA ARG A 103 -5.63 7.69 9.03
C ARG A 103 -6.61 7.79 7.87
N LEU A 104 -7.29 6.67 7.58
CA LEU A 104 -8.26 6.63 6.50
C LEU A 104 -9.68 6.75 7.05
N ASN A 105 -10.66 6.68 6.15
CA ASN A 105 -12.06 6.78 6.53
C ASN A 105 -12.91 5.75 5.78
N VAL A 106 -13.52 4.84 6.53
CA VAL A 106 -14.36 3.81 5.94
C VAL A 106 -15.84 4.11 6.14
N ILE A 107 -16.54 4.40 5.04
CA ILE A 107 -17.96 4.70 5.11
C ILE A 107 -18.79 3.44 5.27
N ARG A 108 -18.55 2.47 4.40
CA ARG A 108 -19.28 1.21 4.44
C ARG A 108 -18.32 0.02 4.48
N ASN A 109 -18.75 -1.07 5.08
CA ASN A 109 -17.94 -2.28 5.18
C ASN A 109 -18.19 -3.22 4.01
N ASP A 110 -18.21 -2.66 2.80
CA ASP A 110 -18.44 -3.44 1.59
C ASP A 110 -17.13 -3.96 1.01
N ASN A 111 -17.24 -4.82 0.01
CA ASN A 111 -16.06 -5.39 -0.63
C ASN A 111 -14.97 -4.33 -0.82
N ASP A 112 -15.37 -3.17 -1.34
CA ASP A 112 -14.43 -2.08 -1.57
C ASP A 112 -13.49 -1.92 -0.38
N SER A 113 -14.05 -1.60 0.78
CA SER A 113 -13.25 -1.40 1.99
C SER A 113 -13.88 -2.14 3.18
N TRP A 114 -13.03 -2.62 4.07
CA TRP A 114 -13.50 -3.35 5.25
C TRP A 114 -12.69 -2.96 6.48
N ASP A 115 -13.38 -2.83 7.62
CA ASP A 115 -12.72 -2.48 8.86
C ASP A 115 -12.90 -3.57 9.91
N TYR A 116 -11.81 -4.18 10.31
CA TYR A 116 -11.85 -5.25 11.31
C TYR A 116 -11.73 -4.68 12.73
N THR A 117 -10.75 -3.81 12.92
CA THR A 117 -10.53 -3.19 14.22
C THR A 117 -11.85 -2.93 14.94
N LYS A 118 -12.84 -2.47 14.18
CA LYS A 118 -14.16 -2.18 14.74
C LYS A 118 -15.27 -2.62 13.80
N PRO A 119 -15.94 -3.73 14.16
CA PRO A 119 -17.03 -4.28 13.35
C PRO A 119 -18.32 -3.49 13.51
N TYR A 120 -18.37 -2.64 14.52
CA TYR A 120 -19.55 -1.82 14.78
C TYR A 120 -19.26 -0.34 14.56
N LEU A 121 -19.77 0.20 13.45
CA LEU A 121 -19.56 1.60 13.12
C LEU A 121 -20.87 2.27 12.73
N GLY A 122 -21.46 3.00 13.67
CA GLY A 122 -22.71 3.68 13.40
C GLY A 122 -22.67 5.15 13.80
N ARG A 123 -23.76 5.64 14.37
CA ARG A 123 -23.85 7.03 14.79
C ARG A 123 -22.53 7.49 15.41
N ARG A 124 -22.12 6.81 16.48
CA ARG A 124 -20.88 7.16 17.17
C ARG A 124 -19.72 6.29 16.67
N GLY A 1 -10.59 45.38 -21.33
CA GLY A 1 -9.93 45.95 -20.16
C GLY A 1 -8.55 45.39 -19.93
N SER A 2 -8.47 44.30 -19.16
CA SER A 2 -7.18 43.67 -18.86
C SER A 2 -6.16 44.70 -18.39
N SER A 3 -6.61 45.62 -17.54
CA SER A 3 -5.73 46.66 -17.02
C SER A 3 -4.34 46.11 -16.75
N GLY A 4 -4.25 45.09 -15.91
CA GLY A 4 -2.97 44.50 -15.58
C GLY A 4 -3.01 43.72 -14.28
N SER A 5 -1.87 43.15 -13.89
CA SER A 5 -1.78 42.38 -12.67
C SER A 5 -0.33 42.29 -12.19
N SER A 6 -0.14 41.75 -10.98
CA SER A 6 1.19 41.61 -10.41
C SER A 6 1.52 40.14 -10.17
N GLY A 7 2.80 39.80 -10.27
CA GLY A 7 3.23 38.43 -10.06
C GLY A 7 3.38 38.09 -8.60
N LYS A 8 2.33 37.52 -8.01
CA LYS A 8 2.35 37.14 -6.61
C LYS A 8 1.90 35.70 -6.43
N ARG A 9 2.85 34.77 -6.49
CA ARG A 9 2.55 33.35 -6.34
C ARG A 9 3.26 32.77 -5.13
N ILE A 10 2.74 31.65 -4.62
CA ILE A 10 3.33 31.00 -3.46
C ILE A 10 4.75 30.50 -3.77
N THR A 11 5.67 30.73 -2.83
CA THR A 11 7.05 30.30 -2.99
C THR A 11 7.68 29.93 -1.65
N ARG A 12 7.89 28.64 -1.45
CA ARG A 12 8.49 28.15 -0.21
C ARG A 12 9.69 27.25 -0.50
N PRO A 13 10.89 27.84 -0.49
CA PRO A 13 12.13 27.11 -0.76
C PRO A 13 12.56 26.26 0.44
N GLY A 14 11.68 26.13 1.42
CA GLY A 14 11.99 25.35 2.60
C GLY A 14 10.92 24.32 2.90
N ASN A 15 11.34 23.08 3.13
CA ASN A 15 10.42 21.99 3.43
C ASN A 15 10.54 21.56 4.89
N THR A 16 9.43 21.59 5.60
CA THR A 16 9.40 21.20 7.01
C THR A 16 10.09 19.86 7.23
N ASP A 17 10.94 19.80 8.24
CA ASP A 17 11.66 18.57 8.55
C ASP A 17 10.79 17.35 8.30
N ASP A 18 11.43 16.23 7.94
CA ASP A 18 10.71 15.00 7.67
C ASP A 18 10.50 14.20 8.95
N PRO A 19 9.24 14.08 9.38
CA PRO A 19 8.88 13.35 10.59
C PRO A 19 9.58 12.00 10.69
N SER A 20 10.45 11.86 11.69
CA SER A 20 11.19 10.62 11.89
C SER A 20 10.29 9.40 11.68
N GLY A 21 10.90 8.27 11.38
CA GLY A 21 10.14 7.05 11.16
C GLY A 21 9.31 7.11 9.89
N GLY A 22 8.18 6.42 9.90
CA GLY A 22 7.30 6.40 8.74
C GLY A 22 5.85 6.52 9.11
N ASN A 23 5.04 5.58 8.61
CA ASN A 23 3.60 5.58 8.90
C ASN A 23 3.03 4.17 8.75
N LYS A 24 1.89 3.94 9.38
CA LYS A 24 1.23 2.63 9.33
C LYS A 24 0.53 2.43 7.99
N VAL A 25 -0.20 3.46 7.56
CA VAL A 25 -0.92 3.40 6.29
C VAL A 25 0.05 3.35 5.11
N LEU A 26 -0.33 2.64 4.05
CA LEU A 26 0.51 2.53 2.86
C LEU A 26 -0.35 2.40 1.60
N LEU A 27 -0.14 3.31 0.66
CA LEU A 27 -0.88 3.31 -0.60
C LEU A 27 -0.45 2.14 -1.48
N LEU A 28 -1.37 1.19 -1.68
CA LEU A 28 -1.09 0.02 -2.50
C LEU A 28 -1.68 0.19 -3.90
N SER A 29 -0.85 -0.03 -4.92
CA SER A 29 -1.29 0.10 -6.30
C SER A 29 -1.12 -1.21 -7.05
N ILE A 30 -2.23 -1.79 -7.50
CA ILE A 30 -2.19 -3.05 -8.24
C ILE A 30 -1.84 -2.82 -9.71
N GLN A 31 -0.79 -3.47 -10.17
CA GLN A 31 -0.35 -3.34 -11.55
C GLN A 31 -1.03 -4.38 -12.45
N ASN A 32 -1.44 -3.95 -13.63
CA ASN A 32 -2.11 -4.83 -14.58
C ASN A 32 -3.17 -5.67 -13.88
N PRO A 33 -4.08 -5.00 -13.16
CA PRO A 33 -5.17 -5.66 -12.43
C PRO A 33 -5.90 -6.70 -13.28
N LEU A 34 -5.33 -7.90 -13.33
CA LEU A 34 -5.92 -8.99 -14.11
C LEU A 34 -6.97 -9.72 -13.29
N TYR A 35 -6.57 -10.25 -12.14
CA TYR A 35 -7.48 -10.97 -11.26
C TYR A 35 -8.09 -10.05 -10.22
N PRO A 36 -9.38 -10.29 -9.91
CA PRO A 36 -10.11 -9.49 -8.92
C PRO A 36 -9.31 -9.27 -7.63
N ILE A 37 -9.17 -8.03 -7.23
CA ILE A 37 -8.43 -7.69 -6.01
C ILE A 37 -9.36 -7.09 -4.96
N THR A 38 -9.73 -7.90 -3.98
CA THR A 38 -10.60 -7.46 -2.89
C THR A 38 -9.89 -7.52 -1.55
N VAL A 39 -10.40 -6.77 -0.58
CA VAL A 39 -9.82 -6.74 0.76
C VAL A 39 -9.37 -8.13 1.19
N ASP A 40 -10.02 -9.15 0.62
CA ASP A 40 -9.69 -10.54 0.95
C ASP A 40 -8.30 -10.89 0.44
N VAL A 41 -8.11 -10.81 -0.87
CA VAL A 41 -6.82 -11.13 -1.48
C VAL A 41 -5.68 -10.44 -0.74
N LEU A 42 -5.76 -9.12 -0.62
CA LEU A 42 -4.73 -8.35 0.07
C LEU A 42 -4.55 -8.85 1.50
N TYR A 43 -5.60 -8.75 2.29
CA TYR A 43 -5.56 -9.18 3.68
C TYR A 43 -5.00 -10.59 3.79
N THR A 44 -5.27 -11.42 2.79
CA THR A 44 -4.80 -12.79 2.78
C THR A 44 -3.27 -12.84 2.71
N VAL A 45 -2.69 -12.03 1.83
CA VAL A 45 -1.24 -11.98 1.67
C VAL A 45 -0.62 -10.97 2.63
N CYS A 46 -1.47 -10.24 3.34
CA CYS A 46 -0.99 -9.25 4.30
C CYS A 46 -0.90 -9.84 5.70
N ASN A 47 -1.93 -10.55 6.12
CA ASN A 47 -1.97 -11.17 7.43
C ASN A 47 -0.70 -11.99 7.68
N PRO A 48 -0.31 -12.79 6.67
CA PRO A 48 0.87 -13.64 6.75
C PRO A 48 2.10 -12.89 7.25
N VAL A 49 2.26 -11.65 6.78
CA VAL A 49 3.39 -10.82 7.18
C VAL A 49 3.25 -10.37 8.63
N GLY A 50 2.04 -9.94 9.00
CA GLY A 50 1.79 -9.49 10.35
C GLY A 50 0.32 -9.52 10.71
N LYS A 51 -0.30 -8.34 10.76
CA LYS A 51 -1.71 -8.23 11.10
C LYS A 51 -2.31 -6.96 10.54
N VAL A 52 -3.26 -7.11 9.61
CA VAL A 52 -3.91 -5.96 9.00
C VAL A 52 -5.06 -5.45 9.86
N GLN A 53 -5.24 -4.13 9.88
CA GLN A 53 -6.31 -3.52 10.67
C GLN A 53 -7.46 -3.07 9.77
N ARG A 54 -7.21 -2.06 8.95
CA ARG A 54 -8.23 -1.54 8.05
C ARG A 54 -7.73 -1.55 6.60
N ILE A 55 -8.66 -1.66 5.66
CA ILE A 55 -8.31 -1.68 4.25
C ILE A 55 -9.32 -0.89 3.42
N VAL A 56 -8.81 0.03 2.60
CA VAL A 56 -9.67 0.86 1.76
C VAL A 56 -9.22 0.80 0.30
N ILE A 57 -10.13 0.36 -0.57
CA ILE A 57 -9.83 0.27 -1.99
C ILE A 57 -10.61 1.30 -2.80
N PHE A 58 -9.88 2.18 -3.48
CA PHE A 58 -10.51 3.22 -4.28
C PHE A 58 -9.98 3.20 -5.71
N LYS A 59 -10.84 3.53 -6.67
CA LYS A 59 -10.47 3.55 -8.07
C LYS A 59 -10.23 4.97 -8.55
N ARG A 60 -9.52 5.75 -7.75
CA ARG A 60 -9.22 7.14 -8.09
C ARG A 60 -8.23 7.21 -9.24
N ASN A 61 -8.75 7.16 -10.47
CA ASN A 61 -7.90 7.22 -11.67
C ASN A 61 -6.83 6.13 -11.62
N GLY A 62 -7.25 4.90 -11.34
CA GLY A 62 -6.31 3.79 -11.28
C GLY A 62 -6.56 2.90 -10.08
N ILE A 63 -6.65 1.59 -10.33
CA ILE A 63 -6.88 0.63 -9.26
C ILE A 63 -5.89 0.84 -8.10
N GLN A 64 -6.37 1.45 -7.03
CA GLN A 64 -5.54 1.71 -5.86
C GLN A 64 -6.27 1.36 -4.58
N ALA A 65 -5.52 1.24 -3.49
CA ALA A 65 -6.10 0.90 -2.19
C ALA A 65 -5.11 1.16 -1.06
N MET A 66 -5.55 1.86 -0.02
CA MET A 66 -4.71 2.17 1.11
C MET A 66 -4.89 1.14 2.23
N VAL A 67 -3.80 0.50 2.63
CA VAL A 67 -3.85 -0.50 3.69
C VAL A 67 -3.07 -0.05 4.91
N GLU A 68 -3.70 -0.14 6.09
CA GLU A 68 -3.07 0.26 7.33
C GLU A 68 -2.73 -0.95 8.19
N PHE A 69 -1.81 -0.77 9.13
CA PHE A 69 -1.41 -1.85 10.02
C PHE A 69 -1.44 -1.40 11.48
N GLU A 70 -1.33 -2.36 12.39
CA GLU A 70 -1.36 -2.07 13.82
C GLU A 70 -0.55 -0.81 14.12
N SER A 71 0.76 -0.92 14.07
CA SER A 71 1.65 0.20 14.34
C SER A 71 2.62 0.43 13.18
N VAL A 72 3.53 1.38 13.36
CA VAL A 72 4.51 1.69 12.33
C VAL A 72 5.45 0.51 12.09
N LEU A 73 6.10 0.04 13.14
CA LEU A 73 7.02 -1.08 13.04
C LEU A 73 6.52 -2.10 12.03
N CYS A 74 5.32 -2.64 12.28
CA CYS A 74 4.72 -3.63 11.39
C CYS A 74 4.70 -3.11 9.94
N ALA A 75 4.44 -1.82 9.79
CA ALA A 75 4.38 -1.22 8.47
C ALA A 75 5.73 -1.32 7.75
N GLN A 76 6.81 -1.20 8.52
CA GLN A 76 8.15 -1.28 7.96
C GLN A 76 8.37 -2.63 7.27
N LYS A 77 8.20 -3.71 8.03
CA LYS A 77 8.38 -5.05 7.49
C LYS A 77 7.30 -5.37 6.45
N ALA A 78 6.06 -5.09 6.79
CA ALA A 78 4.94 -5.34 5.89
C ALA A 78 5.19 -4.72 4.52
N LYS A 79 5.51 -3.43 4.51
CA LYS A 79 5.78 -2.71 3.28
C LYS A 79 6.75 -3.48 2.39
N ALA A 80 7.84 -3.94 2.99
CA ALA A 80 8.85 -4.70 2.26
C ALA A 80 8.27 -6.00 1.71
N ALA A 81 7.95 -6.93 2.60
CA ALA A 81 7.38 -8.21 2.20
C ALA A 81 6.36 -8.03 1.08
N LEU A 82 5.60 -6.94 1.15
CA LEU A 82 4.59 -6.64 0.14
C LEU A 82 5.18 -5.87 -1.03
N ASN A 83 6.26 -5.14 -0.77
CA ASN A 83 6.93 -4.36 -1.79
C ASN A 83 7.42 -5.24 -2.94
N GLY A 84 6.69 -5.20 -4.05
CA GLY A 84 7.07 -6.01 -5.20
C GLY A 84 6.72 -7.47 -5.02
N ALA A 85 5.74 -7.74 -4.16
CA ALA A 85 5.32 -9.11 -3.89
C ALA A 85 4.28 -9.57 -4.91
N ASP A 86 4.74 -10.22 -5.96
CA ASP A 86 3.85 -10.71 -7.02
C ASP A 86 2.83 -11.68 -6.44
N ILE A 87 1.57 -11.54 -6.88
CA ILE A 87 0.50 -12.41 -6.41
C ILE A 87 0.10 -13.41 -7.48
N TYR A 88 0.16 -12.99 -8.74
CA TYR A 88 -0.19 -13.85 -9.86
C TYR A 88 0.90 -13.85 -10.93
N ALA A 89 0.75 -14.72 -11.91
CA ALA A 89 1.72 -14.83 -13.00
C ALA A 89 2.12 -13.45 -13.50
N GLY A 90 3.31 -12.99 -13.11
CA GLY A 90 3.78 -11.69 -13.53
C GLY A 90 2.66 -10.68 -13.68
N CYS A 91 1.97 -10.40 -12.59
CA CYS A 91 0.86 -9.46 -12.61
C CYS A 91 0.60 -8.89 -11.22
N CYS A 92 -0.38 -7.99 -11.12
CA CYS A 92 -0.72 -7.36 -9.85
C CYS A 92 0.54 -7.04 -9.05
N THR A 93 1.53 -6.48 -9.73
CA THR A 93 2.79 -6.12 -9.09
C THR A 93 2.57 -5.12 -7.97
N LEU A 94 2.25 -5.63 -6.77
CA LEU A 94 2.01 -4.78 -5.61
C LEU A 94 2.98 -3.60 -5.59
N LYS A 95 2.43 -2.39 -5.63
CA LYS A 95 3.24 -1.18 -5.61
C LYS A 95 2.90 -0.31 -4.41
N ILE A 96 3.53 -0.61 -3.28
CA ILE A 96 3.29 0.15 -2.05
C ILE A 96 3.98 1.51 -2.11
N GLU A 97 3.38 2.49 -1.44
CA GLU A 97 3.93 3.84 -1.41
C GLU A 97 3.37 4.63 -0.23
N TYR A 98 4.27 5.10 0.63
CA TYR A 98 3.87 5.88 1.80
C TYR A 98 2.82 6.92 1.43
N ALA A 99 1.56 6.64 1.78
CA ALA A 99 0.46 7.56 1.48
C ALA A 99 0.71 8.92 2.11
N ARG A 100 0.13 9.96 1.51
CA ARG A 100 0.29 11.32 2.01
C ARG A 100 -0.36 11.48 3.38
N PRO A 101 -1.59 10.93 3.52
CA PRO A 101 -2.34 11.00 4.78
C PRO A 101 -1.88 9.95 5.78
N THR A 102 -2.06 10.24 7.07
CA THR A 102 -1.68 9.32 8.13
C THR A 102 -2.86 8.50 8.60
N ARG A 103 -4.07 9.01 8.37
CA ARG A 103 -5.28 8.31 8.77
C ARG A 103 -6.22 8.14 7.58
N LEU A 104 -7.03 7.09 7.62
CA LEU A 104 -7.99 6.82 6.56
C LEU A 104 -9.42 7.05 7.03
N ASN A 105 -10.38 6.84 6.12
CA ASN A 105 -11.78 7.02 6.45
C ASN A 105 -12.65 6.04 5.68
N VAL A 106 -13.58 5.40 6.38
CA VAL A 106 -14.48 4.43 5.76
C VAL A 106 -15.94 4.84 5.97
N ILE A 107 -16.72 4.78 4.89
CA ILE A 107 -18.14 5.12 4.95
C ILE A 107 -19.00 3.88 5.13
N ARG A 108 -18.78 2.89 4.27
CA ARG A 108 -19.55 1.65 4.32
C ARG A 108 -18.62 0.45 4.43
N ASN A 109 -19.18 -0.70 4.77
CA ASN A 109 -18.40 -1.93 4.91
C ASN A 109 -18.81 -2.96 3.85
N ASP A 110 -17.92 -3.19 2.89
CA ASP A 110 -18.18 -4.15 1.83
C ASP A 110 -16.89 -4.53 1.11
N ASN A 111 -16.98 -5.50 0.21
CA ASN A 111 -15.82 -5.95 -0.54
C ASN A 111 -14.87 -4.81 -0.83
N ASP A 112 -15.40 -3.71 -1.36
CA ASP A 112 -14.61 -2.54 -1.68
C ASP A 112 -13.62 -2.23 -0.54
N SER A 113 -14.17 -1.90 0.62
CA SER A 113 -13.34 -1.58 1.78
C SER A 113 -13.96 -2.13 3.06
N TRP A 114 -13.11 -2.50 4.01
CA TRP A 114 -13.58 -3.04 5.28
C TRP A 114 -12.70 -2.55 6.44
N ASP A 115 -13.34 -2.18 7.54
CA ASP A 115 -12.63 -1.68 8.71
C ASP A 115 -12.94 -2.54 9.94
N TYR A 116 -12.13 -3.57 10.16
CA TYR A 116 -12.32 -4.46 11.29
C TYR A 116 -12.17 -3.71 12.61
N THR A 117 -11.08 -2.96 12.73
CA THR A 117 -10.82 -2.19 13.94
C THR A 117 -12.11 -1.69 14.57
N LYS A 118 -13.02 -1.20 13.74
CA LYS A 118 -14.30 -0.69 14.21
C LYS A 118 -15.45 -1.54 13.70
N PRO A 119 -15.74 -2.64 14.40
CA PRO A 119 -16.82 -3.57 14.03
C PRO A 119 -18.18 -3.04 14.43
N TYR A 120 -18.20 -1.98 15.24
CA TYR A 120 -19.44 -1.38 15.70
C TYR A 120 -19.72 -0.07 14.98
N LEU A 121 -19.64 -0.10 13.65
CA LEU A 121 -19.88 1.09 12.85
C LEU A 121 -21.08 0.88 11.92
N GLY A 122 -22.14 0.29 12.46
CA GLY A 122 -23.32 0.06 11.67
C GLY A 122 -24.51 0.90 12.13
N ARG A 123 -25.51 1.02 11.27
CA ARG A 123 -26.69 1.81 11.59
C ARG A 123 -26.33 3.01 12.46
N ARG A 124 -25.33 3.77 12.02
CA ARG A 124 -24.88 4.94 12.75
C ARG A 124 -26.08 5.75 13.27
N GLY A 1 61.09 22.24 -11.61
CA GLY A 1 60.47 21.07 -11.02
C GLY A 1 58.97 21.09 -11.13
N SER A 2 58.39 20.03 -11.69
CA SER A 2 56.94 19.94 -11.85
C SER A 2 56.27 19.62 -10.52
N SER A 3 56.85 18.67 -9.79
CA SER A 3 56.30 18.27 -8.49
C SER A 3 54.78 18.21 -8.55
N GLY A 4 54.24 17.68 -9.64
CA GLY A 4 52.79 17.58 -9.78
C GLY A 4 52.31 16.14 -9.72
N SER A 5 51.31 15.90 -8.88
CA SER A 5 50.76 14.56 -8.73
C SER A 5 49.37 14.62 -8.09
N SER A 6 48.50 13.69 -8.49
CA SER A 6 47.14 13.63 -7.97
C SER A 6 46.70 12.18 -7.77
N GLY A 7 45.63 12.01 -7.00
CA GLY A 7 45.12 10.67 -6.74
C GLY A 7 44.63 10.50 -5.31
N LYS A 8 43.55 11.20 -4.97
CA LYS A 8 42.98 11.11 -3.63
C LYS A 8 41.46 11.05 -3.68
N ARG A 9 40.85 10.79 -2.53
CA ARG A 9 39.39 10.71 -2.45
C ARG A 9 38.87 11.48 -1.24
N ILE A 10 37.92 12.38 -1.49
CA ILE A 10 37.34 13.17 -0.42
C ILE A 10 36.22 12.43 0.29
N THR A 11 36.29 12.36 1.61
CA THR A 11 35.28 11.67 2.40
C THR A 11 35.10 12.34 3.76
N ARG A 12 33.86 12.39 4.23
CA ARG A 12 33.56 12.99 5.52
C ARG A 12 33.42 11.93 6.60
N PRO A 13 34.16 12.10 7.70
CA PRO A 13 34.15 11.17 8.83
C PRO A 13 32.91 11.33 9.71
N GLY A 14 31.84 10.60 9.38
CA GLY A 14 30.61 10.69 10.13
C GLY A 14 29.38 10.72 9.25
N ASN A 15 29.19 9.67 8.47
CA ASN A 15 28.05 9.58 7.56
C ASN A 15 27.31 8.25 7.74
N THR A 16 26.10 8.32 8.27
CA THR A 16 25.29 7.13 8.49
C THR A 16 23.81 7.40 8.24
N ASP A 17 23.17 6.50 7.50
CA ASP A 17 21.76 6.65 7.20
C ASP A 17 20.92 5.63 7.96
N ASP A 18 20.13 6.12 8.91
CA ASP A 18 19.28 5.25 9.72
C ASP A 18 17.81 5.39 9.32
N PRO A 19 17.36 4.51 8.43
CA PRO A 19 15.97 4.51 7.94
C PRO A 19 14.99 3.95 8.96
N SER A 20 14.47 4.82 9.81
CA SER A 20 13.52 4.41 10.85
C SER A 20 12.27 5.28 10.80
N GLY A 21 11.19 4.76 11.39
CA GLY A 21 9.94 5.49 11.40
C GLY A 21 9.38 5.74 10.01
N GLY A 22 8.06 5.79 9.90
CA GLY A 22 7.44 6.03 8.61
C GLY A 22 5.97 6.38 8.74
N ASN A 23 5.10 5.39 8.50
CA ASN A 23 3.67 5.61 8.59
C ASN A 23 2.91 4.28 8.54
N LYS A 24 2.10 4.03 9.55
CA LYS A 24 1.33 2.80 9.63
C LYS A 24 0.53 2.57 8.36
N VAL A 25 -0.08 3.64 7.85
CA VAL A 25 -0.87 3.57 6.62
C VAL A 25 0.02 3.46 5.40
N LEU A 26 -0.33 2.55 4.50
CA LEU A 26 0.45 2.35 3.28
C LEU A 26 -0.47 2.23 2.07
N LEU A 27 -0.23 3.07 1.07
CA LEU A 27 -1.03 3.06 -0.15
C LEU A 27 -0.55 1.97 -1.11
N LEU A 28 -1.39 0.96 -1.32
CA LEU A 28 -1.04 -0.14 -2.22
C LEU A 28 -1.60 0.10 -3.62
N SER A 29 -0.72 0.08 -4.61
CA SER A 29 -1.11 0.31 -6.00
C SER A 29 -0.80 -0.92 -6.85
N ILE A 30 -1.85 -1.68 -7.18
CA ILE A 30 -1.68 -2.88 -8.00
C ILE A 30 -1.31 -2.51 -9.44
N GLN A 31 -0.48 -3.35 -10.05
CA GLN A 31 -0.04 -3.11 -11.43
C GLN A 31 -0.65 -4.14 -12.37
N ASN A 32 -1.32 -3.66 -13.41
CA ASN A 32 -1.95 -4.54 -14.39
C ASN A 32 -2.81 -5.59 -13.70
N PRO A 33 -3.74 -5.12 -12.86
CA PRO A 33 -4.66 -6.00 -12.13
C PRO A 33 -5.72 -6.63 -13.03
N LEU A 34 -5.51 -7.88 -13.39
CA LEU A 34 -6.45 -8.60 -14.25
C LEU A 34 -7.72 -8.96 -13.49
N TYR A 35 -7.56 -9.79 -12.45
CA TYR A 35 -8.70 -10.22 -11.64
C TYR A 35 -9.01 -9.19 -10.57
N PRO A 36 -10.32 -8.92 -10.37
CA PRO A 36 -10.79 -7.96 -9.37
C PRO A 36 -10.13 -8.17 -8.01
N ILE A 37 -9.34 -7.18 -7.58
CA ILE A 37 -8.67 -7.26 -6.29
C ILE A 37 -9.58 -6.82 -5.16
N THR A 38 -9.71 -7.66 -4.15
CA THR A 38 -10.55 -7.36 -2.99
C THR A 38 -9.75 -7.36 -1.70
N VAL A 39 -10.19 -6.58 -0.72
CA VAL A 39 -9.52 -6.50 0.57
C VAL A 39 -8.98 -7.86 0.99
N ASP A 40 -9.73 -8.90 0.71
CA ASP A 40 -9.34 -10.26 1.05
C ASP A 40 -7.96 -10.58 0.47
N VAL A 41 -7.86 -10.55 -0.85
CA VAL A 41 -6.60 -10.84 -1.52
C VAL A 41 -5.42 -10.19 -0.81
N LEU A 42 -5.54 -8.88 -0.57
CA LEU A 42 -4.49 -8.13 0.10
C LEU A 42 -4.27 -8.65 1.52
N TYR A 43 -5.33 -8.60 2.33
CA TYR A 43 -5.24 -9.08 3.71
C TYR A 43 -4.73 -10.51 3.76
N THR A 44 -4.90 -11.24 2.67
CA THR A 44 -4.45 -12.62 2.60
C THR A 44 -2.93 -12.71 2.57
N VAL A 45 -2.32 -11.88 1.73
CA VAL A 45 -0.87 -11.85 1.60
C VAL A 45 -0.24 -10.94 2.66
N CYS A 46 -1.05 -10.08 3.24
CA CYS A 46 -0.57 -9.16 4.27
C CYS A 46 -0.56 -9.83 5.65
N ASN A 47 -1.68 -10.43 6.01
CA ASN A 47 -1.80 -11.10 7.30
C ASN A 47 -0.56 -11.94 7.59
N PRO A 48 -0.15 -12.76 6.60
CA PRO A 48 1.02 -13.63 6.72
C PRO A 48 2.23 -12.89 7.28
N VAL A 49 2.33 -11.60 6.95
CA VAL A 49 3.45 -10.79 7.42
C VAL A 49 3.22 -10.31 8.84
N GLY A 50 1.99 -9.88 9.13
CA GLY A 50 1.67 -9.40 10.46
C GLY A 50 0.17 -9.40 10.72
N LYS A 51 -0.42 -8.22 10.74
CA LYS A 51 -1.85 -8.07 10.99
C LYS A 51 -2.42 -6.90 10.20
N VAL A 52 -3.75 -6.88 10.06
CA VAL A 52 -4.43 -5.81 9.34
C VAL A 52 -5.62 -5.28 10.12
N GLN A 53 -5.73 -3.96 10.19
CA GLN A 53 -6.83 -3.33 10.91
C GLN A 53 -8.00 -3.03 9.97
N ARG A 54 -7.76 -2.17 8.98
CA ARG A 54 -8.78 -1.80 8.02
C ARG A 54 -8.18 -1.63 6.63
N ILE A 55 -9.01 -1.80 5.60
CA ILE A 55 -8.56 -1.65 4.22
C ILE A 55 -9.58 -0.89 3.38
N VAL A 56 -9.09 0.00 2.53
CA VAL A 56 -9.97 0.79 1.67
C VAL A 56 -9.54 0.68 0.20
N ILE A 57 -10.48 0.28 -0.65
CA ILE A 57 -10.22 0.13 -2.08
C ILE A 57 -10.93 1.20 -2.88
N PHE A 58 -10.18 1.89 -3.74
CA PHE A 58 -10.75 2.94 -4.58
C PHE A 58 -10.23 2.84 -6.00
N LYS A 59 -11.06 3.25 -6.96
CA LYS A 59 -10.68 3.21 -8.36
C LYS A 59 -10.24 4.59 -8.85
N ARG A 60 -9.50 5.30 -8.01
CA ARG A 60 -9.02 6.63 -8.36
C ARG A 60 -7.81 6.55 -9.28
N ASN A 61 -8.01 6.93 -10.54
CA ASN A 61 -6.95 6.90 -11.54
C ASN A 61 -6.34 5.51 -11.62
N GLY A 62 -7.18 4.49 -11.63
CA GLY A 62 -6.71 3.13 -11.72
C GLY A 62 -7.20 2.26 -10.58
N ILE A 63 -6.41 1.26 -10.20
CA ILE A 63 -6.78 0.37 -9.11
C ILE A 63 -5.82 0.52 -7.93
N GLN A 64 -6.30 1.15 -6.86
CA GLN A 64 -5.50 1.36 -5.68
C GLN A 64 -6.27 0.97 -4.41
N ALA A 65 -5.55 0.89 -3.29
CA ALA A 65 -6.18 0.52 -2.03
C ALA A 65 -5.23 0.76 -0.86
N MET A 66 -5.64 1.62 0.07
CA MET A 66 -4.83 1.94 1.24
C MET A 66 -5.09 0.95 2.37
N VAL A 67 -4.00 0.42 2.93
CA VAL A 67 -4.11 -0.55 4.03
C VAL A 67 -3.40 -0.04 5.28
N GLU A 68 -4.04 -0.22 6.43
CA GLU A 68 -3.46 0.21 7.69
C GLU A 68 -2.84 -0.95 8.45
N PHE A 69 -1.99 -0.64 9.42
CA PHE A 69 -1.32 -1.67 10.21
C PHE A 69 -1.36 -1.32 11.70
N GLU A 70 -1.20 -2.33 12.55
CA GLU A 70 -1.21 -2.12 14.00
C GLU A 70 -0.33 -0.94 14.38
N SER A 71 0.98 -1.11 14.25
CA SER A 71 1.93 -0.06 14.58
C SER A 71 2.78 0.32 13.37
N VAL A 72 3.54 1.41 13.49
CA VAL A 72 4.39 1.87 12.42
C VAL A 72 5.34 0.77 11.96
N LEU A 73 6.07 0.18 12.91
CA LEU A 73 7.01 -0.89 12.60
C LEU A 73 6.42 -1.86 11.59
N CYS A 74 5.35 -2.55 11.99
CA CYS A 74 4.69 -3.51 11.13
C CYS A 74 4.59 -3.00 9.70
N ALA A 75 4.27 -1.71 9.57
CA ALA A 75 4.15 -1.10 8.25
C ALA A 75 5.45 -1.23 7.46
N GLN A 76 6.57 -0.97 8.11
CA GLN A 76 7.87 -1.06 7.46
C GLN A 76 8.17 -2.50 7.04
N LYS A 77 8.14 -3.41 8.01
CA LYS A 77 8.40 -4.82 7.73
C LYS A 77 7.43 -5.35 6.68
N ALA A 78 6.19 -4.89 6.73
CA ALA A 78 5.17 -5.33 5.78
C ALA A 78 5.44 -4.74 4.40
N LYS A 79 5.80 -3.46 4.36
CA LYS A 79 6.08 -2.79 3.10
C LYS A 79 7.10 -3.56 2.27
N ALA A 80 8.19 -3.95 2.92
CA ALA A 80 9.25 -4.70 2.24
C ALA A 80 8.71 -6.02 1.69
N ALA A 81 8.36 -6.94 2.60
CA ALA A 81 7.84 -8.24 2.20
C ALA A 81 6.85 -8.11 1.05
N LEU A 82 6.05 -7.05 1.09
CA LEU A 82 5.06 -6.80 0.04
C LEU A 82 5.68 -6.05 -1.13
N ASN A 83 6.76 -5.33 -0.86
CA ASN A 83 7.45 -4.56 -1.88
C ASN A 83 7.87 -5.45 -3.05
N GLY A 84 7.10 -5.41 -4.13
CA GLY A 84 7.41 -6.22 -5.29
C GLY A 84 6.99 -7.67 -5.12
N ALA A 85 6.09 -7.91 -4.17
CA ALA A 85 5.60 -9.26 -3.91
C ALA A 85 4.54 -9.68 -4.93
N ASP A 86 4.98 -10.34 -5.99
CA ASP A 86 4.07 -10.78 -7.04
C ASP A 86 3.00 -11.72 -6.47
N ILE A 87 1.75 -11.48 -6.83
CA ILE A 87 0.64 -12.30 -6.36
C ILE A 87 0.21 -13.30 -7.43
N TYR A 88 0.16 -12.84 -8.67
CA TYR A 88 -0.25 -13.70 -9.78
C TYR A 88 0.90 -13.89 -10.77
N ALA A 89 0.67 -14.73 -11.77
CA ALA A 89 1.69 -15.00 -12.78
C ALA A 89 2.07 -13.73 -13.53
N GLY A 90 3.24 -13.18 -13.21
CA GLY A 90 3.69 -11.96 -13.85
C GLY A 90 2.56 -10.98 -14.10
N CYS A 91 1.84 -10.64 -13.05
CA CYS A 91 0.72 -9.70 -13.16
C CYS A 91 0.13 -9.38 -11.79
N CYS A 92 -0.50 -8.23 -11.67
CA CYS A 92 -1.10 -7.81 -10.42
C CYS A 92 -0.03 -7.57 -9.35
N THR A 93 1.03 -6.88 -9.73
CA THR A 93 2.13 -6.59 -8.80
C THR A 93 1.73 -5.54 -7.79
N LEU A 94 2.18 -5.70 -6.55
CA LEU A 94 1.87 -4.76 -5.48
C LEU A 94 2.87 -3.61 -5.47
N LYS A 95 2.36 -2.39 -5.57
CA LYS A 95 3.21 -1.20 -5.56
C LYS A 95 2.89 -0.31 -4.36
N ILE A 96 3.48 -0.67 -3.21
CA ILE A 96 3.26 0.09 -1.98
C ILE A 96 3.79 1.52 -2.13
N GLU A 97 3.22 2.43 -1.35
CA GLU A 97 3.63 3.84 -1.39
C GLU A 97 3.21 4.56 -0.11
N TYR A 98 4.21 4.99 0.66
CA TYR A 98 3.94 5.69 1.91
C TYR A 98 2.76 6.65 1.76
N ALA A 99 1.64 6.29 2.37
CA ALA A 99 0.44 7.12 2.30
C ALA A 99 0.71 8.51 2.90
N ARG A 100 0.38 9.54 2.13
CA ARG A 100 0.58 10.92 2.58
C ARG A 100 -0.23 11.19 3.85
N PRO A 101 -1.50 10.76 3.84
CA PRO A 101 -2.40 10.95 4.98
C PRO A 101 -2.16 9.93 6.09
N THR A 102 -2.41 10.34 7.33
CA THR A 102 -2.22 9.45 8.48
C THR A 102 -3.52 8.75 8.84
N ARG A 103 -4.64 9.36 8.49
CA ARG A 103 -5.95 8.79 8.78
C ARG A 103 -6.74 8.57 7.49
N LEU A 104 -7.52 7.49 7.47
CA LEU A 104 -8.33 7.15 6.30
C LEU A 104 -9.82 7.32 6.60
N ASN A 105 -10.65 7.02 5.61
CA ASN A 105 -12.10 7.13 5.77
C ASN A 105 -12.82 5.96 5.11
N VAL A 106 -13.71 5.32 5.85
CA VAL A 106 -14.46 4.19 5.34
C VAL A 106 -15.95 4.51 5.23
N ILE A 107 -16.44 4.62 4.01
CA ILE A 107 -17.85 4.92 3.78
C ILE A 107 -18.75 3.83 4.33
N ARG A 108 -18.53 2.60 3.87
CA ARG A 108 -19.33 1.46 4.32
C ARG A 108 -18.47 0.20 4.41
N ASN A 109 -19.07 -0.88 4.89
CA ASN A 109 -18.36 -2.15 5.03
C ASN A 109 -18.68 -3.08 3.86
N ASP A 110 -17.91 -2.95 2.78
CA ASP A 110 -18.10 -3.78 1.60
C ASP A 110 -16.77 -4.18 0.99
N ASN A 111 -16.81 -5.10 0.03
CA ASN A 111 -15.61 -5.56 -0.64
C ASN A 111 -14.60 -4.42 -0.81
N ASP A 112 -15.09 -3.28 -1.29
CA ASP A 112 -14.24 -2.12 -1.50
C ASP A 112 -13.41 -1.82 -0.25
N SER A 113 -14.10 -1.62 0.87
CA SER A 113 -13.42 -1.32 2.13
C SER A 113 -14.06 -2.09 3.28
N TRP A 114 -13.24 -2.54 4.22
CA TRP A 114 -13.73 -3.29 5.38
C TRP A 114 -12.99 -2.86 6.64
N ASP A 115 -13.76 -2.65 7.71
CA ASP A 115 -13.18 -2.24 9.00
C ASP A 115 -13.39 -3.32 10.05
N TYR A 116 -12.31 -3.70 10.72
CA TYR A 116 -12.38 -4.73 11.76
C TYR A 116 -12.38 -4.09 13.14
N THR A 117 -11.33 -3.33 13.45
CA THR A 117 -11.21 -2.67 14.74
C THR A 117 -12.56 -2.16 15.22
N LYS A 118 -13.29 -1.48 14.34
CA LYS A 118 -14.59 -0.93 14.67
C LYS A 118 -15.66 -1.45 13.72
N PRO A 119 -16.33 -2.54 14.11
CA PRO A 119 -17.39 -3.16 13.30
C PRO A 119 -18.69 -2.39 13.36
N TYR A 120 -18.78 -1.45 14.30
CA TYR A 120 -19.97 -0.64 14.46
C TYR A 120 -19.76 0.77 13.92
N LEU A 121 -19.92 0.94 12.62
CA LEU A 121 -19.74 2.23 11.97
C LEU A 121 -20.92 2.55 11.06
N GLY A 122 -21.73 3.52 11.48
CA GLY A 122 -22.88 3.91 10.68
C GLY A 122 -22.82 5.36 10.25
N ARG A 123 -23.97 6.02 10.20
CA ARG A 123 -24.05 7.42 9.80
C ARG A 123 -23.30 8.31 10.78
N ARG A 124 -23.50 8.06 12.07
CA ARG A 124 -22.85 8.84 13.11
C ARG A 124 -21.42 8.36 13.33
N GLY A 1 45.27 44.29 -30.20
CA GLY A 1 44.57 44.36 -28.92
C GLY A 1 43.25 43.61 -28.95
N SER A 2 42.96 42.88 -27.88
CA SER A 2 41.73 42.11 -27.78
C SER A 2 41.32 41.91 -26.33
N SER A 3 40.11 41.40 -26.12
CA SER A 3 39.60 41.16 -24.78
C SER A 3 38.31 40.34 -24.83
N GLY A 4 37.89 39.84 -23.67
CA GLY A 4 36.67 39.05 -23.60
C GLY A 4 36.90 37.69 -22.98
N SER A 5 36.26 37.45 -21.84
CA SER A 5 36.40 36.17 -21.15
C SER A 5 35.42 36.08 -19.98
N SER A 6 34.91 34.88 -19.74
CA SER A 6 33.96 34.67 -18.65
C SER A 6 34.03 33.23 -18.14
N GLY A 7 33.56 33.01 -16.92
CA GLY A 7 33.59 31.68 -16.34
C GLY A 7 32.67 31.55 -15.13
N LYS A 8 31.81 30.55 -15.14
CA LYS A 8 30.88 30.32 -14.05
C LYS A 8 30.31 28.92 -14.09
N ARG A 9 29.85 28.43 -12.95
CA ARG A 9 29.28 27.09 -12.87
C ARG A 9 28.09 27.06 -11.90
N ILE A 10 26.90 26.87 -12.45
CA ILE A 10 25.68 26.82 -11.64
C ILE A 10 25.67 25.58 -10.74
N THR A 11 25.32 25.79 -9.48
CA THR A 11 25.27 24.69 -8.52
C THR A 11 24.05 24.81 -7.60
N ARG A 12 23.32 23.72 -7.46
CA ARG A 12 22.13 23.71 -6.62
C ARG A 12 22.21 22.59 -5.57
N PRO A 13 21.70 22.88 -4.36
CA PRO A 13 21.70 21.92 -3.26
C PRO A 13 20.64 20.85 -3.41
N GLY A 14 21.07 19.61 -3.61
CA GLY A 14 20.13 18.52 -3.77
C GLY A 14 20.44 17.35 -2.84
N ASN A 15 20.63 17.67 -1.57
CA ASN A 15 20.93 16.64 -0.57
C ASN A 15 19.79 16.50 0.43
N THR A 16 18.74 15.78 0.03
CA THR A 16 17.59 15.57 0.90
C THR A 16 18.01 15.14 2.30
N ASP A 17 17.97 16.08 3.23
CA ASP A 17 18.35 15.80 4.61
C ASP A 17 17.11 15.55 5.48
N ASP A 18 16.67 14.29 5.51
CA ASP A 18 15.50 13.93 6.30
C ASP A 18 15.44 12.42 6.52
N PRO A 19 14.93 12.01 7.68
CA PRO A 19 14.82 10.59 8.04
C PRO A 19 13.64 9.91 7.34
N SER A 20 13.76 8.61 7.12
CA SER A 20 12.71 7.84 6.46
C SER A 20 11.33 8.34 6.88
N GLY A 21 10.42 8.44 5.91
CA GLY A 21 9.08 8.91 6.21
C GLY A 21 8.28 7.90 7.00
N GLY A 22 7.85 6.82 6.34
CA GLY A 22 7.07 5.80 7.02
C GLY A 22 5.74 6.32 7.53
N ASN A 23 4.73 5.46 7.55
CA ASN A 23 3.41 5.85 8.01
C ASN A 23 2.51 4.61 8.17
N LYS A 24 1.89 4.49 9.34
CA LYS A 24 1.01 3.36 9.61
C LYS A 24 0.28 2.92 8.35
N VAL A 25 -0.37 3.87 7.69
CA VAL A 25 -1.11 3.59 6.47
C VAL A 25 -0.18 3.51 5.27
N LEU A 26 -0.56 2.71 4.27
CA LEU A 26 0.25 2.55 3.07
C LEU A 26 -0.64 2.44 1.83
N LEU A 27 -0.36 3.29 0.84
CA LEU A 27 -1.14 3.29 -0.40
C LEU A 27 -0.61 2.26 -1.37
N LEU A 28 -1.31 1.14 -1.49
CA LEU A 28 -0.91 0.07 -2.41
C LEU A 28 -1.47 0.30 -3.80
N SER A 29 -0.63 0.12 -4.82
CA SER A 29 -1.04 0.31 -6.21
C SER A 29 -0.76 -0.95 -7.02
N ILE A 30 -1.83 -1.61 -7.45
CA ILE A 30 -1.70 -2.83 -8.24
C ILE A 30 -1.24 -2.51 -9.65
N GLN A 31 -0.36 -3.36 -10.20
CA GLN A 31 0.16 -3.16 -11.54
C GLN A 31 -0.65 -3.97 -12.56
N ASN A 32 -0.82 -3.42 -13.75
CA ASN A 32 -1.57 -4.09 -14.80
C ASN A 32 -2.72 -4.90 -14.22
N PRO A 33 -3.57 -4.24 -13.43
CA PRO A 33 -4.73 -4.89 -12.80
C PRO A 33 -5.53 -5.73 -13.78
N LEU A 34 -5.34 -7.04 -13.70
CA LEU A 34 -6.04 -7.96 -14.59
C LEU A 34 -7.18 -8.68 -13.85
N TYR A 35 -6.83 -9.30 -12.73
CA TYR A 35 -7.82 -10.01 -11.92
C TYR A 35 -8.45 -9.09 -10.89
N PRO A 36 -9.68 -9.43 -10.47
CA PRO A 36 -10.42 -8.64 -9.48
C PRO A 36 -9.83 -8.79 -8.07
N ILE A 37 -9.28 -7.70 -7.55
CA ILE A 37 -8.69 -7.71 -6.22
C ILE A 37 -9.70 -7.25 -5.16
N THR A 38 -9.65 -7.89 -4.00
CA THR A 38 -10.56 -7.57 -2.90
C THR A 38 -9.83 -7.57 -1.57
N VAL A 39 -10.45 -6.95 -0.56
CA VAL A 39 -9.87 -6.89 0.77
C VAL A 39 -9.35 -8.25 1.21
N ASP A 40 -9.95 -9.31 0.68
CA ASP A 40 -9.54 -10.67 1.01
C ASP A 40 -8.14 -10.96 0.50
N VAL A 41 -7.82 -10.42 -0.67
CA VAL A 41 -6.51 -10.62 -1.28
C VAL A 41 -5.43 -9.86 -0.52
N LEU A 42 -5.70 -8.59 -0.22
CA LEU A 42 -4.75 -7.76 0.51
C LEU A 42 -4.88 -7.98 2.01
N TYR A 43 -5.45 -9.12 2.39
CA TYR A 43 -5.62 -9.45 3.80
C TYR A 43 -5.10 -10.85 4.10
N THR A 44 -5.35 -11.77 3.17
CA THR A 44 -4.91 -13.15 3.34
C THR A 44 -3.40 -13.28 3.17
N VAL A 45 -2.85 -12.50 2.25
CA VAL A 45 -1.41 -12.52 1.99
C VAL A 45 -0.67 -11.58 2.94
N CYS A 46 -1.37 -10.58 3.44
CA CYS A 46 -0.79 -9.61 4.37
C CYS A 46 -0.82 -10.14 5.80
N ASN A 47 -1.99 -10.64 6.20
CA ASN A 47 -2.16 -11.17 7.55
C ASN A 47 -0.95 -11.99 7.96
N PRO A 48 -0.52 -12.91 7.09
CA PRO A 48 0.63 -13.78 7.34
C PRO A 48 1.84 -13.00 7.84
N VAL A 49 2.34 -12.09 7.01
CA VAL A 49 3.50 -11.28 7.36
C VAL A 49 3.35 -10.70 8.77
N GLY A 50 2.21 -10.07 9.03
CA GLY A 50 1.96 -9.48 10.33
C GLY A 50 0.49 -9.46 10.68
N LYS A 51 -0.12 -8.28 10.57
CA LYS A 51 -1.54 -8.11 10.89
C LYS A 51 -2.08 -6.81 10.31
N VAL A 52 -3.08 -6.92 9.44
CA VAL A 52 -3.69 -5.75 8.82
C VAL A 52 -4.78 -5.16 9.70
N GLN A 53 -4.86 -3.84 9.72
CA GLN A 53 -5.87 -3.15 10.53
C GLN A 53 -7.10 -2.80 9.70
N ARG A 54 -6.88 -2.05 8.62
CA ARG A 54 -7.98 -1.66 7.74
C ARG A 54 -7.54 -1.69 6.28
N ILE A 55 -8.50 -1.91 5.39
CA ILE A 55 -8.21 -1.97 3.96
C ILE A 55 -9.26 -1.22 3.15
N VAL A 56 -8.84 -0.19 2.43
CA VAL A 56 -9.74 0.60 1.61
C VAL A 56 -9.38 0.51 0.13
N ILE A 57 -10.29 -0.06 -0.66
CA ILE A 57 -10.06 -0.20 -2.09
C ILE A 57 -10.85 0.83 -2.88
N PHE A 58 -10.15 1.64 -3.67
CA PHE A 58 -10.79 2.66 -4.48
C PHE A 58 -10.29 2.61 -5.92
N LYS A 59 -11.16 2.98 -6.86
CA LYS A 59 -10.81 2.98 -8.28
C LYS A 59 -11.05 4.36 -8.89
N ARG A 60 -10.69 5.40 -8.16
CA ARG A 60 -10.87 6.76 -8.64
C ARG A 60 -9.86 7.10 -9.73
N ASN A 61 -8.58 7.02 -9.37
CA ASN A 61 -7.50 7.32 -10.32
C ASN A 61 -6.47 6.21 -10.32
N GLY A 62 -6.77 5.13 -11.03
CA GLY A 62 -5.85 4.00 -11.11
C GLY A 62 -6.06 3.01 -9.98
N ILE A 63 -6.45 1.79 -10.34
CA ILE A 63 -6.68 0.74 -9.34
C ILE A 63 -5.73 0.89 -8.17
N GLN A 64 -6.24 1.37 -7.04
CA GLN A 64 -5.43 1.56 -5.85
C GLN A 64 -6.19 1.07 -4.60
N ALA A 65 -5.47 0.93 -3.50
CA ALA A 65 -6.06 0.48 -2.25
C ALA A 65 -5.13 0.74 -1.07
N MET A 66 -5.61 1.51 -0.10
CA MET A 66 -4.82 1.84 1.08
C MET A 66 -4.97 0.75 2.14
N VAL A 67 -3.85 0.39 2.77
CA VAL A 67 -3.85 -0.64 3.81
C VAL A 67 -3.18 -0.13 5.08
N GLU A 68 -3.87 -0.30 6.20
CA GLU A 68 -3.35 0.15 7.50
C GLU A 68 -2.81 -1.03 8.30
N PHE A 69 -1.78 -0.76 9.10
CA PHE A 69 -1.16 -1.80 9.92
C PHE A 69 -1.20 -1.42 11.39
N GLU A 70 -1.10 -2.43 12.26
CA GLU A 70 -1.12 -2.20 13.70
C GLU A 70 -0.40 -0.90 14.05
N SER A 71 0.90 -0.87 13.77
CA SER A 71 1.71 0.31 14.07
C SER A 71 2.75 0.55 12.98
N VAL A 72 3.50 1.64 13.11
CA VAL A 72 4.53 1.98 12.13
C VAL A 72 5.48 0.81 11.91
N LEU A 73 6.10 0.34 12.99
CA LEU A 73 7.03 -0.77 12.92
C LEU A 73 6.55 -1.83 11.94
N CYS A 74 5.41 -2.44 12.26
CA CYS A 74 4.83 -3.48 11.41
C CYS A 74 4.78 -3.02 9.96
N ALA A 75 4.35 -1.77 9.76
CA ALA A 75 4.24 -1.21 8.42
C ALA A 75 5.57 -1.31 7.67
N GLN A 76 6.66 -1.07 8.39
CA GLN A 76 7.99 -1.14 7.78
C GLN A 76 8.22 -2.50 7.14
N LYS A 77 8.13 -3.56 7.93
CA LYS A 77 8.33 -4.91 7.43
C LYS A 77 7.26 -5.27 6.40
N ALA A 78 6.00 -5.06 6.76
CA ALA A 78 4.89 -5.36 5.86
C ALA A 78 5.14 -4.78 4.47
N LYS A 79 5.49 -3.49 4.43
CA LYS A 79 5.75 -2.82 3.17
C LYS A 79 6.79 -3.58 2.35
N ALA A 80 7.93 -3.84 2.96
CA ALA A 80 9.02 -4.56 2.29
C ALA A 80 8.52 -5.88 1.73
N ALA A 81 8.22 -6.84 2.61
CA ALA A 81 7.74 -8.14 2.20
C ALA A 81 6.71 -8.01 1.08
N LEU A 82 5.82 -7.04 1.20
CA LEU A 82 4.79 -6.81 0.20
C LEU A 82 5.35 -6.06 -1.00
N ASN A 83 6.44 -5.34 -0.79
CA ASN A 83 7.08 -4.57 -1.86
C ASN A 83 7.53 -5.49 -2.99
N GLY A 84 6.77 -5.48 -4.09
CA GLY A 84 7.10 -6.31 -5.23
C GLY A 84 6.72 -7.77 -5.01
N ALA A 85 5.75 -7.99 -4.14
CA ALA A 85 5.28 -9.35 -3.85
C ALA A 85 4.26 -9.81 -4.88
N ASP A 86 4.76 -10.50 -5.91
CA ASP A 86 3.89 -11.01 -6.97
C ASP A 86 2.75 -11.84 -6.39
N ILE A 87 1.52 -11.38 -6.60
CA ILE A 87 0.35 -12.07 -6.10
C ILE A 87 -0.17 -13.08 -7.11
N TYR A 88 -0.15 -12.68 -8.38
CA TYR A 88 -0.63 -13.55 -9.46
C TYR A 88 0.51 -13.87 -10.43
N ALA A 89 0.23 -14.76 -11.38
CA ALA A 89 1.22 -15.16 -12.37
C ALA A 89 1.81 -13.94 -13.07
N GLY A 90 3.03 -13.58 -12.68
CA GLY A 90 3.69 -12.43 -13.28
C GLY A 90 2.72 -11.33 -13.65
N CYS A 91 2.00 -10.82 -12.65
CA CYS A 91 1.03 -9.75 -12.87
C CYS A 91 0.45 -9.26 -11.54
N CYS A 92 -0.18 -8.10 -11.58
CA CYS A 92 -0.79 -7.53 -10.38
C CYS A 92 0.27 -7.29 -9.30
N THR A 93 1.41 -6.74 -9.70
CA THR A 93 2.50 -6.47 -8.78
C THR A 93 2.05 -5.51 -7.68
N LEU A 94 2.66 -5.65 -6.50
CA LEU A 94 2.33 -4.80 -5.35
C LEU A 94 3.24 -3.58 -5.30
N LYS A 95 2.70 -2.42 -5.67
CA LYS A 95 3.47 -1.18 -5.66
C LYS A 95 3.06 -0.31 -4.47
N ILE A 96 3.64 -0.61 -3.31
CA ILE A 96 3.34 0.16 -2.10
C ILE A 96 3.95 1.56 -2.18
N GLU A 97 3.22 2.53 -1.64
CA GLU A 97 3.68 3.91 -1.64
C GLU A 97 3.15 4.66 -0.42
N TYR A 98 4.07 5.20 0.37
CA TYR A 98 3.71 5.95 1.57
C TYR A 98 2.63 6.98 1.26
N ALA A 99 1.39 6.66 1.61
CA ALA A 99 0.27 7.56 1.38
C ALA A 99 0.47 8.89 2.11
N ARG A 100 0.21 9.99 1.42
CA ARG A 100 0.36 11.32 2.01
C ARG A 100 -0.53 11.47 3.23
N PRO A 101 -1.79 11.02 3.11
CA PRO A 101 -2.77 11.10 4.21
C PRO A 101 -2.58 9.98 5.22
N THR A 102 -2.82 10.30 6.50
CA THR A 102 -2.68 9.33 7.57
C THR A 102 -4.04 8.98 8.16
N ARG A 103 -5.06 8.96 7.32
CA ARG A 103 -6.41 8.64 7.78
C ARG A 103 -7.18 7.86 6.71
N LEU A 104 -8.00 6.91 7.15
CA LEU A 104 -8.78 6.08 6.24
C LEU A 104 -10.23 6.01 6.68
N ASN A 105 -11.13 6.57 5.87
CA ASN A 105 -12.55 6.58 6.17
C ASN A 105 -13.23 5.32 5.62
N VAL A 106 -14.07 4.71 6.45
CA VAL A 106 -14.78 3.49 6.05
C VAL A 106 -16.24 3.55 6.49
N ILE A 107 -17.14 3.57 5.52
CA ILE A 107 -18.58 3.61 5.80
C ILE A 107 -19.12 2.21 6.09
N ARG A 108 -18.97 1.32 5.11
CA ARG A 108 -19.45 -0.05 5.26
C ARG A 108 -18.29 -1.04 5.22
N ASN A 109 -18.57 -2.28 5.62
CA ASN A 109 -17.54 -3.32 5.63
C ASN A 109 -17.69 -4.26 4.43
N ASP A 110 -17.93 -3.67 3.27
CA ASP A 110 -18.10 -4.45 2.04
C ASP A 110 -16.74 -4.87 1.47
N ASN A 111 -16.77 -5.76 0.49
CA ASN A 111 -15.54 -6.24 -0.14
C ASN A 111 -14.59 -5.09 -0.43
N ASP A 112 -15.12 -4.03 -1.03
CA ASP A 112 -14.32 -2.85 -1.37
C ASP A 112 -13.40 -2.47 -0.21
N SER A 113 -14.00 -2.16 0.93
CA SER A 113 -13.23 -1.78 2.11
C SER A 113 -13.71 -2.53 3.35
N TRP A 114 -12.77 -2.91 4.22
CA TRP A 114 -13.10 -3.63 5.43
C TRP A 114 -12.25 -3.15 6.60
N ASP A 115 -12.86 -3.07 7.78
CA ASP A 115 -12.15 -2.62 8.98
C ASP A 115 -12.01 -3.77 9.98
N TYR A 116 -10.92 -4.53 9.85
CA TYR A 116 -10.66 -5.65 10.75
C TYR A 116 -10.11 -5.18 12.08
N THR A 117 -10.74 -4.14 12.64
CA THR A 117 -10.32 -3.59 13.92
C THR A 117 -11.48 -3.56 14.91
N LYS A 118 -12.65 -3.17 14.44
CA LYS A 118 -13.84 -3.10 15.28
C LYS A 118 -14.99 -3.90 14.68
N PRO A 119 -15.12 -5.17 15.10
CA PRO A 119 -16.18 -6.06 14.60
C PRO A 119 -17.53 -5.74 15.23
N TYR A 120 -17.51 -5.05 16.36
CA TYR A 120 -18.74 -4.69 17.06
C TYR A 120 -19.09 -3.22 16.83
N LEU A 121 -18.92 -2.76 15.60
CA LEU A 121 -19.22 -1.37 15.24
C LEU A 121 -20.34 -1.30 14.21
N GLY A 122 -21.36 -0.51 14.51
CA GLY A 122 -22.48 -0.37 13.59
C GLY A 122 -23.07 1.02 13.62
N ARG A 123 -24.39 1.11 13.46
CA ARG A 123 -25.07 2.40 13.46
C ARG A 123 -25.16 2.97 14.87
N ARG A 124 -25.51 2.12 15.82
CA ARG A 124 -25.63 2.54 17.22
C ARG A 124 -24.31 2.37 17.94
N GLY A 1 63.61 6.01 -10.08
CA GLY A 1 62.43 6.77 -10.46
C GLY A 1 61.87 6.33 -11.79
N SER A 2 61.84 7.25 -12.75
CA SER A 2 61.31 6.95 -14.09
C SER A 2 59.83 6.62 -14.01
N SER A 3 59.09 7.39 -13.22
CA SER A 3 57.65 7.18 -13.06
C SER A 3 56.86 8.28 -13.73
N GLY A 4 55.54 8.13 -13.76
CA GLY A 4 54.68 9.13 -14.38
C GLY A 4 53.31 8.59 -14.70
N SER A 5 52.28 9.40 -14.42
CA SER A 5 50.90 9.00 -14.67
C SER A 5 49.96 10.19 -14.58
N SER A 6 48.73 10.02 -15.06
CA SER A 6 47.74 11.08 -15.04
C SER A 6 46.33 10.51 -15.10
N GLY A 7 45.34 11.38 -14.97
CA GLY A 7 43.96 10.95 -15.01
C GLY A 7 43.00 12.01 -14.50
N LYS A 8 41.88 12.19 -15.19
CA LYS A 8 40.88 13.17 -14.81
C LYS A 8 39.48 12.56 -14.80
N ARG A 9 38.83 12.58 -13.65
CA ARG A 9 37.49 12.03 -13.52
C ARG A 9 36.72 12.72 -12.40
N ILE A 10 35.41 12.57 -12.40
CA ILE A 10 34.56 13.18 -11.38
C ILE A 10 33.53 12.19 -10.85
N THR A 11 33.70 11.76 -9.61
CA THR A 11 32.79 10.82 -8.99
C THR A 11 31.34 11.27 -9.14
N ARG A 12 30.42 10.35 -8.89
CA ARG A 12 28.99 10.67 -9.00
C ARG A 12 28.44 11.13 -7.65
N PRO A 13 28.10 12.42 -7.57
CA PRO A 13 27.55 13.02 -6.35
C PRO A 13 26.08 12.68 -6.15
N GLY A 14 25.59 12.86 -4.92
CA GLY A 14 24.20 12.57 -4.62
C GLY A 14 23.85 12.88 -3.18
N ASN A 15 23.22 11.93 -2.51
CA ASN A 15 22.81 12.10 -1.13
C ASN A 15 22.69 10.75 -0.42
N THR A 16 22.60 10.79 0.91
CA THR A 16 22.47 9.57 1.70
C THR A 16 21.28 9.65 2.64
N ASP A 17 20.47 8.59 2.65
CA ASP A 17 19.29 8.55 3.51
C ASP A 17 19.23 7.22 4.28
N ASP A 18 18.30 7.14 5.22
CA ASP A 18 18.15 5.93 6.03
C ASP A 18 16.67 5.63 6.28
N PRO A 19 16.32 4.34 6.26
CA PRO A 19 14.95 3.89 6.49
C PRO A 19 14.56 3.92 7.96
N SER A 20 14.09 5.07 8.43
CA SER A 20 13.70 5.22 9.82
C SER A 20 12.19 5.47 9.94
N GLY A 21 11.49 4.54 10.58
CA GLY A 21 10.06 4.68 10.75
C GLY A 21 9.34 4.86 9.42
N GLY A 22 8.29 5.68 9.43
CA GLY A 22 7.54 5.93 8.22
C GLY A 22 6.09 6.29 8.50
N ASN A 23 5.17 5.49 7.98
CA ASN A 23 3.75 5.73 8.18
C ASN A 23 2.99 4.42 8.29
N LYS A 24 2.16 4.30 9.33
CA LYS A 24 1.37 3.10 9.56
C LYS A 24 0.57 2.73 8.31
N VAL A 25 0.02 3.74 7.65
CA VAL A 25 -0.77 3.52 6.44
C VAL A 25 0.12 3.44 5.22
N LEU A 26 -0.30 2.64 4.23
CA LEU A 26 0.46 2.46 3.01
C LEU A 26 -0.47 2.30 1.80
N LEU A 27 -0.25 3.10 0.78
CA LEU A 27 -1.06 3.05 -0.43
C LEU A 27 -0.54 1.97 -1.39
N LEU A 28 -1.38 0.97 -1.65
CA LEU A 28 -1.01 -0.11 -2.55
C LEU A 28 -1.63 0.08 -3.93
N SER A 29 -0.79 0.00 -4.96
CA SER A 29 -1.26 0.18 -6.33
C SER A 29 -0.92 -1.04 -7.18
N ILE A 30 -1.94 -1.79 -7.58
CA ILE A 30 -1.74 -2.98 -8.40
C ILE A 30 -1.44 -2.61 -9.84
N GLN A 31 -0.56 -3.39 -10.48
CA GLN A 31 -0.18 -3.13 -11.87
C GLN A 31 -0.86 -4.13 -12.80
N ASN A 32 -1.35 -3.62 -13.92
CA ASN A 32 -2.03 -4.46 -14.91
C ASN A 32 -2.97 -5.45 -14.22
N PRO A 33 -3.85 -4.93 -13.36
CA PRO A 33 -4.82 -5.75 -12.62
C PRO A 33 -5.50 -6.77 -13.51
N LEU A 34 -5.34 -8.05 -13.17
CA LEU A 34 -5.95 -9.13 -13.94
C LEU A 34 -7.35 -9.43 -13.43
N TYR A 35 -7.47 -9.74 -12.15
CA TYR A 35 -8.76 -10.05 -11.54
C TYR A 35 -9.08 -9.08 -10.43
N PRO A 36 -10.38 -8.73 -10.30
CA PRO A 36 -10.84 -7.79 -9.27
C PRO A 36 -10.26 -8.10 -7.89
N ILE A 37 -9.42 -7.19 -7.40
CA ILE A 37 -8.80 -7.36 -6.10
C ILE A 37 -9.74 -6.94 -4.98
N THR A 38 -10.03 -7.87 -4.07
CA THR A 38 -10.91 -7.58 -2.95
C THR A 38 -10.14 -7.49 -1.64
N VAL A 39 -10.71 -6.80 -0.66
CA VAL A 39 -10.07 -6.65 0.63
C VAL A 39 -9.40 -7.95 1.09
N ASP A 40 -10.06 -9.07 0.79
CA ASP A 40 -9.54 -10.38 1.16
C ASP A 40 -8.14 -10.59 0.58
N VAL A 41 -8.05 -10.56 -0.75
CA VAL A 41 -6.77 -10.74 -1.43
C VAL A 41 -5.63 -10.09 -0.65
N LEU A 42 -5.87 -8.87 -0.19
CA LEU A 42 -4.86 -8.13 0.57
C LEU A 42 -4.81 -8.63 2.02
N TYR A 43 -5.97 -8.93 2.58
CA TYR A 43 -6.05 -9.41 3.95
C TYR A 43 -5.80 -10.91 4.02
N THR A 44 -5.17 -11.44 2.99
CA THR A 44 -4.86 -12.88 2.93
C THR A 44 -3.37 -13.11 2.70
N VAL A 45 -2.77 -12.24 1.90
CA VAL A 45 -1.34 -12.36 1.60
C VAL A 45 -0.51 -11.44 2.49
N CYS A 46 -1.14 -10.38 2.97
CA CYS A 46 -0.47 -9.41 3.84
C CYS A 46 -0.51 -9.86 5.30
N ASN A 47 -1.68 -10.32 5.74
CA ASN A 47 -1.84 -10.79 7.11
C ASN A 47 -0.75 -11.78 7.48
N PRO A 48 -0.53 -12.77 6.61
CA PRO A 48 0.49 -13.80 6.82
C PRO A 48 1.83 -13.22 7.24
N VAL A 49 2.04 -11.95 6.91
CA VAL A 49 3.29 -11.27 7.26
C VAL A 49 3.19 -10.62 8.63
N GLY A 50 2.14 -9.86 8.85
CA GLY A 50 1.94 -9.18 10.13
C GLY A 50 0.49 -9.08 10.52
N LYS A 51 0.05 -7.86 10.84
CA LYS A 51 -1.34 -7.63 11.23
C LYS A 51 -1.94 -6.47 10.44
N VAL A 52 -3.13 -6.68 9.90
CA VAL A 52 -3.82 -5.66 9.12
C VAL A 52 -5.01 -5.09 9.89
N GLN A 53 -5.03 -3.77 10.05
CA GLN A 53 -6.11 -3.11 10.77
C GLN A 53 -7.33 -2.95 9.87
N ARG A 54 -7.22 -2.06 8.88
CA ARG A 54 -8.31 -1.81 7.95
C ARG A 54 -7.81 -1.77 6.52
N ILE A 55 -8.73 -1.96 5.57
CA ILE A 55 -8.37 -1.94 4.15
C ILE A 55 -9.41 -1.17 3.34
N VAL A 56 -8.93 -0.35 2.41
CA VAL A 56 -9.81 0.45 1.56
C VAL A 56 -9.34 0.42 0.11
N ILE A 57 -10.10 -0.26 -0.73
CA ILE A 57 -9.78 -0.37 -2.15
C ILE A 57 -10.60 0.61 -2.98
N PHE A 58 -9.98 1.73 -3.35
CA PHE A 58 -10.66 2.74 -4.15
C PHE A 58 -10.16 2.72 -5.59
N LYS A 59 -11.09 2.78 -6.53
CA LYS A 59 -10.75 2.77 -7.96
C LYS A 59 -10.78 4.18 -8.53
N ARG A 60 -9.71 4.93 -8.27
CA ARG A 60 -9.61 6.31 -8.76
C ARG A 60 -8.33 6.49 -9.59
N ASN A 61 -8.51 6.74 -10.88
CA ASN A 61 -7.37 6.94 -11.78
C ASN A 61 -6.32 5.85 -11.56
N GLY A 62 -6.76 4.61 -11.45
CA GLY A 62 -5.85 3.50 -11.24
C GLY A 62 -6.16 2.72 -9.98
N ILE A 63 -6.47 1.43 -10.14
CA ILE A 63 -6.78 0.58 -9.01
C ILE A 63 -5.84 0.83 -7.84
N GLN A 64 -6.35 1.48 -6.80
CA GLN A 64 -5.55 1.78 -5.62
C GLN A 64 -6.25 1.31 -4.35
N ALA A 65 -5.47 0.83 -3.39
CA ALA A 65 -6.01 0.35 -2.12
C ALA A 65 -5.08 0.68 -0.96
N MET A 66 -5.57 1.49 -0.02
CA MET A 66 -4.77 1.88 1.13
C MET A 66 -4.98 0.89 2.28
N VAL A 67 -3.88 0.38 2.81
CA VAL A 67 -3.94 -0.57 3.92
C VAL A 67 -3.21 -0.03 5.15
N GLU A 68 -3.76 -0.31 6.32
CA GLU A 68 -3.17 0.15 7.57
C GLU A 68 -2.54 -1.02 8.34
N PHE A 69 -1.68 -0.69 9.30
CA PHE A 69 -1.01 -1.71 10.10
C PHE A 69 -1.06 -1.35 11.58
N GLU A 70 -0.91 -2.35 12.44
CA GLU A 70 -0.92 -2.15 13.89
C GLU A 70 -0.18 -0.87 14.26
N SER A 71 1.13 -0.85 13.98
CA SER A 71 1.96 0.30 14.29
C SER A 71 2.97 0.56 13.18
N VAL A 72 3.77 1.61 13.35
CA VAL A 72 4.78 1.96 12.36
C VAL A 72 5.71 0.79 12.08
N LEU A 73 6.25 0.20 13.15
CA LEU A 73 7.16 -0.94 13.02
C LEU A 73 6.59 -1.98 12.07
N CYS A 74 5.40 -2.49 12.39
CA CYS A 74 4.74 -3.50 11.57
C CYS A 74 4.71 -3.07 10.10
N ALA A 75 4.38 -1.80 9.88
CA ALA A 75 4.31 -1.26 8.53
C ALA A 75 5.62 -1.46 7.79
N GLN A 76 6.73 -1.30 8.50
CA GLN A 76 8.05 -1.46 7.92
C GLN A 76 8.21 -2.84 7.28
N LYS A 77 8.17 -3.87 8.11
CA LYS A 77 8.30 -5.24 7.63
C LYS A 77 7.22 -5.56 6.59
N ALA A 78 5.97 -5.32 6.96
CA ALA A 78 4.84 -5.57 6.06
C ALA A 78 5.08 -4.95 4.69
N LYS A 79 5.38 -3.66 4.68
CA LYS A 79 5.64 -2.95 3.44
C LYS A 79 6.70 -3.65 2.61
N ALA A 80 7.77 -4.08 3.27
CA ALA A 80 8.86 -4.78 2.59
C ALA A 80 8.33 -5.99 1.81
N ALA A 81 7.83 -6.97 2.54
CA ALA A 81 7.31 -8.18 1.93
C ALA A 81 6.28 -7.85 0.84
N LEU A 82 5.36 -6.95 1.16
CA LEU A 82 4.33 -6.54 0.21
C LEU A 82 4.94 -5.76 -0.94
N ASN A 83 6.05 -5.09 -0.68
CA ASN A 83 6.74 -4.30 -1.71
C ASN A 83 7.30 -5.21 -2.79
N GLY A 84 6.64 -5.24 -3.94
CA GLY A 84 7.10 -6.06 -5.05
C GLY A 84 6.76 -7.52 -4.85
N ALA A 85 5.78 -7.80 -4.00
CA ALA A 85 5.37 -9.17 -3.72
C ALA A 85 4.41 -9.69 -4.79
N ASP A 86 4.96 -10.32 -5.81
CA ASP A 86 4.16 -10.85 -6.90
C ASP A 86 3.00 -11.69 -6.36
N ILE A 87 1.80 -11.38 -6.83
CA ILE A 87 0.60 -12.11 -6.39
C ILE A 87 0.15 -13.11 -7.45
N TYR A 88 0.18 -12.68 -8.70
CA TYR A 88 -0.22 -13.54 -9.81
C TYR A 88 0.94 -13.80 -10.77
N ALA A 89 0.72 -14.67 -11.74
CA ALA A 89 1.75 -14.99 -12.72
C ALA A 89 2.28 -13.73 -13.40
N GLY A 90 3.49 -13.33 -13.02
CA GLY A 90 4.09 -12.15 -13.60
C GLY A 90 3.08 -11.07 -13.90
N CYS A 91 2.37 -10.61 -12.88
CA CYS A 91 1.36 -9.58 -13.05
C CYS A 91 0.78 -9.15 -11.71
N CYS A 92 0.05 -8.04 -11.70
CA CYS A 92 -0.55 -7.52 -10.48
C CYS A 92 0.52 -7.14 -9.47
N THR A 93 1.58 -6.47 -9.94
CA THR A 93 2.67 -6.05 -9.08
C THR A 93 2.18 -5.09 -8.00
N LEU A 94 2.65 -5.30 -6.78
CA LEU A 94 2.27 -4.46 -5.65
C LEU A 94 3.17 -3.24 -5.55
N LYS A 95 2.60 -2.05 -5.73
CA LYS A 95 3.36 -0.81 -5.65
C LYS A 95 2.95 0.00 -4.42
N ILE A 96 3.64 -0.24 -3.31
CA ILE A 96 3.36 0.47 -2.07
C ILE A 96 3.92 1.89 -2.11
N GLU A 97 3.20 2.81 -1.48
CA GLU A 97 3.62 4.20 -1.43
C GLU A 97 3.08 4.91 -0.20
N TYR A 98 3.96 5.25 0.73
CA TYR A 98 3.57 5.92 1.96
C TYR A 98 2.44 6.92 1.70
N ALA A 99 1.23 6.53 2.05
CA ALA A 99 0.06 7.39 1.85
C ALA A 99 0.32 8.78 2.41
N ARG A 100 -0.21 9.80 1.74
CA ARG A 100 -0.05 11.17 2.17
C ARG A 100 -0.64 11.38 3.56
N PRO A 101 -1.84 10.85 3.79
CA PRO A 101 -2.54 10.97 5.07
C PRO A 101 -2.03 9.96 6.09
N THR A 102 -2.11 10.33 7.37
CA THR A 102 -1.66 9.46 8.44
C THR A 102 -2.76 8.48 8.86
N ARG A 103 -4.01 8.85 8.60
CA ARG A 103 -5.14 8.01 8.95
C ARG A 103 -6.06 7.82 7.75
N LEU A 104 -7.08 6.99 7.92
CA LEU A 104 -8.03 6.71 6.85
C LEU A 104 -9.47 6.81 7.36
N ASN A 105 -10.42 6.66 6.45
CA ASN A 105 -11.84 6.74 6.80
C ASN A 105 -12.69 5.93 5.83
N VAL A 106 -13.37 4.91 6.36
CA VAL A 106 -14.21 4.06 5.54
C VAL A 106 -15.69 4.42 5.70
N ILE A 107 -16.24 5.09 4.70
CA ILE A 107 -17.64 5.50 4.72
C ILE A 107 -18.57 4.28 4.78
N ARG A 108 -18.47 3.43 3.77
CA ARG A 108 -19.31 2.24 3.70
C ARG A 108 -18.45 0.98 3.79
N ASN A 109 -19.05 -0.11 4.24
CA ASN A 109 -18.35 -1.38 4.38
C ASN A 109 -18.77 -2.36 3.28
N ASP A 110 -17.90 -2.56 2.31
CA ASP A 110 -18.18 -3.46 1.20
C ASP A 110 -16.90 -4.10 0.67
N ASN A 111 -17.05 -5.13 -0.16
CA ASN A 111 -15.90 -5.82 -0.73
C ASN A 111 -14.75 -4.85 -0.99
N ASP A 112 -15.07 -3.72 -1.61
CA ASP A 112 -14.06 -2.71 -1.92
C ASP A 112 -13.24 -2.36 -0.68
N SER A 113 -13.91 -1.86 0.35
CA SER A 113 -13.25 -1.49 1.60
C SER A 113 -13.95 -2.12 2.80
N TRP A 114 -13.16 -2.70 3.70
CA TRP A 114 -13.71 -3.33 4.89
C TRP A 114 -12.96 -2.87 6.13
N ASP A 115 -13.71 -2.60 7.20
CA ASP A 115 -13.11 -2.15 8.45
C ASP A 115 -13.43 -3.13 9.58
N TYR A 116 -12.40 -3.80 10.09
CA TYR A 116 -12.57 -4.77 11.17
C TYR A 116 -12.45 -4.09 12.53
N THR A 117 -11.28 -3.48 12.78
CA THR A 117 -11.03 -2.80 14.04
C THR A 117 -12.24 -1.97 14.47
N LYS A 118 -12.87 -1.30 13.50
CA LYS A 118 -14.04 -0.48 13.77
C LYS A 118 -15.29 -1.07 13.13
N PRO A 119 -15.87 -2.07 13.80
CA PRO A 119 -17.08 -2.75 13.31
C PRO A 119 -18.35 -1.94 13.59
N TYR A 120 -18.21 -0.90 14.40
CA TYR A 120 -19.34 -0.04 14.74
C TYR A 120 -19.31 1.26 13.93
N LEU A 121 -19.09 1.11 12.62
CA LEU A 121 -19.04 2.27 11.73
C LEU A 121 -20.03 2.11 10.58
N GLY A 122 -20.82 3.15 10.35
CA GLY A 122 -21.81 3.10 9.27
C GLY A 122 -22.52 4.42 9.08
N ARG A 123 -23.62 4.60 9.79
CA ARG A 123 -24.40 5.83 9.70
C ARG A 123 -23.79 6.93 10.54
N ARG A 124 -22.48 7.08 10.45
CA ARG A 124 -21.76 8.09 11.22
C ARG A 124 -22.20 9.50 10.79
N GLY A 1 41.38 3.98 -29.38
CA GLY A 1 40.04 3.96 -28.84
C GLY A 1 40.02 3.88 -27.33
N SER A 2 39.00 4.47 -26.72
CA SER A 2 38.87 4.48 -25.27
C SER A 2 37.45 4.80 -24.85
N SER A 3 37.17 4.68 -23.55
CA SER A 3 35.85 4.96 -23.01
C SER A 3 35.89 5.12 -21.50
N GLY A 4 35.24 6.16 -21.00
CA GLY A 4 35.22 6.40 -19.57
C GLY A 4 34.16 7.41 -19.17
N SER A 5 32.92 7.14 -19.55
CA SER A 5 31.80 8.02 -19.23
C SER A 5 31.25 7.74 -17.83
N SER A 6 31.64 8.57 -16.88
CA SER A 6 31.19 8.41 -15.50
C SER A 6 29.76 7.88 -15.45
N GLY A 7 29.46 7.12 -14.40
CA GLY A 7 28.12 6.56 -14.25
C GLY A 7 27.76 6.31 -12.80
N LYS A 8 27.33 7.36 -12.11
CA LYS A 8 26.95 7.25 -10.71
C LYS A 8 25.55 6.64 -10.58
N ARG A 9 25.47 5.51 -9.87
CA ARG A 9 24.20 4.83 -9.67
C ARG A 9 23.32 5.61 -8.70
N ILE A 10 22.61 6.61 -9.21
CA ILE A 10 21.72 7.42 -8.39
C ILE A 10 22.27 7.56 -6.96
N THR A 11 23.52 7.99 -6.86
CA THR A 11 24.16 8.18 -5.56
C THR A 11 24.15 9.64 -5.14
N ARG A 12 23.05 10.33 -5.42
CA ARG A 12 22.92 11.74 -5.07
C ARG A 12 21.73 11.96 -4.14
N PRO A 13 21.79 13.04 -3.35
CA PRO A 13 20.73 13.39 -2.40
C PRO A 13 19.53 14.04 -3.09
N GLY A 14 18.38 13.99 -2.44
CA GLY A 14 17.17 14.59 -2.99
C GLY A 14 16.11 14.85 -1.95
N ASN A 15 15.26 15.84 -2.20
CA ASN A 15 14.19 16.19 -1.27
C ASN A 15 12.84 15.64 -1.76
N THR A 16 12.13 14.98 -0.85
CA THR A 16 10.83 14.42 -1.18
C THR A 16 9.89 14.45 0.02
N ASP A 17 8.59 14.49 -0.25
CA ASP A 17 7.59 14.53 0.81
C ASP A 17 7.49 13.17 1.50
N ASP A 18 7.46 13.19 2.83
CA ASP A 18 7.37 11.97 3.61
C ASP A 18 6.77 12.25 4.98
N PRO A 19 5.95 11.30 5.47
CA PRO A 19 5.30 11.42 6.79
C PRO A 19 6.24 11.12 7.94
N SER A 20 6.14 11.90 9.01
CA SER A 20 7.00 11.71 10.17
C SER A 20 7.24 10.23 10.44
N GLY A 21 8.51 9.83 10.43
CA GLY A 21 8.86 8.44 10.66
C GLY A 21 7.90 7.49 9.99
N GLY A 22 8.02 7.35 8.68
CA GLY A 22 7.16 6.46 7.94
C GLY A 22 5.68 6.77 8.14
N ASN A 23 4.84 5.77 7.96
CA ASN A 23 3.39 5.94 8.12
C ASN A 23 2.70 4.60 8.33
N LYS A 24 1.62 4.60 9.11
CA LYS A 24 0.88 3.39 9.39
C LYS A 24 0.15 2.91 8.13
N VAL A 25 -0.47 3.84 7.42
CA VAL A 25 -1.21 3.51 6.19
C VAL A 25 -0.25 3.37 5.01
N LEU A 26 -0.55 2.41 4.13
CA LEU A 26 0.28 2.18 2.96
C LEU A 26 -0.58 2.06 1.70
N LEU A 27 -0.25 2.86 0.69
CA LEU A 27 -1.00 2.85 -0.56
C LEU A 27 -0.51 1.73 -1.47
N LEU A 28 -1.37 0.73 -1.69
CA LEU A 28 -1.03 -0.40 -2.53
C LEU A 28 -1.71 -0.30 -3.89
N SER A 29 -0.94 -0.46 -4.96
CA SER A 29 -1.48 -0.38 -6.31
C SER A 29 -1.34 -1.72 -7.03
N ILE A 30 -2.43 -2.15 -7.66
CA ILE A 30 -2.43 -3.42 -8.38
C ILE A 30 -2.08 -3.21 -9.85
N GLN A 31 -0.82 -2.85 -10.10
CA GLN A 31 -0.35 -2.63 -11.47
C GLN A 31 -1.02 -3.60 -12.44
N ASN A 32 -1.33 -3.11 -13.63
CA ASN A 32 -1.98 -3.93 -14.65
C ASN A 32 -3.10 -4.76 -14.04
N PRO A 33 -4.04 -4.09 -13.36
CA PRO A 33 -5.18 -4.75 -12.73
C PRO A 33 -5.86 -5.76 -13.65
N LEU A 34 -5.45 -7.02 -13.56
CA LEU A 34 -6.02 -8.08 -14.39
C LEU A 34 -7.02 -8.92 -13.59
N TYR A 35 -6.63 -9.28 -12.38
CA TYR A 35 -7.49 -10.07 -11.51
C TYR A 35 -8.06 -9.24 -10.38
N PRO A 36 -9.39 -9.33 -10.18
CA PRO A 36 -10.09 -8.58 -9.14
C PRO A 36 -9.42 -8.74 -7.77
N ILE A 37 -9.10 -7.62 -7.14
CA ILE A 37 -8.46 -7.62 -5.83
C ILE A 37 -9.34 -6.96 -4.78
N THR A 38 -9.72 -7.72 -3.76
CA THR A 38 -10.57 -7.22 -2.69
C THR A 38 -9.89 -7.37 -1.33
N VAL A 39 -10.44 -6.71 -0.33
CA VAL A 39 -9.89 -6.76 1.02
C VAL A 39 -9.43 -8.17 1.36
N ASP A 40 -10.14 -9.17 0.85
CA ASP A 40 -9.81 -10.57 1.10
C ASP A 40 -8.41 -10.89 0.57
N VAL A 41 -8.12 -10.40 -0.64
CA VAL A 41 -6.82 -10.64 -1.25
C VAL A 41 -5.70 -9.95 -0.47
N LEU A 42 -5.95 -8.70 -0.09
CA LEU A 42 -4.96 -7.92 0.66
C LEU A 42 -5.04 -8.23 2.15
N TYR A 43 -5.62 -9.39 2.46
CA TYR A 43 -5.76 -9.81 3.86
C TYR A 43 -5.14 -11.19 4.07
N THR A 44 -5.10 -11.98 3.00
CA THR A 44 -4.53 -13.33 3.07
C THR A 44 -3.02 -13.30 2.86
N VAL A 45 -2.56 -12.41 1.99
CA VAL A 45 -1.14 -12.28 1.70
C VAL A 45 -0.47 -11.29 2.65
N CYS A 46 -1.28 -10.41 3.23
CA CYS A 46 -0.77 -9.40 4.16
C CYS A 46 -0.66 -9.97 5.57
N ASN A 47 -1.73 -10.63 6.01
CA ASN A 47 -1.75 -11.22 7.35
C ASN A 47 -0.48 -12.01 7.63
N PRO A 48 -0.08 -12.85 6.67
CA PRO A 48 1.12 -13.68 6.78
C PRO A 48 2.34 -12.87 7.23
N VAL A 49 2.27 -11.55 7.03
CA VAL A 49 3.36 -10.67 7.41
C VAL A 49 3.10 -10.03 8.78
N GLY A 50 1.86 -9.60 9.00
CA GLY A 50 1.50 -8.97 10.25
C GLY A 50 0.01 -9.00 10.51
N LYS A 51 -0.45 -8.10 11.37
CA LYS A 51 -1.87 -8.02 11.70
C LYS A 51 -2.55 -6.88 10.93
N VAL A 52 -3.54 -7.23 10.12
CA VAL A 52 -4.27 -6.24 9.34
C VAL A 52 -5.39 -5.61 10.14
N GLN A 53 -5.48 -4.28 10.09
CA GLN A 53 -6.51 -3.56 10.82
C GLN A 53 -7.72 -3.28 9.93
N ARG A 54 -7.49 -2.54 8.85
CA ARG A 54 -8.55 -2.20 7.91
C ARG A 54 -7.99 -2.01 6.50
N ILE A 55 -8.85 -2.25 5.50
CA ILE A 55 -8.44 -2.11 4.11
C ILE A 55 -9.46 -1.30 3.32
N VAL A 56 -8.98 -0.27 2.63
CA VAL A 56 -9.85 0.59 1.84
C VAL A 56 -9.44 0.57 0.37
N ILE A 57 -10.28 -0.01 -0.47
CA ILE A 57 -10.01 -0.09 -1.90
C ILE A 57 -10.76 0.99 -2.67
N PHE A 58 -10.04 1.72 -3.52
CA PHE A 58 -10.65 2.79 -4.31
C PHE A 58 -10.11 2.77 -5.75
N LYS A 59 -10.81 3.45 -6.64
CA LYS A 59 -10.40 3.51 -8.04
C LYS A 59 -10.16 4.96 -8.47
N ARG A 60 -8.95 5.45 -8.25
CA ARG A 60 -8.59 6.81 -8.61
C ARG A 60 -7.42 6.82 -9.58
N ASN A 61 -7.74 6.75 -10.87
CA ASN A 61 -6.70 6.75 -11.91
C ASN A 61 -5.71 5.62 -11.69
N GLY A 62 -6.23 4.44 -11.34
CA GLY A 62 -5.36 3.30 -11.11
C GLY A 62 -5.79 2.49 -9.89
N ILE A 63 -6.35 1.31 -10.14
CA ILE A 63 -6.79 0.44 -9.06
C ILE A 63 -5.82 0.46 -7.89
N GLN A 64 -6.28 0.99 -6.75
CA GLN A 64 -5.44 1.07 -5.56
C GLN A 64 -6.25 0.74 -4.31
N ALA A 65 -5.57 0.65 -3.17
CA ALA A 65 -6.22 0.34 -1.91
C ALA A 65 -5.30 0.66 -0.73
N MET A 66 -5.77 1.53 0.15
CA MET A 66 -4.99 1.92 1.32
C MET A 66 -5.19 0.92 2.45
N VAL A 67 -4.09 0.35 2.93
CA VAL A 67 -4.14 -0.61 4.03
C VAL A 67 -3.40 -0.11 5.25
N GLU A 68 -4.08 -0.13 6.40
CA GLU A 68 -3.48 0.33 7.65
C GLU A 68 -2.94 -0.85 8.46
N PHE A 69 -1.95 -0.56 9.30
CA PHE A 69 -1.35 -1.60 10.13
C PHE A 69 -1.34 -1.18 11.60
N GLU A 70 -1.12 -2.15 12.48
CA GLU A 70 -1.08 -1.89 13.91
C GLU A 70 -0.29 -0.62 14.22
N SER A 71 1.01 -0.65 13.93
CA SER A 71 1.88 0.49 14.17
C SER A 71 2.85 0.69 13.01
N VAL A 72 3.56 1.82 13.02
CA VAL A 72 4.51 2.13 11.97
C VAL A 72 5.46 0.97 11.74
N LEU A 73 6.11 0.51 12.81
CA LEU A 73 7.05 -0.60 12.71
C LEU A 73 6.55 -1.66 11.73
N CYS A 74 5.36 -2.18 11.99
CA CYS A 74 4.77 -3.20 11.12
C CYS A 74 4.80 -2.77 9.66
N ALA A 75 4.44 -1.51 9.42
CA ALA A 75 4.43 -0.97 8.07
C ALA A 75 5.78 -1.15 7.39
N GLN A 76 6.85 -0.97 8.16
CA GLN A 76 8.21 -1.11 7.65
C GLN A 76 8.41 -2.50 7.03
N LYS A 77 8.26 -3.53 7.86
CA LYS A 77 8.43 -4.90 7.40
C LYS A 77 7.37 -5.26 6.35
N ALA A 78 6.11 -5.06 6.70
CA ALA A 78 5.01 -5.36 5.79
C ALA A 78 5.27 -4.79 4.41
N LYS A 79 5.66 -3.51 4.36
CA LYS A 79 5.94 -2.84 3.09
C LYS A 79 6.92 -3.66 2.25
N ALA A 80 8.04 -4.03 2.85
CA ALA A 80 9.05 -4.82 2.16
C ALA A 80 8.46 -6.13 1.63
N ALA A 81 8.08 -7.01 2.55
CA ALA A 81 7.50 -8.30 2.17
C ALA A 81 6.51 -8.14 1.02
N LEU A 82 5.73 -7.07 1.07
CA LEU A 82 4.75 -6.80 0.03
C LEU A 82 5.37 -6.06 -1.15
N ASN A 83 6.49 -5.39 -0.88
CA ASN A 83 7.19 -4.64 -1.92
C ASN A 83 7.62 -5.57 -3.06
N GLY A 84 6.87 -5.55 -4.14
CA GLY A 84 7.20 -6.39 -5.29
C GLY A 84 6.74 -7.82 -5.10
N ALA A 85 5.80 -8.03 -4.19
CA ALA A 85 5.28 -9.35 -3.92
C ALA A 85 4.27 -9.79 -4.99
N ASP A 86 4.78 -10.46 -6.02
CA ASP A 86 3.92 -10.92 -7.12
C ASP A 86 2.80 -11.80 -6.58
N ILE A 87 1.56 -11.42 -6.89
CA ILE A 87 0.39 -12.17 -6.44
C ILE A 87 -0.08 -13.13 -7.53
N TYR A 88 -0.08 -12.66 -8.77
CA TYR A 88 -0.52 -13.48 -9.89
C TYR A 88 0.63 -13.72 -10.86
N ALA A 89 0.39 -14.57 -11.85
CA ALA A 89 1.39 -14.89 -12.85
C ALA A 89 2.00 -13.63 -13.45
N GLY A 90 3.20 -13.28 -13.01
CA GLY A 90 3.86 -12.08 -13.51
C GLY A 90 2.87 -10.97 -13.83
N CYS A 91 2.15 -10.52 -12.83
CA CYS A 91 1.17 -9.44 -13.01
C CYS A 91 0.57 -9.03 -11.67
N CYS A 92 -0.16 -7.91 -11.69
CA CYS A 92 -0.79 -7.41 -10.46
C CYS A 92 0.25 -7.13 -9.40
N THR A 93 1.32 -6.43 -9.78
CA THR A 93 2.39 -6.10 -8.84
C THR A 93 1.88 -5.22 -7.71
N LEU A 94 2.44 -5.41 -6.52
CA LEU A 94 2.04 -4.63 -5.35
C LEU A 94 2.93 -3.40 -5.18
N LYS A 95 2.48 -2.26 -5.70
CA LYS A 95 3.23 -1.02 -5.59
C LYS A 95 2.84 -0.25 -4.34
N ILE A 96 3.64 -0.40 -3.29
CA ILE A 96 3.37 0.28 -2.03
C ILE A 96 3.94 1.70 -2.05
N GLU A 97 3.17 2.65 -1.52
CA GLU A 97 3.59 4.04 -1.47
C GLU A 97 3.11 4.71 -0.19
N TYR A 98 4.06 5.29 0.55
CA TYR A 98 3.73 5.96 1.80
C TYR A 98 2.60 6.98 1.60
N ALA A 99 1.39 6.57 1.91
CA ALA A 99 0.22 7.44 1.76
C ALA A 99 0.47 8.80 2.41
N ARG A 100 -0.26 9.81 1.95
CA ARG A 100 -0.11 11.17 2.48
C ARG A 100 -0.69 11.25 3.89
N PRO A 101 -2.00 10.96 4.01
CA PRO A 101 -2.70 11.01 5.31
C PRO A 101 -2.30 9.86 6.22
N THR A 102 -2.57 10.01 7.52
CA THR A 102 -2.24 8.99 8.49
C THR A 102 -3.45 8.10 8.80
N ARG A 103 -4.63 8.71 8.78
CA ARG A 103 -5.87 7.97 9.05
C ARG A 103 -6.66 7.76 7.76
N LEU A 104 -7.61 6.83 7.82
CA LEU A 104 -8.45 6.53 6.66
C LEU A 104 -9.92 6.68 7.00
N ASN A 105 -10.78 6.36 6.04
CA ASN A 105 -12.23 6.46 6.24
C ASN A 105 -12.95 5.34 5.49
N VAL A 106 -13.88 4.69 6.17
CA VAL A 106 -14.65 3.60 5.58
C VAL A 106 -16.15 3.88 5.65
N ILE A 107 -16.72 4.29 4.52
CA ILE A 107 -18.14 4.60 4.46
C ILE A 107 -18.98 3.41 4.93
N ARG A 108 -18.87 2.29 4.21
CA ARG A 108 -19.62 1.09 4.56
C ARG A 108 -18.71 -0.14 4.55
N ASN A 109 -19.09 -1.15 5.32
CA ASN A 109 -18.30 -2.38 5.40
C ASN A 109 -18.65 -3.33 4.26
N ASP A 110 -18.06 -3.08 3.10
CA ASP A 110 -18.30 -3.91 1.93
C ASP A 110 -17.00 -4.46 1.36
N ASN A 111 -17.11 -5.38 0.40
CA ASN A 111 -15.93 -5.97 -0.22
C ASN A 111 -14.87 -4.92 -0.50
N ASP A 112 -15.28 -3.81 -1.10
CA ASP A 112 -14.37 -2.72 -1.42
C ASP A 112 -13.47 -2.39 -0.23
N SER A 113 -14.10 -2.06 0.89
CA SER A 113 -13.37 -1.71 2.11
C SER A 113 -14.01 -2.36 3.34
N TRP A 114 -13.17 -2.81 4.26
CA TRP A 114 -13.65 -3.44 5.48
C TRP A 114 -12.89 -2.95 6.70
N ASP A 115 -13.61 -2.66 7.78
CA ASP A 115 -13.00 -2.18 9.01
C ASP A 115 -13.17 -3.19 10.13
N TYR A 116 -12.06 -3.80 10.54
CA TYR A 116 -12.08 -4.79 11.61
C TYR A 116 -11.99 -4.12 12.99
N THR A 117 -11.03 -3.21 13.14
CA THR A 117 -10.86 -2.49 14.40
C THR A 117 -12.20 -2.16 15.04
N LYS A 118 -13.10 -1.58 14.25
CA LYS A 118 -14.41 -1.20 14.75
C LYS A 118 -15.50 -1.87 13.91
N PRO A 119 -15.98 -3.04 14.37
CA PRO A 119 -17.02 -3.79 13.69
C PRO A 119 -18.41 -3.21 13.94
N TYR A 120 -18.50 -2.28 14.88
CA TYR A 120 -19.77 -1.65 15.22
C TYR A 120 -19.83 -0.22 14.69
N LEU A 121 -20.41 -0.06 13.50
CA LEU A 121 -20.53 1.25 12.88
C LEU A 121 -21.97 1.52 12.45
N GLY A 122 -22.47 2.70 12.80
CA GLY A 122 -23.83 3.06 12.44
C GLY A 122 -24.30 4.32 13.14
N ARG A 123 -25.09 4.17 14.19
CA ARG A 123 -25.61 5.30 14.94
C ARG A 123 -24.53 5.88 15.86
N ARG A 124 -23.68 5.01 16.40
CA ARG A 124 -22.61 5.44 17.29
C ARG A 124 -21.48 6.10 16.50
N GLY A 1 50.66 24.57 -32.50
CA GLY A 1 49.85 23.37 -32.49
C GLY A 1 49.99 22.59 -31.20
N SER A 2 48.91 22.54 -30.43
CA SER A 2 48.92 21.81 -29.16
C SER A 2 47.49 21.44 -28.74
N SER A 3 47.34 20.24 -28.20
CA SER A 3 46.03 19.76 -27.76
C SER A 3 46.18 18.74 -26.63
N GLY A 4 45.14 18.61 -25.82
CA GLY A 4 45.17 17.69 -24.70
C GLY A 4 44.94 18.36 -23.37
N SER A 5 43.68 18.44 -22.97
CA SER A 5 43.32 19.09 -21.70
C SER A 5 42.07 18.45 -21.10
N SER A 6 42.07 18.28 -19.78
CA SER A 6 40.94 17.67 -19.09
C SER A 6 40.79 18.26 -17.69
N GLY A 7 39.64 18.00 -17.07
CA GLY A 7 39.39 18.52 -15.74
C GLY A 7 37.91 18.55 -15.41
N LYS A 8 37.39 17.42 -14.93
CA LYS A 8 35.97 17.33 -14.58
C LYS A 8 35.73 16.14 -13.65
N ARG A 9 34.72 16.26 -12.79
CA ARG A 9 34.38 15.19 -11.85
C ARG A 9 32.87 15.04 -11.72
N ILE A 10 32.32 13.98 -12.31
CA ILE A 10 30.89 13.73 -12.26
C ILE A 10 30.48 13.18 -10.89
N THR A 11 29.33 13.63 -10.41
CA THR A 11 28.82 13.19 -9.12
C THR A 11 27.31 13.35 -9.03
N ARG A 12 26.62 12.27 -8.66
CA ARG A 12 25.18 12.28 -8.55
C ARG A 12 24.71 11.39 -7.41
N PRO A 13 23.66 11.82 -6.70
CA PRO A 13 23.09 11.07 -5.58
C PRO A 13 22.23 9.90 -6.04
N GLY A 14 22.13 8.88 -5.19
CA GLY A 14 21.32 7.72 -5.53
C GLY A 14 20.93 6.90 -4.31
N ASN A 15 21.78 5.95 -3.93
CA ASN A 15 21.52 5.11 -2.77
C ASN A 15 21.57 5.92 -1.48
N THR A 16 20.43 6.44 -1.06
CA THR A 16 20.34 7.23 0.16
C THR A 16 19.12 6.84 1.00
N ASP A 17 19.38 6.32 2.19
CA ASP A 17 18.32 5.90 3.08
C ASP A 17 18.70 6.14 4.54
N ASP A 18 17.91 6.95 5.22
CA ASP A 18 18.16 7.28 6.62
C ASP A 18 16.91 7.04 7.47
N PRO A 19 17.12 6.77 8.76
CA PRO A 19 16.03 6.51 9.71
C PRO A 19 14.89 7.52 9.57
N SER A 20 13.81 7.10 8.93
CA SER A 20 12.66 7.97 8.72
C SER A 20 11.41 7.38 9.36
N GLY A 21 10.58 8.24 9.94
CA GLY A 21 9.35 7.78 10.57
C GLY A 21 8.29 7.38 9.57
N GLY A 22 8.21 6.09 9.28
CA GLY A 22 7.23 5.60 8.33
C GLY A 22 5.81 6.00 8.70
N ASN A 23 4.84 5.36 8.08
CA ASN A 23 3.43 5.66 8.35
C ASN A 23 2.60 4.38 8.38
N LYS A 24 1.93 4.14 9.49
CA LYS A 24 1.10 2.96 9.66
C LYS A 24 0.34 2.64 8.36
N VAL A 25 -0.20 3.68 7.73
CA VAL A 25 -0.94 3.53 6.49
C VAL A 25 0.01 3.45 5.29
N LEU A 26 -0.39 2.69 4.28
CA LEU A 26 0.41 2.52 3.08
C LEU A 26 -0.47 2.40 1.84
N LEU A 27 -0.25 3.28 0.87
CA LEU A 27 -1.03 3.26 -0.37
C LEU A 27 -0.52 2.18 -1.31
N LEU A 28 -1.27 1.08 -1.40
CA LEU A 28 -0.91 -0.03 -2.27
C LEU A 28 -1.45 0.18 -3.68
N SER A 29 -0.56 0.11 -4.67
CA SER A 29 -0.93 0.28 -6.06
C SER A 29 -0.67 -0.97 -6.86
N ILE A 30 -1.75 -1.61 -7.32
CA ILE A 30 -1.64 -2.84 -8.11
C ILE A 30 -1.31 -2.53 -9.56
N GLN A 31 -0.16 -2.99 -10.03
CA GLN A 31 0.26 -2.77 -11.41
C GLN A 31 -0.33 -3.82 -12.33
N ASN A 32 -0.87 -3.38 -13.46
CA ASN A 32 -1.48 -4.28 -14.43
C ASN A 32 -2.43 -5.25 -13.76
N PRO A 33 -3.41 -4.69 -13.02
CA PRO A 33 -4.41 -5.49 -12.31
C PRO A 33 -5.44 -6.11 -13.26
N LEU A 34 -5.25 -7.39 -13.57
CA LEU A 34 -6.16 -8.09 -14.46
C LEU A 34 -7.27 -8.80 -13.68
N TYR A 35 -6.89 -9.38 -12.55
CA TYR A 35 -7.85 -10.09 -11.70
C TYR A 35 -8.49 -9.13 -10.70
N PRO A 36 -9.71 -9.47 -10.26
CA PRO A 36 -10.45 -8.66 -9.29
C PRO A 36 -9.89 -8.78 -7.88
N ILE A 37 -9.39 -7.67 -7.35
CA ILE A 37 -8.82 -7.66 -6.01
C ILE A 37 -9.83 -7.15 -4.99
N THR A 38 -9.74 -7.66 -3.76
CA THR A 38 -10.65 -7.27 -2.70
C THR A 38 -9.96 -7.32 -1.34
N VAL A 39 -10.48 -6.54 -0.40
CA VAL A 39 -9.91 -6.50 0.96
C VAL A 39 -9.39 -7.87 1.37
N ASP A 40 -10.07 -8.91 0.94
CA ASP A 40 -9.68 -10.28 1.27
C ASP A 40 -8.33 -10.63 0.62
N VAL A 41 -8.29 -10.59 -0.70
CA VAL A 41 -7.07 -10.89 -1.43
C VAL A 41 -5.85 -10.26 -0.77
N LEU A 42 -5.98 -8.99 -0.40
CA LEU A 42 -4.89 -8.27 0.25
C LEU A 42 -4.61 -8.84 1.63
N TYR A 43 -5.58 -8.71 2.53
CA TYR A 43 -5.43 -9.21 3.90
C TYR A 43 -4.92 -10.65 3.89
N THR A 44 -5.22 -11.37 2.82
CA THR A 44 -4.79 -12.76 2.69
C THR A 44 -3.27 -12.86 2.59
N VAL A 45 -2.68 -12.03 1.73
CA VAL A 45 -1.23 -12.03 1.54
C VAL A 45 -0.56 -11.10 2.53
N CYS A 46 -1.35 -10.24 3.18
CA CYS A 46 -0.82 -9.29 4.15
C CYS A 46 -0.75 -9.93 5.53
N ASN A 47 -1.83 -10.60 5.93
CA ASN A 47 -1.89 -11.25 7.24
C ASN A 47 -0.62 -12.07 7.49
N PRO A 48 -0.22 -12.87 6.49
CA PRO A 48 0.97 -13.72 6.58
C PRO A 48 2.18 -12.96 7.09
N VAL A 49 2.12 -11.63 7.02
CA VAL A 49 3.22 -10.78 7.48
C VAL A 49 2.95 -10.25 8.88
N GLY A 50 1.70 -9.82 9.11
CA GLY A 50 1.34 -9.29 10.41
C GLY A 50 -0.16 -9.25 10.61
N LYS A 51 -0.64 -8.24 11.33
CA LYS A 51 -2.06 -8.09 11.60
C LYS A 51 -2.61 -6.82 10.96
N VAL A 52 -3.56 -6.99 10.06
CA VAL A 52 -4.18 -5.85 9.37
C VAL A 52 -5.27 -5.22 10.22
N GLN A 53 -5.35 -3.88 10.19
CA GLN A 53 -6.34 -3.16 10.97
C GLN A 53 -7.56 -2.83 10.11
N ARG A 54 -7.31 -2.22 8.95
CA ARG A 54 -8.39 -1.85 8.03
C ARG A 54 -7.85 -1.65 6.62
N ILE A 55 -8.72 -1.85 5.63
CA ILE A 55 -8.33 -1.69 4.23
C ILE A 55 -9.36 -0.85 3.48
N VAL A 56 -8.86 0.04 2.62
CA VAL A 56 -9.73 0.90 1.83
C VAL A 56 -9.35 0.87 0.36
N ILE A 57 -10.22 0.27 -0.46
CA ILE A 57 -9.97 0.17 -1.89
C ILE A 57 -10.73 1.26 -2.66
N PHE A 58 -10.07 1.82 -3.67
CA PHE A 58 -10.68 2.86 -4.48
C PHE A 58 -10.21 2.78 -5.93
N LYS A 59 -11.13 2.99 -6.87
CA LYS A 59 -10.81 2.94 -8.29
C LYS A 59 -10.58 4.34 -8.84
N ARG A 60 -9.84 5.16 -8.09
CA ARG A 60 -9.54 6.52 -8.52
C ARG A 60 -8.41 6.54 -9.53
N ASN A 61 -8.76 6.55 -10.81
CA ASN A 61 -7.77 6.57 -11.88
C ASN A 61 -6.92 5.30 -11.85
N GLY A 62 -7.59 4.17 -11.71
CA GLY A 62 -6.88 2.89 -11.67
C GLY A 62 -7.30 2.02 -10.51
N ILE A 63 -6.42 1.12 -10.09
CA ILE A 63 -6.71 0.23 -8.99
C ILE A 63 -5.78 0.48 -7.81
N GLN A 64 -6.29 1.15 -6.79
CA GLN A 64 -5.51 1.46 -5.59
C GLN A 64 -6.27 1.10 -4.32
N ALA A 65 -5.53 0.89 -3.24
CA ALA A 65 -6.14 0.54 -1.96
C ALA A 65 -5.16 0.78 -0.81
N MET A 66 -5.54 1.66 0.10
CA MET A 66 -4.70 1.98 1.25
C MET A 66 -4.88 0.94 2.36
N VAL A 67 -3.78 0.40 2.85
CA VAL A 67 -3.81 -0.60 3.91
C VAL A 67 -3.07 -0.11 5.15
N GLU A 68 -3.74 -0.17 6.29
CA GLU A 68 -3.14 0.26 7.55
C GLU A 68 -2.73 -0.93 8.40
N PHE A 69 -1.68 -0.76 9.20
CA PHE A 69 -1.19 -1.84 10.06
C PHE A 69 -1.27 -1.43 11.53
N GLU A 70 -1.11 -2.40 12.41
CA GLU A 70 -1.16 -2.14 13.85
C GLU A 70 -0.33 -0.91 14.21
N SER A 71 0.97 -1.01 14.00
CA SER A 71 1.89 0.10 14.31
C SER A 71 2.81 0.38 13.13
N VAL A 72 3.66 1.40 13.28
CA VAL A 72 4.59 1.78 12.23
C VAL A 72 5.53 0.63 11.90
N LEU A 73 6.20 0.10 12.91
CA LEU A 73 7.13 -1.01 12.73
C LEU A 73 6.57 -2.03 11.75
N CYS A 74 5.36 -2.52 12.04
CA CYS A 74 4.72 -3.51 11.18
C CYS A 74 4.66 -3.02 9.74
N ALA A 75 4.32 -1.75 9.56
CA ALA A 75 4.23 -1.16 8.23
C ALA A 75 5.54 -1.31 7.47
N GLN A 76 6.65 -1.13 8.17
CA GLN A 76 7.97 -1.25 7.56
C GLN A 76 8.20 -2.67 7.04
N LYS A 77 8.22 -3.63 7.95
CA LYS A 77 8.43 -5.03 7.59
C LYS A 77 7.41 -5.48 6.55
N ALA A 78 6.15 -5.12 6.77
CA ALA A 78 5.08 -5.48 5.85
C ALA A 78 5.28 -4.84 4.49
N LYS A 79 5.68 -3.57 4.49
CA LYS A 79 5.91 -2.84 3.25
C LYS A 79 6.92 -3.57 2.36
N ALA A 80 8.02 -3.99 2.96
CA ALA A 80 9.06 -4.72 2.22
C ALA A 80 8.51 -6.02 1.65
N ALA A 81 8.08 -6.91 2.53
CA ALA A 81 7.54 -8.21 2.12
C ALA A 81 6.52 -8.03 0.99
N LEU A 82 5.74 -6.96 1.07
CA LEU A 82 4.73 -6.69 0.06
C LEU A 82 5.31 -5.87 -1.09
N ASN A 83 6.41 -5.16 -0.81
CA ASN A 83 7.06 -4.34 -1.82
C ASN A 83 7.53 -5.19 -3.00
N GLY A 84 6.77 -5.16 -4.08
CA GLY A 84 7.13 -5.93 -5.26
C GLY A 84 6.77 -7.41 -5.12
N ALA A 85 5.83 -7.70 -4.23
CA ALA A 85 5.40 -9.07 -3.99
C ALA A 85 4.33 -9.48 -4.99
N ASP A 86 4.75 -10.09 -6.10
CA ASP A 86 3.83 -10.53 -7.13
C ASP A 86 2.68 -11.33 -6.53
N ILE A 87 1.48 -11.16 -7.09
CA ILE A 87 0.30 -11.86 -6.61
C ILE A 87 -0.05 -13.04 -7.51
N TYR A 88 0.15 -12.86 -8.81
CA TYR A 88 -0.14 -13.90 -9.78
C TYR A 88 0.94 -13.98 -10.85
N ALA A 89 0.82 -14.95 -11.74
CA ALA A 89 1.79 -15.13 -12.82
C ALA A 89 2.23 -13.78 -13.39
N GLY A 90 3.40 -13.32 -12.99
CA GLY A 90 3.91 -12.04 -13.47
C GLY A 90 2.80 -11.08 -13.82
N CYS A 91 2.15 -10.54 -12.80
CA CYS A 91 1.06 -9.59 -13.00
C CYS A 91 0.55 -9.05 -11.67
N CYS A 92 -0.36 -8.08 -11.73
CA CYS A 92 -0.92 -7.48 -10.54
C CYS A 92 0.15 -7.28 -9.47
N THR A 93 1.31 -6.79 -9.89
CA THR A 93 2.43 -6.57 -8.97
C THR A 93 2.04 -5.55 -7.89
N LEU A 94 2.47 -5.82 -6.66
CA LEU A 94 2.18 -4.94 -5.54
C LEU A 94 3.17 -3.78 -5.49
N LYS A 95 2.63 -2.56 -5.52
CA LYS A 95 3.46 -1.36 -5.47
C LYS A 95 3.06 -0.46 -4.32
N ILE A 96 3.63 -0.71 -3.14
CA ILE A 96 3.31 0.08 -1.96
C ILE A 96 3.92 1.48 -2.07
N GLU A 97 3.18 2.47 -1.57
CA GLU A 97 3.65 3.86 -1.62
C GLU A 97 3.25 4.60 -0.34
N TYR A 98 4.25 5.02 0.43
CA TYR A 98 3.99 5.75 1.68
C TYR A 98 2.83 6.73 1.51
N ALA A 99 1.65 6.34 1.98
CA ALA A 99 0.47 7.18 1.89
C ALA A 99 0.75 8.57 2.46
N ARG A 100 0.03 9.56 1.94
CA ARG A 100 0.20 10.94 2.40
C ARG A 100 -0.41 11.13 3.78
N PRO A 101 -1.71 10.84 3.91
CA PRO A 101 -2.44 10.97 5.18
C PRO A 101 -2.08 9.87 6.16
N THR A 102 -2.34 10.12 7.44
CA THR A 102 -2.05 9.14 8.48
C THR A 102 -3.28 8.32 8.82
N ARG A 103 -4.45 8.95 8.77
CA ARG A 103 -5.69 8.27 9.08
C ARG A 103 -6.49 7.99 7.80
N LEU A 104 -7.31 6.95 7.84
CA LEU A 104 -8.12 6.57 6.69
C LEU A 104 -9.61 6.65 7.02
N ASN A 105 -10.43 6.84 5.99
CA ASN A 105 -11.87 6.93 6.18
C ASN A 105 -12.59 5.79 5.46
N VAL A 106 -13.44 5.07 6.20
CA VAL A 106 -14.17 3.95 5.64
C VAL A 106 -15.64 4.31 5.44
N ILE A 107 -16.02 4.53 4.18
CA ILE A 107 -17.40 4.88 3.86
C ILE A 107 -18.37 3.79 4.32
N ARG A 108 -18.22 2.60 3.77
CA ARG A 108 -19.08 1.48 4.13
C ARG A 108 -18.26 0.23 4.43
N ASN A 109 -18.91 -0.79 4.96
CA ASN A 109 -18.24 -2.04 5.29
C ASN A 109 -18.60 -3.14 4.31
N ASP A 110 -17.70 -3.39 3.36
CA ASP A 110 -17.92 -4.42 2.34
C ASP A 110 -16.62 -4.73 1.60
N ASN A 111 -16.67 -5.76 0.76
CA ASN A 111 -15.49 -6.17 0.00
C ASN A 111 -14.64 -4.96 -0.39
N ASP A 112 -15.30 -3.92 -0.89
CA ASP A 112 -14.61 -2.71 -1.28
C ASP A 112 -13.66 -2.22 -0.19
N SER A 113 -14.20 -2.07 1.02
CA SER A 113 -13.41 -1.61 2.16
C SER A 113 -14.01 -2.10 3.47
N TRP A 114 -13.14 -2.44 4.42
CA TRP A 114 -13.58 -2.93 5.72
C TRP A 114 -12.77 -2.29 6.83
N ASP A 115 -13.39 -2.13 7.99
CA ASP A 115 -12.73 -1.54 9.15
C ASP A 115 -12.90 -2.42 10.39
N TYR A 116 -11.90 -3.25 10.65
CA TYR A 116 -11.94 -4.15 11.80
C TYR A 116 -11.77 -3.37 13.10
N THR A 117 -10.86 -2.39 13.08
CA THR A 117 -10.60 -1.57 14.26
C THR A 117 -11.90 -1.23 14.99
N LYS A 118 -12.97 -1.08 14.23
CA LYS A 118 -14.27 -0.74 14.80
C LYS A 118 -15.36 -1.63 14.22
N PRO A 119 -15.58 -2.80 14.85
CA PRO A 119 -16.60 -3.76 14.42
C PRO A 119 -18.01 -3.33 14.82
N TYR A 120 -18.10 -2.27 15.62
CA TYR A 120 -19.39 -1.77 16.07
C TYR A 120 -19.71 -0.44 15.41
N LEU A 121 -19.41 -0.34 14.12
CA LEU A 121 -19.67 0.88 13.37
C LEU A 121 -20.79 0.67 12.35
N GLY A 122 -21.54 1.73 12.08
CA GLY A 122 -22.64 1.63 11.13
C GLY A 122 -23.91 2.26 11.66
N ARG A 123 -24.51 3.15 10.88
CA ARG A 123 -25.74 3.82 11.28
C ARG A 123 -26.69 2.85 11.97
N ARG A 124 -27.04 1.78 11.27
CA ARG A 124 -27.95 0.77 11.82
C ARG A 124 -27.48 0.31 13.21
N GLY A 1 12.75 41.22 -34.69
CA GLY A 1 13.80 40.78 -33.81
C GLY A 1 13.58 41.24 -32.37
N SER A 2 13.79 40.34 -31.43
CA SER A 2 13.61 40.66 -30.01
C SER A 2 14.34 39.66 -29.13
N SER A 3 15.05 40.16 -28.12
CA SER A 3 15.78 39.31 -27.20
C SER A 3 14.91 38.89 -26.02
N GLY A 4 15.43 37.97 -25.21
CA GLY A 4 14.68 37.49 -24.06
C GLY A 4 14.57 35.99 -24.01
N SER A 5 13.92 35.47 -22.97
CA SER A 5 13.75 34.04 -22.81
C SER A 5 12.61 33.72 -21.86
N SER A 6 11.99 32.55 -22.04
CA SER A 6 10.88 32.14 -21.19
C SER A 6 11.34 31.97 -19.74
N GLY A 7 12.45 31.26 -19.55
CA GLY A 7 12.97 31.03 -18.22
C GLY A 7 13.28 29.57 -17.96
N LYS A 8 14.16 29.31 -17.00
CA LYS A 8 14.53 27.94 -16.64
C LYS A 8 15.25 27.91 -15.30
N ARG A 9 14.82 27.01 -14.42
CA ARG A 9 15.43 26.88 -13.10
C ARG A 9 15.06 25.54 -12.47
N ILE A 10 15.96 25.01 -11.66
CA ILE A 10 15.74 23.73 -10.99
C ILE A 10 14.80 23.89 -9.80
N THR A 11 13.78 23.06 -9.73
CA THR A 11 12.81 23.11 -8.63
C THR A 11 11.80 21.98 -8.73
N ARG A 12 11.57 21.31 -7.61
CA ARG A 12 10.62 20.20 -7.57
C ARG A 12 10.45 19.68 -6.14
N PRO A 13 9.23 19.86 -5.60
CA PRO A 13 8.90 19.43 -4.24
C PRO A 13 8.67 17.92 -4.15
N GLY A 14 8.75 17.39 -2.94
CA GLY A 14 8.56 15.97 -2.75
C GLY A 14 9.61 15.34 -1.85
N ASN A 15 9.63 15.75 -0.59
CA ASN A 15 10.60 15.24 0.37
C ASN A 15 9.90 14.49 1.50
N THR A 16 10.41 13.30 1.81
CA THR A 16 9.83 12.48 2.87
C THR A 16 10.87 12.15 3.94
N ASP A 17 10.98 13.01 4.95
CA ASP A 17 11.93 12.80 6.03
C ASP A 17 11.38 13.33 7.35
N ASP A 18 11.44 12.49 8.39
CA ASP A 18 10.95 12.87 9.71
C ASP A 18 11.62 12.04 10.79
N PRO A 19 11.67 12.61 12.01
CA PRO A 19 12.28 11.93 13.17
C PRO A 19 11.39 10.86 13.75
N SER A 20 10.35 10.49 13.01
CA SER A 20 9.40 9.47 13.45
C SER A 20 9.14 8.46 12.35
N GLY A 21 8.84 7.22 12.74
CA GLY A 21 8.57 6.18 11.76
C GLY A 21 7.79 6.70 10.57
N GLY A 22 7.91 6.00 9.44
CA GLY A 22 7.22 6.42 8.24
C GLY A 22 5.74 6.69 8.49
N ASN A 23 4.90 5.73 8.13
CA ASN A 23 3.45 5.86 8.32
C ASN A 23 2.77 4.50 8.31
N LYS A 24 1.84 4.31 9.23
CA LYS A 24 1.11 3.05 9.33
C LYS A 24 0.35 2.76 8.04
N VAL A 25 -0.28 3.78 7.48
CA VAL A 25 -1.04 3.63 6.25
C VAL A 25 -0.10 3.55 5.04
N LEU A 26 -0.43 2.65 4.12
CA LEU A 26 0.37 2.47 2.91
C LEU A 26 -0.51 2.33 1.68
N LEU A 27 -0.22 3.13 0.66
CA LEU A 27 -0.99 3.11 -0.58
C LEU A 27 -0.50 1.98 -1.49
N LEU A 28 -1.35 0.98 -1.72
CA LEU A 28 -1.01 -0.14 -2.57
C LEU A 28 -1.61 0.03 -3.96
N SER A 29 -0.76 -0.05 -4.99
CA SER A 29 -1.22 0.10 -6.36
C SER A 29 -1.00 -1.21 -7.14
N ILE A 30 -2.11 -1.81 -7.56
CA ILE A 30 -2.05 -3.06 -8.32
C ILE A 30 -1.65 -2.81 -9.77
N GLN A 31 -0.55 -3.43 -10.20
CA GLN A 31 -0.07 -3.27 -11.56
C GLN A 31 -0.86 -4.15 -12.53
N ASN A 32 -1.17 -3.60 -13.70
CA ASN A 32 -1.92 -4.33 -14.71
C ASN A 32 -3.09 -5.08 -14.08
N PRO A 33 -3.92 -4.35 -13.32
CA PRO A 33 -5.09 -4.94 -12.66
C PRO A 33 -5.91 -5.83 -13.59
N LEU A 34 -5.64 -7.13 -13.54
CA LEU A 34 -6.34 -8.09 -14.38
C LEU A 34 -7.25 -8.97 -13.53
N TYR A 35 -6.74 -9.45 -12.41
CA TYR A 35 -7.52 -10.30 -11.52
C TYR A 35 -8.18 -9.48 -10.41
N PRO A 36 -9.45 -9.80 -10.12
CA PRO A 36 -10.22 -9.11 -9.07
C PRO A 36 -9.44 -8.96 -7.77
N ILE A 37 -9.45 -7.76 -7.22
CA ILE A 37 -8.74 -7.49 -5.97
C ILE A 37 -9.69 -6.95 -4.91
N THR A 38 -9.65 -7.55 -3.72
CA THR A 38 -10.50 -7.13 -2.63
C THR A 38 -9.78 -7.25 -1.28
N VAL A 39 -10.38 -6.68 -0.24
CA VAL A 39 -9.80 -6.73 1.09
C VAL A 39 -9.25 -8.12 1.40
N ASP A 40 -9.95 -9.15 0.92
CA ASP A 40 -9.53 -10.52 1.15
C ASP A 40 -8.14 -10.76 0.60
N VAL A 41 -7.88 -10.26 -0.60
CA VAL A 41 -6.58 -10.42 -1.24
C VAL A 41 -5.48 -9.71 -0.45
N LEU A 42 -5.75 -8.46 -0.09
CA LEU A 42 -4.79 -7.67 0.68
C LEU A 42 -4.91 -7.95 2.16
N TYR A 43 -5.44 -9.13 2.51
CA TYR A 43 -5.62 -9.52 3.89
C TYR A 43 -5.07 -10.92 4.14
N THR A 44 -5.24 -11.79 3.15
CA THR A 44 -4.77 -13.17 3.26
C THR A 44 -3.27 -13.25 2.99
N VAL A 45 -2.78 -12.42 2.08
CA VAL A 45 -1.36 -12.40 1.74
C VAL A 45 -0.61 -11.40 2.60
N CYS A 46 -1.34 -10.53 3.27
CA CYS A 46 -0.74 -9.52 4.14
C CYS A 46 -0.53 -10.06 5.54
N ASN A 47 -1.58 -10.68 6.09
CA ASN A 47 -1.51 -11.24 7.43
C ASN A 47 -0.27 -12.11 7.60
N PRO A 48 -0.02 -12.98 6.61
CA PRO A 48 1.14 -13.88 6.62
C PRO A 48 2.43 -13.16 6.97
N VAL A 49 2.45 -11.85 6.77
CA VAL A 49 3.63 -11.04 7.08
C VAL A 49 3.48 -10.34 8.42
N GLY A 50 2.29 -9.84 8.70
CA GLY A 50 2.05 -9.14 9.95
C GLY A 50 0.59 -9.24 10.39
N LYS A 51 0.02 -8.10 10.78
CA LYS A 51 -1.36 -8.05 11.22
C LYS A 51 -2.11 -6.91 10.54
N VAL A 52 -3.10 -7.26 9.73
CA VAL A 52 -3.90 -6.27 9.02
C VAL A 52 -5.09 -5.81 9.87
N GLN A 53 -5.33 -4.51 9.86
CA GLN A 53 -6.43 -3.93 10.63
C GLN A 53 -7.54 -3.44 9.70
N ARG A 54 -7.24 -2.41 8.92
CA ARG A 54 -8.21 -1.84 7.99
C ARG A 54 -7.70 -1.91 6.55
N ILE A 55 -8.63 -2.03 5.61
CA ILE A 55 -8.27 -2.11 4.20
C ILE A 55 -9.27 -1.34 3.34
N VAL A 56 -8.76 -0.36 2.59
CA VAL A 56 -9.60 0.45 1.71
C VAL A 56 -9.18 0.31 0.26
N ILE A 57 -10.15 0.02 -0.60
CA ILE A 57 -9.88 -0.14 -2.03
C ILE A 57 -10.68 0.86 -2.86
N PHE A 58 -9.98 1.76 -3.53
CA PHE A 58 -10.63 2.77 -4.36
C PHE A 58 -10.10 2.72 -5.80
N LYS A 59 -10.73 3.48 -6.68
CA LYS A 59 -10.33 3.52 -8.08
C LYS A 59 -10.05 4.96 -8.52
N ARG A 60 -9.33 5.71 -7.67
CA ARG A 60 -9.00 7.09 -7.98
C ARG A 60 -7.95 7.17 -9.08
N ASN A 61 -8.42 7.37 -10.32
CA ASN A 61 -7.52 7.46 -11.47
C ASN A 61 -6.50 6.32 -11.45
N GLY A 62 -6.97 5.11 -11.14
CA GLY A 62 -6.09 3.96 -11.10
C GLY A 62 -6.41 3.03 -9.95
N ILE A 63 -6.38 1.72 -10.23
CA ILE A 63 -6.67 0.72 -9.21
C ILE A 63 -5.73 0.85 -8.03
N GLN A 64 -6.22 1.46 -6.95
CA GLN A 64 -5.41 1.65 -5.75
C GLN A 64 -6.18 1.23 -4.50
N ALA A 65 -5.45 0.92 -3.43
CA ALA A 65 -6.08 0.51 -2.18
C ALA A 65 -5.17 0.79 -1.00
N MET A 66 -5.61 1.64 -0.09
CA MET A 66 -4.84 1.99 1.10
C MET A 66 -5.02 0.94 2.19
N VAL A 67 -3.90 0.39 2.67
CA VAL A 67 -3.93 -0.61 3.72
C VAL A 67 -3.26 -0.11 4.99
N GLU A 68 -3.99 -0.15 6.10
CA GLU A 68 -3.46 0.31 7.38
C GLU A 68 -2.98 -0.87 8.21
N PHE A 69 -1.91 -0.64 8.98
CA PHE A 69 -1.35 -1.69 9.82
C PHE A 69 -1.40 -1.28 11.29
N GLU A 70 -1.35 -2.27 12.18
CA GLU A 70 -1.39 -2.02 13.62
C GLU A 70 -0.66 -0.72 13.95
N SER A 71 0.65 -0.70 13.74
CA SER A 71 1.45 0.48 14.03
C SER A 71 2.50 0.71 12.94
N VAL A 72 3.10 1.89 12.94
CA VAL A 72 4.11 2.23 11.96
C VAL A 72 5.07 1.07 11.72
N LEU A 73 5.75 0.65 12.78
CA LEU A 73 6.69 -0.46 12.70
C LEU A 73 6.20 -1.52 11.72
N CYS A 74 5.08 -2.13 12.04
CA CYS A 74 4.50 -3.17 11.18
C CYS A 74 4.57 -2.77 9.72
N ALA A 75 4.23 -1.52 9.42
CA ALA A 75 4.25 -1.01 8.06
C ALA A 75 5.61 -1.23 7.42
N GLN A 76 6.67 -1.07 8.21
CA GLN A 76 8.03 -1.26 7.72
C GLN A 76 8.20 -2.65 7.11
N LYS A 77 7.97 -3.68 7.91
CA LYS A 77 8.11 -5.06 7.46
C LYS A 77 7.04 -5.38 6.40
N ALA A 78 5.78 -5.17 6.76
CA ALA A 78 4.68 -5.43 5.83
C ALA A 78 4.96 -4.83 4.46
N LYS A 79 5.37 -3.57 4.44
CA LYS A 79 5.67 -2.88 3.20
C LYS A 79 6.72 -3.63 2.39
N ALA A 80 7.78 -4.08 3.07
CA ALA A 80 8.85 -4.82 2.42
C ALA A 80 8.32 -6.10 1.79
N ALA A 81 7.97 -7.08 2.63
CA ALA A 81 7.46 -8.35 2.16
C ALA A 81 6.48 -8.16 1.00
N LEU A 82 5.65 -7.12 1.10
CA LEU A 82 4.67 -6.81 0.07
C LEU A 82 5.31 -6.05 -1.09
N ASN A 83 6.37 -5.31 -0.79
CA ASN A 83 7.07 -4.53 -1.79
C ASN A 83 7.62 -5.43 -2.90
N GLY A 84 6.91 -5.47 -4.01
CA GLY A 84 7.33 -6.30 -5.13
C GLY A 84 6.97 -7.77 -4.93
N ALA A 85 6.01 -8.03 -4.07
CA ALA A 85 5.58 -9.39 -3.79
C ALA A 85 4.55 -9.86 -4.82
N ASP A 86 5.03 -10.54 -5.86
CA ASP A 86 4.15 -11.04 -6.89
C ASP A 86 3.01 -11.87 -6.31
N ILE A 87 1.78 -11.53 -6.69
CA ILE A 87 0.60 -12.24 -6.20
C ILE A 87 0.04 -13.19 -7.26
N TYR A 88 -0.04 -12.69 -8.48
CA TYR A 88 -0.56 -13.49 -9.58
C TYR A 88 0.54 -13.81 -10.60
N ALA A 89 0.21 -14.63 -11.59
CA ALA A 89 1.16 -15.01 -12.62
C ALA A 89 1.79 -13.78 -13.27
N GLY A 90 3.02 -13.48 -12.90
CA GLY A 90 3.71 -12.32 -13.45
C GLY A 90 2.77 -11.18 -13.75
N CYS A 91 2.05 -10.73 -12.73
CA CYS A 91 1.11 -9.63 -12.89
C CYS A 91 0.50 -9.23 -11.54
N CYS A 92 -0.17 -8.09 -11.52
CA CYS A 92 -0.80 -7.60 -10.30
C CYS A 92 0.25 -7.31 -9.22
N THR A 93 1.36 -6.72 -9.64
CA THR A 93 2.45 -6.39 -8.73
C THR A 93 1.97 -5.45 -7.63
N LEU A 94 2.59 -5.55 -6.45
CA LEU A 94 2.22 -4.71 -5.32
C LEU A 94 3.12 -3.48 -5.25
N LYS A 95 2.58 -2.33 -5.62
CA LYS A 95 3.33 -1.08 -5.59
C LYS A 95 2.96 -0.25 -4.37
N ILE A 96 3.54 -0.60 -3.22
CA ILE A 96 3.27 0.12 -1.99
C ILE A 96 3.87 1.52 -2.02
N GLU A 97 3.14 2.48 -1.46
CA GLU A 97 3.61 3.87 -1.43
C GLU A 97 3.09 4.58 -0.19
N TYR A 98 3.98 4.87 0.74
CA TYR A 98 3.61 5.56 1.98
C TYR A 98 2.56 6.63 1.72
N ALA A 99 1.32 6.34 2.12
CA ALA A 99 0.22 7.28 1.93
C ALA A 99 0.56 8.65 2.50
N ARG A 100 -0.13 9.68 2.01
CA ARG A 100 0.10 11.04 2.47
C ARG A 100 -0.49 11.24 3.86
N PRO A 101 -1.82 11.08 3.97
CA PRO A 101 -2.54 11.25 5.24
C PRO A 101 -2.26 10.10 6.21
N THR A 102 -2.54 10.34 7.49
CA THR A 102 -2.32 9.33 8.52
C THR A 102 -3.59 8.52 8.76
N ARG A 103 -4.75 9.13 8.52
CA ARG A 103 -6.02 8.45 8.71
C ARG A 103 -6.67 8.11 7.37
N LEU A 104 -7.58 7.16 7.39
CA LEU A 104 -8.28 6.73 6.18
C LEU A 104 -9.79 6.93 6.30
N ASN A 105 -10.50 6.73 5.20
CA ASN A 105 -11.95 6.88 5.19
C ASN A 105 -12.64 5.57 4.82
N VAL A 106 -13.46 5.06 5.73
CA VAL A 106 -14.19 3.82 5.51
C VAL A 106 -15.69 4.01 5.66
N ILE A 107 -16.36 4.28 4.56
CA ILE A 107 -17.80 4.49 4.57
C ILE A 107 -18.51 3.42 5.39
N ARG A 108 -18.45 2.18 4.92
CA ARG A 108 -19.08 1.06 5.61
C ARG A 108 -18.36 -0.24 5.31
N ASN A 109 -18.55 -1.23 6.16
CA ASN A 109 -17.93 -2.54 5.99
C ASN A 109 -18.42 -3.22 4.71
N ASP A 110 -17.61 -3.16 3.67
CA ASP A 110 -17.97 -3.77 2.38
C ASP A 110 -16.72 -4.21 1.62
N ASN A 111 -16.92 -4.94 0.53
CA ASN A 111 -15.82 -5.42 -0.29
C ASN A 111 -14.81 -4.31 -0.53
N ASP A 112 -15.29 -3.18 -1.03
CA ASP A 112 -14.42 -2.04 -1.32
C ASP A 112 -13.47 -1.77 -0.15
N SER A 113 -14.03 -1.62 1.04
CA SER A 113 -13.24 -1.36 2.24
C SER A 113 -13.83 -2.07 3.44
N TRP A 114 -12.96 -2.61 4.29
CA TRP A 114 -13.39 -3.31 5.49
C TRP A 114 -12.71 -2.74 6.74
N ASP A 115 -13.43 -2.74 7.86
CA ASP A 115 -12.90 -2.22 9.11
C ASP A 115 -13.05 -3.25 10.22
N TYR A 116 -12.02 -4.07 10.42
CA TYR A 116 -12.03 -5.09 11.44
C TYR A 116 -11.99 -4.47 12.84
N THR A 117 -11.02 -3.57 13.04
CA THR A 117 -10.86 -2.91 14.33
C THR A 117 -12.22 -2.65 14.99
N LYS A 118 -13.14 -2.08 14.22
CA LYS A 118 -14.48 -1.79 14.74
C LYS A 118 -15.53 -2.65 14.05
N PRO A 119 -15.75 -3.85 14.59
CA PRO A 119 -16.73 -4.81 14.05
C PRO A 119 -18.16 -4.44 14.44
N TYR A 120 -18.31 -3.38 15.21
CA TYR A 120 -19.62 -2.93 15.66
C TYR A 120 -20.04 -1.67 14.91
N LEU A 121 -19.87 -1.69 13.60
CA LEU A 121 -20.23 -0.55 12.76
C LEU A 121 -21.50 -0.85 11.96
N GLY A 122 -22.47 -1.47 12.61
CA GLY A 122 -23.72 -1.81 11.94
C GLY A 122 -24.61 -0.59 11.75
N ARG A 123 -25.56 -0.70 10.82
CA ARG A 123 -26.48 0.39 10.55
C ARG A 123 -27.48 0.57 11.68
N ARG A 124 -27.05 1.19 12.77
CA ARG A 124 -27.90 1.41 13.92
C ARG A 124 -28.50 2.81 13.89
N GLY A 1 50.49 -20.42 -8.13
CA GLY A 1 49.94 -19.35 -7.34
C GLY A 1 48.71 -18.72 -7.96
N SER A 2 47.86 -18.12 -7.13
CA SER A 2 46.65 -17.49 -7.61
C SER A 2 46.22 -16.36 -6.68
N SER A 3 45.92 -15.20 -7.28
CA SER A 3 45.50 -14.03 -6.50
C SER A 3 44.42 -13.25 -7.23
N GLY A 4 43.70 -12.40 -6.50
CA GLY A 4 42.65 -11.62 -7.10
C GLY A 4 41.70 -11.04 -6.07
N SER A 5 41.94 -9.80 -5.66
CA SER A 5 41.10 -9.15 -4.65
C SER A 5 40.56 -7.82 -5.19
N SER A 6 39.31 -7.85 -5.67
CA SER A 6 38.69 -6.65 -6.21
C SER A 6 37.36 -6.37 -5.50
N GLY A 7 36.96 -5.10 -5.51
CA GLY A 7 35.72 -4.72 -4.86
C GLY A 7 35.93 -3.72 -3.75
N LYS A 8 36.74 -2.69 -4.03
CA LYS A 8 37.02 -1.66 -3.03
C LYS A 8 35.82 -0.74 -2.85
N ARG A 9 34.90 -1.13 -1.96
CA ARG A 9 33.72 -0.35 -1.69
C ARG A 9 33.45 -0.25 -0.19
N ILE A 10 33.87 0.86 0.41
CA ILE A 10 33.69 1.07 1.84
C ILE A 10 32.31 0.61 2.29
N THR A 11 32.29 -0.29 3.28
CA THR A 11 31.03 -0.82 3.81
C THR A 11 31.15 -1.12 5.29
N ARG A 12 30.54 -0.25 6.11
CA ARG A 12 30.56 -0.42 7.56
C ARG A 12 29.88 -1.73 7.96
N PRO A 13 30.28 -2.25 9.14
CA PRO A 13 29.71 -3.50 9.66
C PRO A 13 28.29 -3.33 10.20
N GLY A 14 27.96 -2.09 10.56
CA GLY A 14 26.63 -1.81 11.08
C GLY A 14 26.46 -0.36 11.47
N ASN A 15 26.18 0.50 10.49
CA ASN A 15 26.00 1.92 10.74
C ASN A 15 24.54 2.23 11.05
N THR A 16 24.33 3.11 12.04
CA THR A 16 22.98 3.49 12.44
C THR A 16 22.31 4.35 11.37
N ASP A 17 21.22 3.83 10.80
CA ASP A 17 20.50 4.57 9.77
C ASP A 17 19.07 4.88 10.23
N ASP A 18 18.82 6.15 10.53
CA ASP A 18 17.49 6.57 10.97
C ASP A 18 16.58 6.86 9.79
N PRO A 19 15.54 6.03 9.63
CA PRO A 19 14.58 6.17 8.53
C PRO A 19 14.12 7.62 8.34
N SER A 20 13.45 7.88 7.23
CA SER A 20 12.96 9.22 6.93
C SER A 20 11.50 9.37 7.33
N GLY A 21 11.14 8.83 8.50
CA GLY A 21 9.77 8.91 8.97
C GLY A 21 8.85 7.95 8.25
N GLY A 22 8.27 7.01 8.99
CA GLY A 22 7.37 6.05 8.39
C GLY A 22 5.93 6.24 8.84
N ASN A 23 5.05 5.37 8.36
CA ASN A 23 3.64 5.44 8.72
C ASN A 23 3.00 4.05 8.71
N LYS A 24 1.88 3.92 9.42
CA LYS A 24 1.17 2.65 9.50
C LYS A 24 0.43 2.36 8.20
N VAL A 25 -0.19 3.39 7.64
CA VAL A 25 -0.94 3.24 6.39
C VAL A 25 0.01 3.22 5.19
N LEU A 26 -0.32 2.41 4.20
CA LEU A 26 0.50 2.29 2.99
C LEU A 26 -0.38 2.18 1.75
N LEU A 27 -0.06 2.98 0.74
CA LEU A 27 -0.83 2.97 -0.52
C LEU A 27 -0.38 1.82 -1.42
N LEU A 28 -1.26 0.85 -1.60
CA LEU A 28 -0.95 -0.31 -2.45
C LEU A 28 -1.62 -0.17 -3.81
N SER A 29 -0.83 -0.32 -4.87
CA SER A 29 -1.35 -0.21 -6.23
C SER A 29 -1.21 -1.54 -6.97
N ILE A 30 -2.24 -1.90 -7.72
CA ILE A 30 -2.24 -3.15 -8.48
C ILE A 30 -1.89 -2.90 -9.94
N GLN A 31 -0.95 -3.68 -10.46
CA GLN A 31 -0.52 -3.55 -11.84
C GLN A 31 -1.29 -4.53 -12.74
N ASN A 32 -1.77 -4.02 -13.86
CA ASN A 32 -2.52 -4.84 -14.81
C ASN A 32 -3.56 -5.70 -14.08
N PRO A 33 -4.41 -5.05 -13.28
CA PRO A 33 -5.45 -5.72 -12.51
C PRO A 33 -6.22 -6.74 -13.36
N LEU A 34 -5.67 -7.95 -13.45
CA LEU A 34 -6.30 -9.01 -14.22
C LEU A 34 -7.71 -9.30 -13.70
N TYR A 35 -7.79 -9.70 -12.43
CA TYR A 35 -9.07 -10.01 -11.81
C TYR A 35 -9.36 -9.06 -10.65
N PRO A 36 -10.65 -8.75 -10.46
CA PRO A 36 -11.09 -7.85 -9.39
C PRO A 36 -10.46 -8.19 -8.04
N ILE A 37 -9.64 -7.27 -7.53
CA ILE A 37 -8.96 -7.48 -6.25
C ILE A 37 -9.84 -7.01 -5.09
N THR A 38 -10.16 -7.95 -4.20
CA THR A 38 -10.99 -7.63 -3.04
C THR A 38 -10.15 -7.55 -1.77
N VAL A 39 -10.70 -6.90 -0.74
CA VAL A 39 -10.00 -6.75 0.53
C VAL A 39 -9.30 -8.05 0.92
N ASP A 40 -9.96 -9.17 0.69
CA ASP A 40 -9.41 -10.47 1.02
C ASP A 40 -8.05 -10.66 0.36
N VAL A 41 -8.03 -10.62 -0.97
CA VAL A 41 -6.79 -10.79 -1.72
C VAL A 41 -5.62 -10.11 -1.02
N LEU A 42 -5.89 -8.96 -0.41
CA LEU A 42 -4.86 -8.22 0.30
C LEU A 42 -4.76 -8.66 1.76
N TYR A 43 -5.90 -9.07 2.31
CA TYR A 43 -5.95 -9.53 3.70
C TYR A 43 -5.58 -10.99 3.81
N THR A 44 -4.84 -11.48 2.82
CA THR A 44 -4.40 -12.88 2.80
C THR A 44 -2.89 -12.98 2.66
N VAL A 45 -2.30 -12.11 1.84
CA VAL A 45 -0.87 -12.10 1.63
C VAL A 45 -0.17 -11.12 2.57
N CYS A 46 -0.96 -10.23 3.17
CA CYS A 46 -0.42 -9.23 4.09
C CYS A 46 -0.38 -9.78 5.52
N ASN A 47 -1.49 -10.38 5.94
CA ASN A 47 -1.58 -10.94 7.29
C ASN A 47 -0.39 -11.85 7.58
N PRO A 48 -0.06 -12.72 6.62
CA PRO A 48 1.06 -13.66 6.75
C PRO A 48 2.33 -12.98 7.24
N VAL A 49 2.42 -11.67 7.03
CA VAL A 49 3.58 -10.90 7.46
C VAL A 49 3.34 -10.23 8.80
N GLY A 50 2.16 -9.61 8.94
CA GLY A 50 1.82 -8.94 10.18
C GLY A 50 0.34 -9.01 10.50
N LYS A 51 -0.19 -7.95 11.09
CA LYS A 51 -1.60 -7.89 11.45
C LYS A 51 -2.28 -6.69 10.80
N VAL A 52 -3.17 -6.96 9.86
CA VAL A 52 -3.90 -5.91 9.17
C VAL A 52 -5.06 -5.40 10.00
N GLN A 53 -5.30 -4.09 9.96
CA GLN A 53 -6.39 -3.48 10.71
C GLN A 53 -7.58 -3.18 9.81
N ARG A 54 -7.35 -2.33 8.80
CA ARG A 54 -8.40 -1.96 7.86
C ARG A 54 -7.85 -1.87 6.44
N ILE A 55 -8.73 -2.01 5.46
CA ILE A 55 -8.35 -1.93 4.06
C ILE A 55 -9.40 -1.23 3.22
N VAL A 56 -8.96 -0.37 2.31
CA VAL A 56 -9.88 0.36 1.45
C VAL A 56 -9.48 0.22 -0.03
N ILE A 57 -10.46 -0.03 -0.87
CA ILE A 57 -10.21 -0.19 -2.31
C ILE A 57 -10.90 0.91 -3.10
N PHE A 58 -10.12 1.83 -3.64
CA PHE A 58 -10.66 2.93 -4.42
C PHE A 58 -10.18 2.85 -5.87
N LYS A 59 -10.84 3.59 -6.76
CA LYS A 59 -10.48 3.62 -8.16
C LYS A 59 -10.14 5.02 -8.63
N ARG A 60 -9.38 5.74 -7.81
CA ARG A 60 -9.00 7.11 -8.13
C ARG A 60 -7.62 7.14 -8.81
N ASN A 61 -7.63 7.40 -10.12
CA ASN A 61 -6.39 7.46 -10.89
C ASN A 61 -5.75 6.08 -10.99
N GLY A 62 -6.58 5.06 -11.27
CA GLY A 62 -6.07 3.71 -11.40
C GLY A 62 -6.43 2.85 -10.20
N ILE A 63 -6.57 1.55 -10.44
CA ILE A 63 -6.92 0.62 -9.36
C ILE A 63 -5.92 0.69 -8.22
N GLN A 64 -6.39 1.16 -7.06
CA GLN A 64 -5.53 1.29 -5.89
C GLN A 64 -6.30 0.91 -4.62
N ALA A 65 -5.55 0.69 -3.54
CA ALA A 65 -6.16 0.32 -2.26
C ALA A 65 -5.24 0.67 -1.09
N MET A 66 -5.76 1.45 -0.16
CA MET A 66 -4.98 1.87 1.01
C MET A 66 -5.12 0.85 2.14
N VAL A 67 -3.99 0.34 2.61
CA VAL A 67 -3.99 -0.64 3.69
C VAL A 67 -3.38 -0.07 4.96
N GLU A 68 -3.99 -0.36 6.10
CA GLU A 68 -3.52 0.13 7.38
C GLU A 68 -3.04 -1.01 8.26
N PHE A 69 -1.95 -0.78 8.98
CA PHE A 69 -1.39 -1.80 9.87
C PHE A 69 -1.49 -1.36 11.33
N GLU A 70 -1.36 -2.33 12.24
CA GLU A 70 -1.43 -2.04 13.67
C GLU A 70 -0.69 -0.74 14.00
N SER A 71 0.63 -0.76 13.81
CA SER A 71 1.45 0.42 14.09
C SER A 71 2.48 0.64 12.99
N VAL A 72 3.24 1.72 13.11
CA VAL A 72 4.26 2.05 12.11
C VAL A 72 5.26 0.90 11.96
N LEU A 73 5.87 0.51 13.06
CA LEU A 73 6.85 -0.58 13.04
C LEU A 73 6.42 -1.68 12.07
N CYS A 74 5.21 -2.18 12.26
CA CYS A 74 4.67 -3.23 11.40
C CYS A 74 4.79 -2.85 9.93
N ALA A 75 4.39 -1.63 9.61
CA ALA A 75 4.46 -1.14 8.23
C ALA A 75 5.87 -1.30 7.67
N GLN A 76 6.87 -1.06 8.51
CA GLN A 76 8.26 -1.16 8.09
C GLN A 76 8.55 -2.55 7.50
N LYS A 77 8.42 -3.57 8.33
CA LYS A 77 8.66 -4.94 7.89
C LYS A 77 7.70 -5.34 6.78
N ALA A 78 6.41 -5.27 7.05
CA ALA A 78 5.39 -5.60 6.07
C ALA A 78 5.68 -4.95 4.72
N LYS A 79 5.95 -3.65 4.76
CA LYS A 79 6.25 -2.91 3.53
C LYS A 79 7.28 -3.64 2.69
N ALA A 80 8.42 -3.96 3.30
CA ALA A 80 9.49 -4.66 2.60
C ALA A 80 8.98 -5.93 1.95
N ALA A 81 8.56 -6.89 2.77
CA ALA A 81 8.04 -8.15 2.28
C ALA A 81 7.10 -7.94 1.09
N LEU A 82 6.23 -6.95 1.21
CA LEU A 82 5.28 -6.64 0.15
C LEU A 82 5.94 -5.88 -0.97
N ASN A 83 7.06 -5.23 -0.66
CA ASN A 83 7.81 -4.46 -1.65
C ASN A 83 8.18 -5.33 -2.85
N GLY A 84 7.40 -5.22 -3.92
CA GLY A 84 7.66 -6.00 -5.12
C GLY A 84 7.17 -7.44 -4.99
N ALA A 85 6.26 -7.66 -4.06
CA ALA A 85 5.70 -9.00 -3.84
C ALA A 85 4.53 -9.26 -4.76
N ASP A 86 4.80 -9.92 -5.88
CA ASP A 86 3.76 -10.24 -6.85
C ASP A 86 2.78 -11.26 -6.29
N ILE A 87 1.56 -11.27 -6.81
CA ILE A 87 0.53 -12.20 -6.35
C ILE A 87 0.16 -13.18 -7.45
N TYR A 88 -0.20 -12.65 -8.62
CA TYR A 88 -0.59 -13.48 -9.76
C TYR A 88 0.60 -13.70 -10.69
N ALA A 89 0.40 -14.57 -11.67
CA ALA A 89 1.46 -14.88 -12.65
C ALA A 89 2.00 -13.60 -13.27
N GLY A 90 3.23 -13.23 -12.89
CA GLY A 90 3.84 -12.04 -13.42
C GLY A 90 2.83 -10.93 -13.70
N CYS A 91 1.98 -10.68 -12.72
CA CYS A 91 0.95 -9.64 -12.85
C CYS A 91 0.43 -9.22 -11.49
N CYS A 92 -0.47 -8.24 -11.49
CA CYS A 92 -1.05 -7.73 -10.24
C CYS A 92 0.03 -7.43 -9.22
N THR A 93 1.10 -6.77 -9.68
CA THR A 93 2.22 -6.42 -8.81
C THR A 93 1.77 -5.44 -7.72
N LEU A 94 2.33 -5.59 -6.52
CA LEU A 94 2.00 -4.73 -5.40
C LEU A 94 2.98 -3.57 -5.30
N LYS A 95 2.45 -2.34 -5.34
CA LYS A 95 3.27 -1.15 -5.25
C LYS A 95 2.94 -0.36 -3.99
N ILE A 96 3.75 -0.53 -2.95
CA ILE A 96 3.54 0.17 -1.70
C ILE A 96 4.06 1.60 -1.78
N GLU A 97 3.30 2.53 -1.19
CA GLU A 97 3.68 3.94 -1.20
C GLU A 97 3.14 4.65 0.04
N TYR A 98 4.05 5.10 0.89
CA TYR A 98 3.68 5.80 2.12
C TYR A 98 2.53 6.77 1.86
N ALA A 99 1.32 6.38 2.26
CA ALA A 99 0.15 7.22 2.07
C ALA A 99 0.35 8.59 2.69
N ARG A 100 -0.44 9.56 2.24
CA ARG A 100 -0.35 10.92 2.75
C ARG A 100 -0.95 11.02 4.15
N PRO A 101 -2.25 10.73 4.27
CA PRO A 101 -2.95 10.78 5.55
C PRO A 101 -2.56 9.63 6.47
N THR A 102 -2.76 9.84 7.77
CA THR A 102 -2.42 8.81 8.77
C THR A 102 -3.62 7.94 9.08
N ARG A 103 -4.81 8.54 9.09
CA ARG A 103 -6.03 7.80 9.38
C ARG A 103 -6.87 7.62 8.12
N LEU A 104 -7.60 6.52 8.05
CA LEU A 104 -8.44 6.22 6.89
C LEU A 104 -9.91 6.15 7.30
N ASN A 105 -10.79 6.50 6.36
CA ASN A 105 -12.23 6.48 6.61
C ASN A 105 -12.85 5.20 6.07
N VAL A 106 -13.46 4.42 6.95
CA VAL A 106 -14.11 3.17 6.56
C VAL A 106 -15.62 3.25 6.74
N ILE A 107 -16.34 3.45 5.64
CA ILE A 107 -17.79 3.54 5.67
C ILE A 107 -18.39 2.42 6.52
N ARG A 108 -18.17 1.18 6.09
CA ARG A 108 -18.68 0.02 6.80
C ARG A 108 -18.19 -1.28 6.17
N ASN A 109 -18.28 -2.36 6.92
CA ASN A 109 -17.83 -3.67 6.44
C ASN A 109 -18.46 -3.99 5.09
N ASP A 110 -17.75 -3.68 4.01
CA ASP A 110 -18.24 -3.93 2.66
C ASP A 110 -17.10 -4.39 1.75
N ASN A 111 -17.45 -4.79 0.54
CA ASN A 111 -16.47 -5.25 -0.43
C ASN A 111 -15.37 -4.21 -0.65
N ASP A 112 -15.78 -2.95 -0.73
CA ASP A 112 -14.84 -1.85 -0.92
C ASP A 112 -13.79 -1.83 0.18
N SER A 113 -14.24 -1.70 1.42
CA SER A 113 -13.34 -1.66 2.56
C SER A 113 -13.80 -2.62 3.66
N TRP A 114 -12.85 -3.11 4.45
CA TRP A 114 -13.16 -4.04 5.52
C TRP A 114 -12.44 -3.64 6.81
N ASP A 115 -13.15 -3.74 7.93
CA ASP A 115 -12.58 -3.39 9.23
C ASP A 115 -12.65 -4.57 10.19
N TYR A 116 -11.53 -5.29 10.32
CA TYR A 116 -11.47 -6.45 11.21
C TYR A 116 -11.37 -6.01 12.66
N THR A 117 -10.42 -5.11 12.95
CA THR A 117 -10.22 -4.62 14.31
C THR A 117 -11.55 -4.46 15.03
N LYS A 118 -12.54 -3.91 14.34
CA LYS A 118 -13.87 -3.70 14.92
C LYS A 118 -14.89 -4.61 14.27
N PRO A 119 -14.95 -5.87 14.72
CA PRO A 119 -15.89 -6.87 14.20
C PRO A 119 -17.30 -6.67 14.73
N TYR A 120 -17.46 -5.72 15.65
CA TYR A 120 -18.76 -5.44 16.24
C TYR A 120 -19.35 -4.15 15.67
N LEU A 121 -19.93 -4.25 14.49
CA LEU A 121 -20.54 -3.10 13.84
C LEU A 121 -21.89 -3.46 13.23
N GLY A 122 -22.95 -2.79 13.71
CA GLY A 122 -24.28 -3.06 13.19
C GLY A 122 -25.25 -3.43 14.30
N ARG A 123 -26.19 -2.55 14.59
CA ARG A 123 -27.19 -2.79 15.62
C ARG A 123 -28.50 -3.25 15.02
N ARG A 124 -28.59 -4.54 14.69
CA ARG A 124 -29.79 -5.10 14.10
C ARG A 124 -30.93 -5.13 15.11
N GLY A 1 19.62 25.64 -45.74
CA GLY A 1 19.46 25.98 -44.33
C GLY A 1 19.69 24.79 -43.42
N SER A 2 19.48 24.99 -42.12
CA SER A 2 19.68 23.92 -41.15
C SER A 2 19.01 24.28 -39.82
N SER A 3 18.91 23.29 -38.93
CA SER A 3 18.29 23.49 -37.63
C SER A 3 18.80 22.48 -36.62
N GLY A 4 18.79 22.87 -35.34
CA GLY A 4 19.27 21.98 -34.30
C GLY A 4 18.53 22.18 -32.99
N SER A 5 18.71 21.26 -32.05
CA SER A 5 18.06 21.34 -30.75
C SER A 5 18.76 20.46 -29.73
N SER A 6 18.91 20.97 -28.51
CA SER A 6 19.56 20.23 -27.44
C SER A 6 18.82 20.40 -26.12
N GLY A 7 19.24 19.65 -25.12
CA GLY A 7 18.61 19.73 -23.81
C GLY A 7 18.62 18.41 -23.07
N LYS A 8 19.20 18.42 -21.87
CA LYS A 8 19.29 17.20 -21.06
C LYS A 8 18.89 17.49 -19.61
N ARG A 9 18.00 16.67 -19.07
CA ARG A 9 17.55 16.84 -17.70
C ARG A 9 17.27 15.48 -17.05
N ILE A 10 17.99 15.19 -15.98
CA ILE A 10 17.82 13.93 -15.26
C ILE A 10 17.51 14.16 -13.79
N THR A 11 16.28 13.85 -13.40
CA THR A 11 15.85 14.03 -12.01
C THR A 11 15.51 12.70 -11.37
N ARG A 12 16.52 12.03 -10.82
CA ARG A 12 16.32 10.74 -10.17
C ARG A 12 15.55 10.90 -8.86
N PRO A 13 14.64 9.94 -8.60
CA PRO A 13 13.81 9.96 -7.39
C PRO A 13 14.58 9.48 -6.16
N GLY A 14 15.32 10.41 -5.53
CA GLY A 14 16.09 10.06 -4.35
C GLY A 14 15.57 10.75 -3.10
N ASN A 15 14.60 10.14 -2.44
CA ASN A 15 14.02 10.70 -1.22
C ASN A 15 14.90 10.39 -0.01
N THR A 16 15.52 11.43 0.53
CA THR A 16 16.39 11.28 1.69
C THR A 16 15.65 11.63 2.98
N ASP A 17 14.93 10.66 3.53
CA ASP A 17 14.17 10.86 4.76
C ASP A 17 14.51 9.79 5.79
N ASP A 18 14.59 10.19 7.05
CA ASP A 18 14.91 9.27 8.13
C ASP A 18 14.21 7.93 7.93
N PRO A 19 14.95 6.83 8.10
CA PRO A 19 14.42 5.47 7.94
C PRO A 19 13.62 5.03 9.14
N SER A 20 13.81 5.70 10.27
CA SER A 20 13.10 5.37 11.50
C SER A 20 11.88 6.27 11.69
N GLY A 21 10.70 5.72 11.44
CA GLY A 21 9.48 6.50 11.58
C GLY A 21 8.86 6.87 10.25
N GLY A 22 7.57 6.60 10.11
CA GLY A 22 6.88 6.92 8.87
C GLY A 22 5.38 7.05 9.06
N ASN A 23 4.63 6.09 8.53
CA ASN A 23 3.17 6.12 8.64
C ASN A 23 2.60 4.71 8.54
N LYS A 24 1.86 4.31 9.57
CA LYS A 24 1.25 2.98 9.60
C LYS A 24 0.45 2.72 8.32
N VAL A 25 -0.15 3.77 7.78
CA VAL A 25 -0.94 3.65 6.56
C VAL A 25 -0.04 3.57 5.32
N LEU A 26 -0.40 2.68 4.41
CA LEU A 26 0.38 2.51 3.18
C LEU A 26 -0.54 2.42 1.96
N LEU A 27 -0.18 3.15 0.91
CA LEU A 27 -0.96 3.16 -0.32
C LEU A 27 -0.51 2.06 -1.27
N LEU A 28 -1.35 1.05 -1.45
CA LEU A 28 -1.02 -0.06 -2.34
C LEU A 28 -1.67 0.13 -3.71
N SER A 29 -0.93 -0.22 -4.76
CA SER A 29 -1.43 -0.07 -6.12
C SER A 29 -1.25 -1.37 -6.90
N ILE A 30 -2.31 -1.81 -7.57
CA ILE A 30 -2.27 -3.04 -8.35
C ILE A 30 -1.88 -2.75 -9.80
N GLN A 31 -0.79 -3.38 -10.24
CA GLN A 31 -0.32 -3.20 -11.61
C GLN A 31 -1.08 -4.09 -12.58
N ASN A 32 -1.33 -3.57 -13.78
CA ASN A 32 -2.05 -4.31 -14.80
C ASN A 32 -3.21 -5.09 -14.18
N PRO A 33 -4.08 -4.38 -13.45
CA PRO A 33 -5.25 -4.98 -12.79
C PRO A 33 -6.03 -5.91 -13.72
N LEU A 34 -5.69 -7.18 -13.70
CA LEU A 34 -6.35 -8.17 -14.54
C LEU A 34 -7.40 -8.96 -13.75
N TYR A 35 -6.98 -9.46 -12.59
CA TYR A 35 -7.88 -10.23 -11.73
C TYR A 35 -8.42 -9.37 -10.59
N PRO A 36 -9.72 -9.51 -10.31
CA PRO A 36 -10.39 -8.75 -9.25
C PRO A 36 -9.61 -8.80 -7.94
N ILE A 37 -9.10 -7.66 -7.51
CA ILE A 37 -8.34 -7.56 -6.27
C ILE A 37 -9.20 -6.99 -5.15
N THR A 38 -9.65 -7.87 -4.25
CA THR A 38 -10.47 -7.44 -3.12
C THR A 38 -9.67 -7.43 -1.82
N VAL A 39 -10.16 -6.69 -0.84
CA VAL A 39 -9.49 -6.58 0.45
C VAL A 39 -8.98 -7.94 0.92
N ASP A 40 -9.74 -8.98 0.62
CA ASP A 40 -9.38 -10.34 1.00
C ASP A 40 -8.02 -10.73 0.40
N VAL A 41 -7.93 -10.68 -0.92
CA VAL A 41 -6.69 -11.03 -1.60
C VAL A 41 -5.49 -10.38 -0.93
N LEU A 42 -5.62 -9.11 -0.59
CA LEU A 42 -4.55 -8.37 0.05
C LEU A 42 -4.32 -8.89 1.48
N TYR A 43 -5.34 -8.75 2.31
CA TYR A 43 -5.25 -9.20 3.70
C TYR A 43 -4.72 -10.63 3.78
N THR A 44 -4.98 -11.41 2.74
CA THR A 44 -4.53 -12.79 2.69
C THR A 44 -3.01 -12.88 2.66
N VAL A 45 -2.40 -12.07 1.79
CA VAL A 45 -0.95 -12.05 1.66
C VAL A 45 -0.32 -11.07 2.66
N CYS A 46 -1.16 -10.27 3.30
CA CYS A 46 -0.69 -9.30 4.28
C CYS A 46 -0.62 -9.92 5.68
N ASN A 47 -1.66 -10.65 6.04
CA ASN A 47 -1.72 -11.30 7.36
C ASN A 47 -0.43 -12.07 7.63
N PRO A 48 0.01 -12.84 6.64
CA PRO A 48 1.23 -13.65 6.75
C PRO A 48 2.40 -12.85 7.30
N VAL A 49 2.31 -11.53 7.21
CA VAL A 49 3.37 -10.65 7.71
C VAL A 49 3.02 -10.10 9.08
N GLY A 50 1.79 -9.62 9.23
CA GLY A 50 1.36 -9.08 10.50
C GLY A 50 -0.15 -8.88 10.57
N LYS A 51 -0.61 -8.20 11.62
CA LYS A 51 -2.02 -7.95 11.80
C LYS A 51 -2.47 -6.75 10.97
N VAL A 52 -3.74 -6.75 10.57
CA VAL A 52 -4.30 -5.65 9.78
C VAL A 52 -5.49 -5.03 10.48
N GLN A 53 -5.46 -3.70 10.61
CA GLN A 53 -6.54 -2.97 11.26
C GLN A 53 -7.71 -2.77 10.30
N ARG A 54 -7.46 -2.03 9.23
CA ARG A 54 -8.49 -1.76 8.23
C ARG A 54 -7.88 -1.56 6.84
N ILE A 55 -8.67 -1.81 5.81
CA ILE A 55 -8.21 -1.66 4.44
C ILE A 55 -9.26 -0.97 3.57
N VAL A 56 -8.80 -0.26 2.55
CA VAL A 56 -9.69 0.45 1.64
C VAL A 56 -9.27 0.27 0.19
N ILE A 57 -10.26 0.09 -0.68
CA ILE A 57 -9.99 -0.09 -2.11
C ILE A 57 -10.75 0.92 -2.95
N PHE A 58 -10.02 1.77 -3.65
CA PHE A 58 -10.62 2.79 -4.50
C PHE A 58 -10.03 2.76 -5.90
N LYS A 59 -10.77 3.30 -6.87
CA LYS A 59 -10.32 3.34 -8.25
C LYS A 59 -10.10 4.77 -8.71
N ARG A 60 -9.51 5.59 -7.85
CA ARG A 60 -9.24 6.98 -8.18
C ARG A 60 -8.19 7.09 -9.27
N ASN A 61 -8.64 7.04 -10.52
CA ASN A 61 -7.73 7.13 -11.66
C ASN A 61 -6.70 6.01 -11.64
N GLY A 62 -7.15 4.80 -11.31
CA GLY A 62 -6.26 3.66 -11.25
C GLY A 62 -6.51 2.78 -10.05
N ILE A 63 -6.68 1.48 -10.28
CA ILE A 63 -6.93 0.54 -9.21
C ILE A 63 -5.94 0.72 -8.07
N GLN A 64 -6.44 1.17 -6.91
CA GLN A 64 -5.60 1.39 -5.74
C GLN A 64 -6.28 0.88 -4.48
N ALA A 65 -5.50 0.76 -3.41
CA ALA A 65 -6.04 0.28 -2.13
C ALA A 65 -5.14 0.69 -0.98
N MET A 66 -5.72 1.33 0.03
CA MET A 66 -4.96 1.77 1.19
C MET A 66 -5.06 0.76 2.32
N VAL A 67 -3.91 0.32 2.83
CA VAL A 67 -3.87 -0.65 3.91
C VAL A 67 -3.07 -0.12 5.10
N GLU A 68 -3.69 -0.14 6.28
CA GLU A 68 -3.04 0.33 7.49
C GLU A 68 -2.61 -0.83 8.38
N PHE A 69 -1.87 -0.52 9.44
CA PHE A 69 -1.39 -1.54 10.36
C PHE A 69 -1.44 -1.03 11.80
N GLU A 70 -1.22 -1.93 12.75
CA GLU A 70 -1.24 -1.58 14.16
C GLU A 70 -0.27 -0.44 14.45
N SER A 71 1.02 -0.71 14.33
CA SER A 71 2.05 0.30 14.58
C SER A 71 2.89 0.54 13.32
N VAL A 72 3.76 1.52 13.39
CA VAL A 72 4.63 1.86 12.26
C VAL A 72 5.52 0.69 11.89
N LEU A 73 6.23 0.15 12.87
CA LEU A 73 7.12 -0.99 12.65
C LEU A 73 6.50 -1.97 11.66
N CYS A 74 5.38 -2.56 12.04
CA CYS A 74 4.70 -3.52 11.18
C CYS A 74 4.55 -2.99 9.76
N ALA A 75 4.12 -1.73 9.66
CA ALA A 75 3.94 -1.10 8.35
C ALA A 75 5.21 -1.19 7.51
N GLN A 76 6.34 -0.91 8.14
CA GLN A 76 7.63 -0.96 7.44
C GLN A 76 7.94 -2.38 6.99
N LYS A 77 7.94 -3.31 7.94
CA LYS A 77 8.22 -4.72 7.64
C LYS A 77 7.28 -5.23 6.56
N ALA A 78 5.98 -5.16 6.81
CA ALA A 78 4.99 -5.63 5.85
C ALA A 78 5.23 -5.03 4.48
N LYS A 79 5.48 -3.71 4.43
CA LYS A 79 5.73 -3.02 3.18
C LYS A 79 6.77 -3.75 2.35
N ALA A 80 7.91 -4.05 2.97
CA ALA A 80 8.99 -4.75 2.28
C ALA A 80 8.50 -6.09 1.72
N ALA A 81 8.16 -7.01 2.61
CA ALA A 81 7.69 -8.33 2.22
C ALA A 81 6.72 -8.22 1.05
N LEU A 82 5.84 -7.23 1.10
CA LEU A 82 4.85 -7.02 0.05
C LEU A 82 5.45 -6.23 -1.11
N ASN A 83 6.52 -5.49 -0.82
CA ASN A 83 7.19 -4.68 -1.84
C ASN A 83 7.64 -5.56 -3.01
N GLY A 84 6.91 -5.47 -4.13
CA GLY A 84 7.26 -6.26 -5.30
C GLY A 84 6.90 -7.72 -5.13
N ALA A 85 5.96 -8.00 -4.24
CA ALA A 85 5.53 -9.38 -4.00
C ALA A 85 4.49 -9.82 -5.02
N ASP A 86 4.96 -10.40 -6.12
CA ASP A 86 4.07 -10.87 -7.17
C ASP A 86 2.94 -11.72 -6.59
N ILE A 87 1.71 -11.40 -6.96
CA ILE A 87 0.55 -12.13 -6.48
C ILE A 87 0.06 -13.14 -7.52
N TYR A 88 0.05 -12.72 -8.78
CA TYR A 88 -0.39 -13.58 -9.87
C TYR A 88 0.74 -13.84 -10.86
N ALA A 89 0.50 -14.72 -11.82
CA ALA A 89 1.50 -15.05 -12.83
C ALA A 89 2.08 -13.79 -13.46
N GLY A 90 3.29 -13.43 -13.06
CA GLY A 90 3.93 -12.24 -13.60
C GLY A 90 2.94 -11.14 -13.91
N CYS A 91 2.06 -10.85 -12.95
CA CYS A 91 1.06 -9.81 -13.12
C CYS A 91 0.51 -9.36 -11.77
N CYS A 92 -0.34 -8.33 -11.79
CA CYS A 92 -0.93 -7.81 -10.57
C CYS A 92 0.14 -7.49 -9.53
N THR A 93 1.24 -6.88 -9.98
CA THR A 93 2.33 -6.52 -9.11
C THR A 93 1.86 -5.60 -7.99
N LEU A 94 2.55 -5.66 -6.85
CA LEU A 94 2.20 -4.83 -5.69
C LEU A 94 3.07 -3.58 -5.63
N LYS A 95 2.44 -2.43 -5.58
CA LYS A 95 3.16 -1.16 -5.50
C LYS A 95 2.79 -0.39 -4.24
N ILE A 96 3.60 -0.55 -3.20
CA ILE A 96 3.35 0.12 -1.92
C ILE A 96 3.97 1.52 -1.93
N GLU A 97 3.30 2.45 -1.26
CA GLU A 97 3.77 3.83 -1.19
C GLU A 97 3.23 4.53 0.06
N TYR A 98 4.13 4.87 0.98
CA TYR A 98 3.75 5.52 2.22
C TYR A 98 2.58 6.48 1.98
N ALA A 99 1.40 6.09 2.47
CA ALA A 99 0.21 6.91 2.32
C ALA A 99 0.46 8.34 2.76
N ARG A 100 -0.02 9.29 1.98
CA ARG A 100 0.15 10.71 2.30
C ARG A 100 -0.58 11.07 3.59
N PRO A 101 -1.83 10.62 3.70
CA PRO A 101 -2.66 10.88 4.89
C PRO A 101 -2.33 9.96 6.05
N THR A 102 -2.52 10.45 7.27
CA THR A 102 -2.23 9.67 8.47
C THR A 102 -3.43 8.82 8.87
N ARG A 103 -4.62 9.30 8.52
CA ARG A 103 -5.85 8.58 8.84
C ARG A 103 -6.64 8.24 7.58
N LEU A 104 -7.46 7.19 7.65
CA LEU A 104 -8.25 6.77 6.51
C LEU A 104 -9.74 6.94 6.79
N ASN A 105 -10.57 6.59 5.82
CA ASN A 105 -12.02 6.69 5.97
C ASN A 105 -12.73 5.55 5.25
N VAL A 106 -13.70 4.94 5.93
CA VAL A 106 -14.46 3.84 5.35
C VAL A 106 -15.96 4.05 5.53
N ILE A 107 -16.64 4.41 4.44
CA ILE A 107 -18.07 4.65 4.48
C ILE A 107 -18.82 3.36 4.83
N ARG A 108 -18.67 2.34 4.00
CA ARG A 108 -19.34 1.06 4.23
C ARG A 108 -18.33 -0.08 4.27
N ASN A 109 -18.77 -1.24 4.73
CA ASN A 109 -17.90 -2.41 4.82
C ASN A 109 -18.26 -3.43 3.74
N ASP A 110 -17.55 -3.37 2.61
CA ASP A 110 -17.79 -4.29 1.51
C ASP A 110 -16.47 -4.71 0.86
N ASN A 111 -16.56 -5.66 -0.06
CA ASN A 111 -15.37 -6.16 -0.76
C ASN A 111 -14.36 -5.04 -0.97
N ASP A 112 -14.85 -3.86 -1.35
CA ASP A 112 -14.00 -2.71 -1.59
C ASP A 112 -13.17 -2.38 -0.34
N SER A 113 -13.86 -2.02 0.74
CA SER A 113 -13.18 -1.68 1.98
C SER A 113 -13.79 -2.44 3.16
N TRP A 114 -12.97 -2.74 4.16
CA TRP A 114 -13.43 -3.46 5.34
C TRP A 114 -12.62 -3.06 6.56
N ASP A 115 -13.31 -2.55 7.58
CA ASP A 115 -12.65 -2.14 8.82
C ASP A 115 -12.71 -3.25 9.87
N TYR A 116 -11.62 -3.97 10.02
CA TYR A 116 -11.55 -5.06 10.98
C TYR A 116 -11.20 -4.54 12.37
N THR A 117 -11.74 -3.38 12.71
CA THR A 117 -11.49 -2.77 14.02
C THR A 117 -12.78 -2.61 14.82
N LYS A 118 -13.84 -2.21 14.13
CA LYS A 118 -15.14 -2.02 14.77
C LYS A 118 -16.24 -2.75 14.01
N PRO A 119 -16.65 -3.92 14.52
CA PRO A 119 -17.70 -4.74 13.90
C PRO A 119 -19.09 -4.18 14.16
N TYR A 120 -19.38 -3.90 15.42
CA TYR A 120 -20.68 -3.36 15.81
C TYR A 120 -20.75 -1.86 15.56
N LEU A 121 -20.17 -1.42 14.44
CA LEU A 121 -20.16 -0.01 14.08
C LEU A 121 -21.31 0.32 13.12
N GLY A 122 -22.15 1.27 13.52
CA GLY A 122 -23.27 1.66 12.68
C GLY A 122 -22.96 2.86 11.82
N ARG A 123 -23.79 3.90 11.91
CA ARG A 123 -23.60 5.11 11.14
C ARG A 123 -22.46 5.94 11.70
N ARG A 124 -22.37 6.00 13.03
CA ARG A 124 -21.33 6.77 13.70
C ARG A 124 -20.02 6.67 12.94
N GLY A 1 -7.22 11.15 -51.41
CA GLY A 1 -6.51 10.42 -50.39
C GLY A 1 -5.57 11.30 -49.59
N SER A 2 -5.55 11.08 -48.27
CA SER A 2 -4.69 11.87 -47.39
C SER A 2 -4.61 11.23 -46.01
N SER A 3 -3.46 11.41 -45.35
CA SER A 3 -3.26 10.85 -44.02
C SER A 3 -2.12 11.56 -43.31
N GLY A 4 -2.10 11.46 -41.98
CA GLY A 4 -1.06 12.09 -41.20
C GLY A 4 -1.49 12.38 -39.77
N SER A 5 -0.63 12.07 -38.82
CA SER A 5 -0.93 12.29 -37.40
C SER A 5 0.27 12.88 -36.68
N SER A 6 0.05 13.99 -35.98
CA SER A 6 1.12 14.65 -35.23
C SER A 6 0.88 14.54 -33.73
N GLY A 7 1.63 13.65 -33.08
CA GLY A 7 1.49 13.46 -31.66
C GLY A 7 2.62 12.63 -31.07
N LYS A 8 3.44 13.25 -30.24
CA LYS A 8 4.56 12.57 -29.60
C LYS A 8 5.17 13.43 -28.50
N ARG A 9 5.16 12.89 -27.28
CA ARG A 9 5.71 13.61 -26.12
C ARG A 9 6.45 12.65 -25.20
N ILE A 10 7.69 12.99 -24.87
CA ILE A 10 8.50 12.17 -23.98
C ILE A 10 8.37 12.62 -22.53
N THR A 11 7.46 11.97 -21.79
CA THR A 11 7.24 12.30 -20.39
C THR A 11 6.68 11.10 -19.63
N ARG A 12 7.42 10.66 -18.62
CA ARG A 12 6.99 9.53 -17.81
C ARG A 12 5.49 9.56 -17.57
N PRO A 13 4.84 8.40 -17.75
CA PRO A 13 3.39 8.27 -17.57
C PRO A 13 3.00 8.16 -16.10
N GLY A 14 3.73 8.87 -15.24
CA GLY A 14 3.44 8.86 -13.82
C GLY A 14 4.41 9.71 -13.02
N ASN A 15 4.38 11.01 -13.27
CA ASN A 15 5.26 11.94 -12.57
C ASN A 15 4.86 12.07 -11.10
N THR A 16 5.31 11.14 -10.29
CA THR A 16 4.99 11.14 -8.86
C THR A 16 6.25 10.92 -8.02
N ASP A 17 6.79 12.01 -7.49
CA ASP A 17 7.99 11.94 -6.66
C ASP A 17 7.63 11.71 -5.19
N ASP A 18 7.63 10.45 -4.77
CA ASP A 18 7.29 10.10 -3.40
C ASP A 18 8.54 10.15 -2.51
N PRO A 19 8.58 11.13 -1.59
CA PRO A 19 9.70 11.31 -0.67
C PRO A 19 9.68 10.30 0.47
N SER A 20 10.83 10.11 1.11
CA SER A 20 10.93 9.16 2.22
C SER A 20 9.93 9.50 3.32
N GLY A 21 8.80 8.79 3.31
CA GLY A 21 7.77 9.02 4.30
C GLY A 21 7.68 7.91 5.32
N GLY A 22 6.71 8.01 6.23
CA GLY A 22 6.54 6.99 7.25
C GLY A 22 5.21 7.10 7.96
N ASN A 23 4.32 6.15 7.68
CA ASN A 23 3.00 6.15 8.30
C ASN A 23 2.39 4.74 8.28
N LYS A 24 1.74 4.36 9.37
CA LYS A 24 1.12 3.05 9.47
C LYS A 24 0.38 2.69 8.19
N VAL A 25 -0.39 3.65 7.66
CA VAL A 25 -1.13 3.44 6.43
C VAL A 25 -0.20 3.39 5.22
N LEU A 26 -0.46 2.45 4.32
CA LEU A 26 0.35 2.31 3.11
C LEU A 26 -0.53 2.19 1.88
N LEU A 27 -0.35 3.11 0.94
CA LEU A 27 -1.13 3.11 -0.29
C LEU A 27 -0.62 2.05 -1.26
N LEU A 28 -1.45 1.04 -1.53
CA LEU A 28 -1.07 -0.03 -2.44
C LEU A 28 -1.73 0.16 -3.81
N SER A 29 -1.04 -0.28 -4.86
CA SER A 29 -1.55 -0.16 -6.21
C SER A 29 -1.27 -1.43 -7.02
N ILE A 30 -2.32 -2.06 -7.51
CA ILE A 30 -2.19 -3.28 -8.29
C ILE A 30 -1.82 -2.96 -9.74
N GLN A 31 -0.71 -3.54 -10.20
CA GLN A 31 -0.25 -3.31 -11.57
C GLN A 31 -1.00 -4.21 -12.55
N ASN A 32 -1.38 -3.65 -13.69
CA ASN A 32 -2.11 -4.40 -14.70
C ASN A 32 -3.20 -5.25 -14.08
N PRO A 33 -4.07 -4.61 -13.29
CA PRO A 33 -5.18 -5.29 -12.61
C PRO A 33 -5.96 -6.21 -13.55
N LEU A 34 -5.72 -7.52 -13.43
CA LEU A 34 -6.40 -8.49 -14.26
C LEU A 34 -7.45 -9.26 -13.46
N TYR A 35 -7.05 -9.74 -12.28
CA TYR A 35 -7.95 -10.49 -11.43
C TYR A 35 -8.56 -9.60 -10.36
N PRO A 36 -9.86 -9.82 -10.06
CA PRO A 36 -10.59 -9.04 -9.05
C PRO A 36 -9.81 -8.90 -7.76
N ILE A 37 -9.47 -7.67 -7.40
CA ILE A 37 -8.72 -7.39 -6.17
C ILE A 37 -9.66 -6.94 -5.06
N THR A 38 -9.89 -7.82 -4.09
CA THR A 38 -10.77 -7.50 -2.97
C THR A 38 -9.97 -7.41 -1.67
N VAL A 39 -10.60 -6.84 -0.65
CA VAL A 39 -9.95 -6.69 0.66
C VAL A 39 -9.27 -7.99 1.09
N ASP A 40 -9.95 -9.10 0.84
CA ASP A 40 -9.41 -10.42 1.21
C ASP A 40 -8.05 -10.65 0.56
N VAL A 41 -8.03 -10.69 -0.77
CA VAL A 41 -6.80 -10.90 -1.52
C VAL A 41 -5.61 -10.22 -0.83
N LEU A 42 -5.87 -9.05 -0.26
CA LEU A 42 -4.83 -8.29 0.42
C LEU A 42 -4.70 -8.74 1.89
N TYR A 43 -5.84 -9.05 2.50
CA TYR A 43 -5.85 -9.49 3.89
C TYR A 43 -5.58 -10.98 3.99
N THR A 44 -4.89 -11.52 2.99
CA THR A 44 -4.57 -12.94 2.97
C THR A 44 -3.09 -13.17 2.68
N VAL A 45 -2.51 -12.32 1.83
CA VAL A 45 -1.11 -12.42 1.49
C VAL A 45 -0.27 -11.44 2.31
N CYS A 46 -0.90 -10.38 2.79
CA CYS A 46 -0.21 -9.38 3.59
C CYS A 46 -0.17 -9.77 5.06
N ASN A 47 -1.34 -10.16 5.59
CA ASN A 47 -1.44 -10.57 6.99
C ASN A 47 -0.33 -11.55 7.35
N PRO A 48 -0.12 -12.56 6.50
CA PRO A 48 0.90 -13.59 6.71
C PRO A 48 2.25 -12.98 7.06
N VAL A 49 2.45 -11.70 6.72
CA VAL A 49 3.69 -11.01 7.00
C VAL A 49 3.61 -10.27 8.34
N GLY A 50 2.53 -9.50 8.51
CA GLY A 50 2.35 -8.75 9.74
C GLY A 50 0.93 -8.81 10.25
N LYS A 51 0.35 -7.64 10.51
CA LYS A 51 -1.03 -7.56 11.01
C LYS A 51 -1.79 -6.43 10.33
N VAL A 52 -2.81 -6.79 9.55
CA VAL A 52 -3.61 -5.80 8.85
C VAL A 52 -4.85 -5.43 9.65
N GLN A 53 -5.20 -4.15 9.65
CA GLN A 53 -6.38 -3.67 10.38
C GLN A 53 -7.49 -3.29 9.41
N ARG A 54 -7.27 -2.23 8.64
CA ARG A 54 -8.26 -1.77 7.68
C ARG A 54 -7.73 -1.88 6.25
N ILE A 55 -8.65 -1.93 5.29
CA ILE A 55 -8.27 -2.04 3.88
C ILE A 55 -9.30 -1.34 2.99
N VAL A 56 -8.92 -0.21 2.41
CA VAL A 56 -9.80 0.54 1.54
C VAL A 56 -9.36 0.44 0.09
N ILE A 57 -10.32 0.37 -0.82
CA ILE A 57 -10.03 0.25 -2.25
C ILE A 57 -10.75 1.35 -3.04
N PHE A 58 -9.98 2.24 -3.64
CA PHE A 58 -10.54 3.32 -4.44
C PHE A 58 -9.94 3.34 -5.84
N LYS A 59 -10.76 3.73 -6.82
CA LYS A 59 -10.32 3.79 -8.20
C LYS A 59 -9.78 5.18 -8.54
N ARG A 60 -9.01 5.75 -7.62
CA ARG A 60 -8.43 7.07 -7.83
C ARG A 60 -7.39 7.04 -8.95
N ASN A 61 -7.85 7.28 -10.17
CA ASN A 61 -6.96 7.29 -11.33
C ASN A 61 -6.11 6.02 -11.37
N GLY A 62 -6.73 4.88 -11.07
CA GLY A 62 -6.02 3.63 -11.07
C GLY A 62 -6.37 2.75 -9.89
N ILE A 63 -6.58 1.47 -10.14
CA ILE A 63 -6.93 0.52 -9.09
C ILE A 63 -5.95 0.62 -7.91
N GLN A 64 -6.35 1.36 -6.88
CA GLN A 64 -5.51 1.54 -5.70
C GLN A 64 -6.28 1.19 -4.44
N ALA A 65 -5.56 0.77 -3.40
CA ALA A 65 -6.18 0.41 -2.13
C ALA A 65 -5.26 0.76 -0.97
N MET A 66 -5.77 1.55 -0.03
CA MET A 66 -5.00 1.94 1.15
C MET A 66 -5.11 0.90 2.26
N VAL A 67 -3.98 0.32 2.63
CA VAL A 67 -3.96 -0.69 3.69
C VAL A 67 -3.43 -0.11 4.99
N GLU A 68 -4.09 -0.47 6.10
CA GLU A 68 -3.68 0.02 7.41
C GLU A 68 -3.09 -1.12 8.25
N PHE A 69 -2.08 -0.79 9.04
CA PHE A 69 -1.42 -1.78 9.89
C PHE A 69 -1.54 -1.39 11.36
N GLU A 70 -1.08 -2.27 12.25
CA GLU A 70 -1.14 -2.02 13.68
C GLU A 70 -0.42 -0.72 14.04
N SER A 71 0.90 -0.71 13.85
CA SER A 71 1.70 0.47 14.15
C SER A 71 2.77 0.70 13.08
N VAL A 72 3.36 1.88 13.09
CA VAL A 72 4.39 2.22 12.12
C VAL A 72 5.37 1.07 11.92
N LEU A 73 5.94 0.60 13.02
CA LEU A 73 6.90 -0.50 12.98
C LEU A 73 6.39 -1.63 12.08
N CYS A 74 5.24 -2.19 12.43
CA CYS A 74 4.65 -3.27 11.66
C CYS A 74 4.63 -2.92 10.18
N ALA A 75 4.34 -1.67 9.87
CA ALA A 75 4.28 -1.21 8.49
C ALA A 75 5.62 -1.41 7.79
N GLN A 76 6.71 -1.15 8.52
CA GLN A 76 8.05 -1.31 7.97
C GLN A 76 8.27 -2.73 7.46
N LYS A 77 8.15 -3.70 8.36
CA LYS A 77 8.34 -5.10 8.00
C LYS A 77 7.39 -5.51 6.87
N ALA A 78 6.10 -5.36 7.11
CA ALA A 78 5.09 -5.70 6.12
C ALA A 78 5.43 -5.10 4.76
N LYS A 79 5.56 -3.77 4.73
CA LYS A 79 5.88 -3.06 3.50
C LYS A 79 6.96 -3.80 2.72
N ALA A 80 8.05 -4.15 3.40
CA ALA A 80 9.16 -4.85 2.76
C ALA A 80 8.65 -6.04 1.95
N ALA A 81 8.20 -7.08 2.63
CA ALA A 81 7.68 -8.26 1.97
C ALA A 81 6.70 -7.90 0.86
N LEU A 82 5.75 -7.03 1.18
CA LEU A 82 4.75 -6.60 0.21
C LEU A 82 5.39 -5.82 -0.93
N ASN A 83 6.56 -5.23 -0.65
CA ASN A 83 7.28 -4.45 -1.66
C ASN A 83 7.68 -5.34 -2.84
N GLY A 84 6.95 -5.23 -3.94
CA GLY A 84 7.24 -6.01 -5.11
C GLY A 84 6.79 -7.45 -4.97
N ALA A 85 5.86 -7.70 -4.06
CA ALA A 85 5.33 -9.04 -3.83
C ALA A 85 4.19 -9.35 -4.78
N ASP A 86 4.51 -10.00 -5.90
CA ASP A 86 3.51 -10.36 -6.89
C ASP A 86 2.47 -11.29 -6.29
N ILE A 87 1.32 -11.42 -6.97
CA ILE A 87 0.25 -12.29 -6.50
C ILE A 87 -0.10 -13.35 -7.54
N TYR A 88 -0.15 -12.93 -8.80
CA TYR A 88 -0.47 -13.84 -9.89
C TYR A 88 0.72 -14.04 -10.81
N ALA A 89 0.59 -14.96 -11.76
CA ALA A 89 1.66 -15.25 -12.70
C ALA A 89 2.18 -13.96 -13.35
N GLY A 90 3.36 -13.52 -12.91
CA GLY A 90 3.95 -12.31 -13.46
C GLY A 90 2.90 -11.26 -13.81
N CYS A 91 2.11 -10.86 -12.82
CA CYS A 91 1.07 -9.86 -13.02
C CYS A 91 0.40 -9.49 -11.71
N CYS A 92 -0.27 -8.34 -11.70
CA CYS A 92 -0.95 -7.87 -10.50
C CYS A 92 0.04 -7.60 -9.37
N THR A 93 1.14 -6.91 -9.71
CA THR A 93 2.16 -6.60 -8.72
C THR A 93 1.64 -5.61 -7.68
N LEU A 94 2.26 -5.62 -6.51
CA LEU A 94 1.86 -4.72 -5.42
C LEU A 94 2.77 -3.50 -5.36
N LYS A 95 2.18 -2.31 -5.40
CA LYS A 95 2.94 -1.07 -5.34
C LYS A 95 2.62 -0.30 -4.08
N ILE A 96 3.47 -0.43 -3.07
CA ILE A 96 3.28 0.27 -1.81
C ILE A 96 3.83 1.68 -1.87
N GLU A 97 3.18 2.60 -1.16
CA GLU A 97 3.61 3.99 -1.13
C GLU A 97 3.05 4.71 0.10
N TYR A 98 3.95 5.10 1.00
CA TYR A 98 3.54 5.79 2.22
C TYR A 98 2.44 6.81 1.94
N ALA A 99 1.21 6.45 2.27
CA ALA A 99 0.07 7.34 2.06
C ALA A 99 0.30 8.70 2.71
N ARG A 100 -0.21 9.75 2.08
CA ARG A 100 -0.07 11.10 2.60
C ARG A 100 -0.74 11.23 3.96
N PRO A 101 -1.98 10.74 4.05
CA PRO A 101 -2.76 10.79 5.30
C PRO A 101 -2.34 9.71 6.29
N THR A 102 -2.47 10.02 7.58
CA THR A 102 -2.10 9.07 8.62
C THR A 102 -3.29 8.20 9.03
N ARG A 103 -4.50 8.73 8.84
CA ARG A 103 -5.72 8.01 9.17
C ARG A 103 -6.63 7.88 7.97
N LEU A 104 -7.40 6.80 7.92
CA LEU A 104 -8.32 6.57 6.81
C LEU A 104 -9.76 6.82 7.24
N ASN A 105 -10.69 6.67 6.30
CA ASN A 105 -12.11 6.88 6.58
C ASN A 105 -12.96 5.81 5.92
N VAL A 106 -13.55 4.95 6.75
CA VAL A 106 -14.39 3.86 6.25
C VAL A 106 -15.81 3.97 6.81
N ILE A 107 -16.77 4.30 5.96
CA ILE A 107 -18.15 4.43 6.38
C ILE A 107 -18.78 3.06 6.64
N ARG A 108 -18.69 2.18 5.65
CA ARG A 108 -19.25 0.84 5.77
C ARG A 108 -18.25 -0.21 5.29
N ASN A 109 -18.35 -1.41 5.85
CA ASN A 109 -17.45 -2.50 5.48
C ASN A 109 -17.98 -3.25 4.26
N ASP A 110 -17.47 -2.90 3.09
CA ASP A 110 -17.89 -3.54 1.85
C ASP A 110 -16.69 -3.97 1.02
N ASN A 111 -16.93 -4.81 0.02
CA ASN A 111 -15.87 -5.30 -0.84
C ASN A 111 -14.83 -4.22 -1.10
N ASP A 112 -15.30 -3.01 -1.40
CA ASP A 112 -14.42 -1.88 -1.66
C ASP A 112 -13.48 -1.65 -0.49
N SER A 113 -14.05 -1.36 0.68
CA SER A 113 -13.26 -1.10 1.88
C SER A 113 -13.84 -1.86 3.08
N TRP A 114 -12.99 -2.60 3.77
CA TRP A 114 -13.41 -3.37 4.93
C TRP A 114 -12.76 -2.84 6.21
N ASP A 115 -13.46 -2.97 7.32
CA ASP A 115 -12.95 -2.51 8.61
C ASP A 115 -13.05 -3.61 9.66
N TYR A 116 -11.90 -4.18 10.02
CA TYR A 116 -11.87 -5.25 11.01
C TYR A 116 -11.85 -4.67 12.42
N THR A 117 -11.05 -3.64 12.62
CA THR A 117 -10.94 -2.99 13.92
C THR A 117 -12.32 -2.78 14.55
N LYS A 118 -13.26 -2.30 13.75
CA LYS A 118 -14.62 -2.06 14.23
C LYS A 118 -15.61 -3.05 13.59
N PRO A 119 -15.74 -4.23 14.22
CA PRO A 119 -16.63 -5.29 13.74
C PRO A 119 -18.10 -4.99 14.07
N TYR A 120 -18.32 -3.99 14.91
CA TYR A 120 -19.67 -3.61 15.31
C TYR A 120 -20.14 -2.37 14.55
N LEU A 121 -19.87 -2.36 13.24
CA LEU A 121 -20.26 -1.23 12.40
C LEU A 121 -21.60 -1.49 11.72
N GLY A 122 -21.71 -2.66 11.09
CA GLY A 122 -22.95 -3.01 10.40
C GLY A 122 -22.89 -2.77 8.92
N ARG A 123 -23.25 -3.79 8.13
CA ARG A 123 -23.22 -3.67 6.68
C ARG A 123 -24.15 -2.55 6.20
N ARG A 124 -25.34 -2.49 6.78
CA ARG A 124 -26.31 -1.46 6.42
C ARG A 124 -25.68 -0.07 6.47
N GLY A 1 10.63 7.11 -48.99
CA GLY A 1 11.52 8.27 -48.96
C GLY A 1 12.26 8.39 -47.64
N SER A 2 13.57 8.64 -47.73
CA SER A 2 14.39 8.78 -46.54
C SER A 2 14.90 10.21 -46.39
N SER A 3 15.22 10.59 -45.16
CA SER A 3 15.72 11.94 -44.87
C SER A 3 17.22 11.91 -44.59
N GLY A 4 17.64 10.96 -43.77
CA GLY A 4 19.05 10.86 -43.43
C GLY A 4 19.38 11.53 -42.10
N SER A 5 18.65 11.15 -41.05
CA SER A 5 18.87 11.72 -39.73
C SER A 5 19.17 10.63 -38.71
N SER A 6 19.77 11.02 -37.60
CA SER A 6 20.12 10.07 -36.55
C SER A 6 18.91 9.70 -35.72
N GLY A 7 18.09 10.70 -35.39
CA GLY A 7 16.89 10.45 -34.61
C GLY A 7 16.83 11.32 -33.36
N LYS A 8 15.66 11.39 -32.74
CA LYS A 8 15.48 12.19 -31.53
C LYS A 8 14.07 11.99 -30.96
N ARG A 9 14.00 11.43 -29.76
CA ARG A 9 12.73 11.19 -29.10
C ARG A 9 12.61 12.01 -27.83
N ILE A 10 11.37 12.28 -27.42
CA ILE A 10 11.12 13.05 -26.21
C ILE A 10 11.33 12.20 -24.95
N THR A 11 12.10 12.72 -24.02
CA THR A 11 12.38 12.02 -22.78
C THR A 11 12.52 12.99 -21.60
N ARG A 12 12.09 12.56 -20.42
CA ARG A 12 12.16 13.38 -19.23
C ARG A 12 12.75 12.60 -18.06
N PRO A 13 13.54 13.29 -17.23
CA PRO A 13 14.19 12.67 -16.06
C PRO A 13 13.21 12.49 -14.90
N GLY A 14 13.40 11.42 -14.14
CA GLY A 14 12.53 11.14 -13.01
C GLY A 14 13.26 11.23 -11.68
N ASN A 15 12.51 11.24 -10.60
CA ASN A 15 13.08 11.32 -9.25
C ASN A 15 12.32 10.46 -8.27
N THR A 16 12.98 10.07 -7.19
CA THR A 16 12.36 9.24 -6.17
C THR A 16 12.65 9.76 -4.77
N ASP A 17 11.67 9.67 -3.88
CA ASP A 17 11.83 10.14 -2.51
C ASP A 17 10.73 9.58 -1.62
N ASP A 18 10.87 9.78 -0.31
CA ASP A 18 9.88 9.30 0.65
C ASP A 18 9.86 10.18 1.89
N PRO A 19 8.69 10.75 2.19
CA PRO A 19 8.52 11.62 3.36
C PRO A 19 9.13 11.05 4.62
N SER A 20 10.03 11.82 5.24
CA SER A 20 10.70 11.37 6.46
C SER A 20 9.71 10.72 7.42
N GLY A 21 10.10 9.59 7.99
CA GLY A 21 9.24 8.90 8.93
C GLY A 21 8.20 8.04 8.24
N GLY A 22 8.18 6.75 8.55
CA GLY A 22 7.22 5.85 7.94
C GLY A 22 5.79 6.29 8.14
N ASN A 23 4.85 5.37 7.96
CA ASN A 23 3.44 5.67 8.12
C ASN A 23 2.61 4.40 8.19
N LYS A 24 1.73 4.32 9.18
CA LYS A 24 0.87 3.15 9.36
C LYS A 24 0.13 2.82 8.07
N VAL A 25 -0.44 3.85 7.44
CA VAL A 25 -1.18 3.68 6.20
C VAL A 25 -0.23 3.60 5.00
N LEU A 26 -0.42 2.60 4.16
CA LEU A 26 0.41 2.42 2.97
C LEU A 26 -0.44 2.39 1.71
N LEU A 27 -0.07 3.22 0.74
CA LEU A 27 -0.80 3.29 -0.53
C LEU A 27 -0.36 2.17 -1.47
N LEU A 28 -1.19 1.14 -1.58
CA LEU A 28 -0.89 0.01 -2.45
C LEU A 28 -1.44 0.24 -3.85
N SER A 29 -0.60 -0.01 -4.85
CA SER A 29 -1.01 0.17 -6.25
C SER A 29 -0.82 -1.12 -7.04
N ILE A 30 -1.92 -1.65 -7.56
CA ILE A 30 -1.89 -2.88 -8.34
C ILE A 30 -1.46 -2.60 -9.78
N GLN A 31 -0.62 -3.47 -10.32
CA GLN A 31 -0.14 -3.33 -11.69
C GLN A 31 -0.96 -4.18 -12.65
N ASN A 32 -1.22 -3.64 -13.83
CA ASN A 32 -2.00 -4.34 -14.85
C ASN A 32 -3.10 -5.18 -14.19
N PRO A 33 -3.93 -4.54 -13.35
CA PRO A 33 -5.02 -5.21 -12.66
C PRO A 33 -5.83 -6.11 -13.58
N LEU A 34 -5.66 -7.42 -13.42
CA LEU A 34 -6.38 -8.39 -14.24
C LEU A 34 -7.55 -8.99 -13.47
N TYR A 35 -7.28 -9.43 -12.24
CA TYR A 35 -8.30 -10.03 -11.40
C TYR A 35 -8.62 -9.15 -10.20
N PRO A 36 -9.90 -8.82 -10.03
CA PRO A 36 -10.36 -7.97 -8.92
C PRO A 36 -9.77 -8.39 -7.58
N ILE A 37 -8.91 -7.54 -7.03
CA ILE A 37 -8.27 -7.83 -5.75
C ILE A 37 -9.12 -7.34 -4.59
N THR A 38 -9.96 -8.22 -4.06
CA THR A 38 -10.83 -7.88 -2.95
C THR A 38 -10.04 -7.70 -1.66
N VAL A 39 -10.69 -7.20 -0.63
CA VAL A 39 -10.05 -6.99 0.67
C VAL A 39 -9.42 -8.27 1.18
N ASP A 40 -10.14 -9.38 1.03
CA ASP A 40 -9.65 -10.68 1.47
C ASP A 40 -8.32 -11.01 0.82
N VAL A 41 -8.28 -10.95 -0.51
CA VAL A 41 -7.07 -11.26 -1.26
C VAL A 41 -5.85 -10.59 -0.62
N LEU A 42 -6.04 -9.38 -0.11
CA LEU A 42 -4.96 -8.64 0.53
C LEU A 42 -4.82 -9.03 2.00
N TYR A 43 -5.94 -9.31 2.64
CA TYR A 43 -5.95 -9.70 4.04
C TYR A 43 -5.64 -11.18 4.20
N THR A 44 -5.05 -11.77 3.16
CA THR A 44 -4.71 -13.18 3.18
C THR A 44 -3.22 -13.40 2.95
N VAL A 45 -2.63 -12.56 2.09
CA VAL A 45 -1.21 -12.65 1.78
C VAL A 45 -0.41 -11.61 2.56
N CYS A 46 -1.11 -10.59 3.04
CA CYS A 46 -0.45 -9.53 3.80
C CYS A 46 -0.42 -9.87 5.29
N ASN A 47 -1.55 -10.33 5.81
CA ASN A 47 -1.65 -10.69 7.22
C ASN A 47 -0.52 -11.62 7.62
N PRO A 48 -0.25 -12.64 6.79
CA PRO A 48 0.81 -13.61 7.04
C PRO A 48 2.13 -12.95 7.41
N VAL A 49 2.33 -11.72 6.94
CA VAL A 49 3.55 -10.99 7.22
C VAL A 49 3.43 -10.21 8.54
N GLY A 50 2.34 -9.46 8.67
CA GLY A 50 2.12 -8.69 9.87
C GLY A 50 0.69 -8.76 10.36
N LYS A 51 0.11 -7.59 10.68
CA LYS A 51 -1.26 -7.52 11.15
C LYS A 51 -2.04 -6.43 10.43
N VAL A 52 -2.94 -6.83 9.54
CA VAL A 52 -3.74 -5.87 8.78
C VAL A 52 -5.03 -5.53 9.53
N GLN A 53 -5.19 -4.25 9.84
CA GLN A 53 -6.37 -3.78 10.56
C GLN A 53 -7.55 -3.59 9.60
N ARG A 54 -7.44 -2.60 8.73
CA ARG A 54 -8.49 -2.32 7.76
C ARG A 54 -7.92 -2.13 6.37
N ILE A 55 -8.73 -2.38 5.34
CA ILE A 55 -8.30 -2.23 3.96
C ILE A 55 -9.34 -1.47 3.14
N VAL A 56 -8.86 -0.52 2.34
CA VAL A 56 -9.74 0.28 1.49
C VAL A 56 -9.30 0.23 0.03
N ILE A 57 -10.25 -0.01 -0.86
CA ILE A 57 -9.95 -0.07 -2.29
C ILE A 57 -10.76 0.97 -3.06
N PHE A 58 -10.06 1.88 -3.71
CA PHE A 58 -10.70 2.93 -4.50
C PHE A 58 -10.16 2.96 -5.93
N LYS A 59 -10.97 3.48 -6.85
CA LYS A 59 -10.58 3.56 -8.24
C LYS A 59 -10.35 5.01 -8.66
N ARG A 60 -9.64 5.75 -7.82
CA ARG A 60 -9.36 7.16 -8.09
C ARG A 60 -8.05 7.30 -8.86
N ASN A 61 -8.15 7.69 -10.13
CA ASN A 61 -6.98 7.86 -10.98
C ASN A 61 -6.22 6.54 -11.13
N GLY A 62 -6.96 5.46 -11.30
CA GLY A 62 -6.34 4.15 -11.46
C GLY A 62 -6.56 3.26 -10.26
N ILE A 63 -6.61 1.95 -10.48
CA ILE A 63 -6.81 0.99 -9.41
C ILE A 63 -5.81 1.23 -8.28
N GLN A 64 -6.33 1.42 -7.07
CA GLN A 64 -5.49 1.66 -5.90
C GLN A 64 -6.19 1.22 -4.62
N ALA A 65 -5.43 1.06 -3.56
CA ALA A 65 -5.97 0.65 -2.27
C ALA A 65 -5.04 1.03 -1.12
N MET A 66 -5.63 1.36 0.02
CA MET A 66 -4.85 1.74 1.19
C MET A 66 -4.96 0.68 2.29
N VAL A 67 -3.81 0.19 2.75
CA VAL A 67 -3.78 -0.83 3.79
C VAL A 67 -3.19 -0.27 5.08
N GLU A 68 -3.97 -0.34 6.15
CA GLU A 68 -3.53 0.17 7.45
C GLU A 68 -3.02 -0.96 8.33
N PHE A 69 -1.94 -0.70 9.07
CA PHE A 69 -1.35 -1.71 9.94
C PHE A 69 -1.44 -1.26 11.41
N GLU A 70 -1.36 -2.24 12.31
CA GLU A 70 -1.44 -1.95 13.74
C GLU A 70 -0.64 -0.70 14.09
N SER A 71 0.68 -0.79 13.96
CA SER A 71 1.56 0.34 14.26
C SER A 71 2.55 0.58 13.12
N VAL A 72 3.31 1.66 13.22
CA VAL A 72 4.29 2.01 12.21
C VAL A 72 5.28 0.87 11.98
N LEU A 73 5.95 0.46 13.05
CA LEU A 73 6.93 -0.62 12.97
C LEU A 73 6.45 -1.71 12.01
N CYS A 74 5.35 -2.36 12.37
CA CYS A 74 4.79 -3.42 11.54
C CYS A 74 4.76 -3.01 10.07
N ALA A 75 4.36 -1.77 9.82
CA ALA A 75 4.30 -1.24 8.46
C ALA A 75 5.63 -1.39 7.74
N GLN A 76 6.72 -1.13 8.46
CA GLN A 76 8.05 -1.22 7.90
C GLN A 76 8.27 -2.58 7.23
N LYS A 77 8.20 -3.65 8.02
CA LYS A 77 8.38 -5.00 7.51
C LYS A 77 7.34 -5.32 6.45
N ALA A 78 6.07 -5.27 6.84
CA ALA A 78 4.97 -5.54 5.92
C ALA A 78 5.21 -4.90 4.56
N LYS A 79 5.56 -3.62 4.58
CA LYS A 79 5.82 -2.88 3.35
C LYS A 79 6.90 -3.57 2.52
N ALA A 80 7.97 -3.99 3.18
CA ALA A 80 9.07 -4.66 2.51
C ALA A 80 8.60 -5.96 1.87
N ALA A 81 8.10 -6.88 2.68
CA ALA A 81 7.62 -8.17 2.19
C ALA A 81 6.67 -7.98 1.01
N LEU A 82 5.81 -6.97 1.10
CA LEU A 82 4.85 -6.68 0.04
C LEU A 82 5.48 -5.84 -1.05
N ASN A 83 6.56 -5.12 -0.71
CA ASN A 83 7.25 -4.27 -1.65
C ASN A 83 7.83 -5.10 -2.80
N GLY A 84 7.14 -5.09 -3.94
CA GLY A 84 7.61 -5.84 -5.09
C GLY A 84 7.15 -7.28 -5.06
N ALA A 85 6.13 -7.56 -4.25
CA ALA A 85 5.60 -8.91 -4.14
C ALA A 85 4.64 -9.23 -5.29
N ASP A 86 4.52 -10.51 -5.61
CA ASP A 86 3.64 -10.95 -6.69
C ASP A 86 2.53 -11.86 -6.16
N ILE A 87 1.31 -11.61 -6.62
CA ILE A 87 0.16 -12.40 -6.19
C ILE A 87 -0.23 -13.43 -7.25
N TYR A 88 -0.17 -13.00 -8.51
CA TYR A 88 -0.53 -13.87 -9.63
C TYR A 88 0.66 -14.08 -10.55
N ALA A 89 0.51 -14.97 -11.52
CA ALA A 89 1.57 -15.27 -12.47
C ALA A 89 2.05 -13.99 -13.16
N GLY A 90 3.23 -13.52 -12.76
CA GLY A 90 3.79 -12.31 -13.35
C GLY A 90 2.71 -11.29 -13.69
N CYS A 91 1.93 -10.90 -12.70
CA CYS A 91 0.87 -9.93 -12.90
C CYS A 91 0.32 -9.43 -11.57
N CYS A 92 -0.36 -8.29 -11.60
CA CYS A 92 -0.93 -7.71 -10.39
C CYS A 92 0.17 -7.34 -9.39
N THR A 93 1.28 -6.84 -9.91
CA THR A 93 2.41 -6.46 -9.06
C THR A 93 1.97 -5.47 -7.98
N LEU A 94 2.55 -5.60 -6.80
CA LEU A 94 2.23 -4.71 -5.68
C LEU A 94 3.20 -3.53 -5.62
N LYS A 95 2.64 -2.33 -5.60
CA LYS A 95 3.45 -1.11 -5.53
C LYS A 95 3.05 -0.24 -4.34
N ILE A 96 3.61 -0.55 -3.18
CA ILE A 96 3.31 0.20 -1.97
C ILE A 96 3.93 1.60 -2.03
N GLU A 97 3.23 2.57 -1.45
CA GLU A 97 3.71 3.95 -1.44
C GLU A 97 3.25 4.67 -0.17
N TYR A 98 4.22 5.13 0.61
CA TYR A 98 3.91 5.84 1.86
C TYR A 98 2.81 6.87 1.65
N ALA A 99 1.58 6.49 1.95
CA ALA A 99 0.44 7.38 1.80
C ALA A 99 0.66 8.68 2.55
N ARG A 100 0.12 9.78 2.01
CA ARG A 100 0.27 11.09 2.62
C ARG A 100 -0.46 11.13 3.97
N PRO A 101 -1.79 10.92 3.94
CA PRO A 101 -2.62 10.93 5.14
C PRO A 101 -2.37 9.72 6.03
N THR A 102 -2.64 9.86 7.33
CA THR A 102 -2.45 8.78 8.27
C THR A 102 -3.78 8.35 8.90
N ARG A 103 -4.82 8.34 8.07
CA ARG A 103 -6.16 7.94 8.54
C ARG A 103 -6.96 7.30 7.41
N LEU A 104 -7.87 6.41 7.78
CA LEU A 104 -8.71 5.73 6.80
C LEU A 104 -10.13 5.56 7.32
N ASN A 105 -11.09 6.11 6.59
CA ASN A 105 -12.50 6.01 6.98
C ASN A 105 -13.25 5.05 6.08
N VAL A 106 -14.06 4.19 6.68
CA VAL A 106 -14.84 3.22 5.94
C VAL A 106 -16.34 3.40 6.18
N ILE A 107 -17.00 4.08 5.24
CA ILE A 107 -18.43 4.33 5.36
C ILE A 107 -19.21 3.03 5.52
N ARG A 108 -19.12 2.17 4.50
CA ARG A 108 -19.81 0.88 4.52
C ARG A 108 -18.82 -0.27 4.42
N ASN A 109 -19.31 -1.48 4.64
CA ASN A 109 -18.47 -2.67 4.57
C ASN A 109 -18.79 -3.48 3.32
N ASP A 110 -17.81 -3.57 2.41
CA ASP A 110 -17.99 -4.33 1.18
C ASP A 110 -16.64 -4.63 0.53
N ASN A 111 -16.66 -5.45 -0.51
CA ASN A 111 -15.44 -5.82 -1.22
C ASN A 111 -14.53 -4.61 -1.41
N ASP A 112 -15.13 -3.47 -1.72
CA ASP A 112 -14.38 -2.24 -1.93
C ASP A 112 -13.49 -1.94 -0.73
N SER A 113 -14.05 -2.06 0.46
CA SER A 113 -13.31 -1.80 1.70
C SER A 113 -13.96 -2.49 2.89
N TRP A 114 -13.14 -2.98 3.81
CA TRP A 114 -13.64 -3.67 4.99
C TRP A 114 -12.92 -3.18 6.24
N ASP A 115 -13.64 -3.13 7.35
CA ASP A 115 -13.07 -2.68 8.62
C ASP A 115 -13.16 -3.79 9.68
N TYR A 116 -12.02 -4.39 9.98
CA TYR A 116 -11.97 -5.46 10.97
C TYR A 116 -11.93 -4.90 12.39
N THR A 117 -11.17 -3.82 12.56
CA THR A 117 -11.05 -3.18 13.87
C THR A 117 -12.41 -2.97 14.50
N LYS A 118 -13.34 -2.43 13.73
CA LYS A 118 -14.69 -2.18 14.23
C LYS A 118 -15.74 -2.72 13.25
N PRO A 119 -16.11 -4.00 13.44
CA PRO A 119 -17.11 -4.65 12.60
C PRO A 119 -18.54 -4.29 12.99
N TYR A 120 -18.84 -4.39 14.28
CA TYR A 120 -20.16 -4.08 14.79
C TYR A 120 -20.38 -2.58 14.84
N LEU A 121 -20.15 -1.90 13.72
CA LEU A 121 -20.31 -0.46 13.64
C LEU A 121 -21.73 -0.10 13.21
N GLY A 122 -22.49 0.50 14.13
CA GLY A 122 -23.85 0.88 13.82
C GLY A 122 -24.86 -0.16 14.27
N ARG A 123 -25.17 -0.17 15.57
CA ARG A 123 -26.12 -1.12 16.11
C ARG A 123 -27.55 -0.59 16.00
N ARG A 124 -27.85 0.06 14.88
CA ARG A 124 -29.18 0.61 14.67
C ARG A 124 -30.04 -0.36 13.87
N GLY A 1 43.23 28.14 -38.70
CA GLY A 1 42.80 27.23 -37.66
C GLY A 1 41.35 27.42 -37.28
N SER A 2 40.77 26.41 -36.63
CA SER A 2 39.38 26.48 -36.22
C SER A 2 39.01 25.27 -35.34
N SER A 3 38.29 25.54 -34.26
CA SER A 3 37.88 24.48 -33.34
C SER A 3 36.82 24.98 -32.37
N GLY A 4 36.30 24.07 -31.55
CA GLY A 4 35.27 24.45 -30.58
C GLY A 4 35.35 23.62 -29.31
N SER A 5 36.35 23.91 -28.48
CA SER A 5 36.54 23.19 -27.23
C SER A 5 35.64 23.76 -26.14
N SER A 6 34.45 23.18 -25.99
CA SER A 6 33.50 23.63 -24.99
C SER A 6 32.40 22.61 -24.79
N GLY A 7 31.57 22.82 -23.77
CA GLY A 7 30.48 21.90 -23.49
C GLY A 7 30.44 21.47 -22.04
N LYS A 8 29.56 22.10 -21.26
CA LYS A 8 29.43 21.78 -19.85
C LYS A 8 28.26 22.54 -19.23
N ARG A 9 27.60 21.91 -18.25
CA ARG A 9 26.47 22.53 -17.58
C ARG A 9 26.56 22.33 -16.07
N ILE A 10 26.59 23.43 -15.33
CA ILE A 10 26.68 23.37 -13.87
C ILE A 10 25.65 22.41 -13.30
N THR A 11 25.87 21.98 -12.06
CA THR A 11 24.97 21.06 -11.40
C THR A 11 25.18 21.06 -9.89
N ARG A 12 24.19 20.59 -9.15
CA ARG A 12 24.27 20.54 -7.69
C ARG A 12 24.73 19.16 -7.22
N PRO A 13 25.64 19.15 -6.24
CA PRO A 13 26.18 17.91 -5.68
C PRO A 13 25.09 16.89 -5.35
N GLY A 14 25.49 15.64 -5.14
CA GLY A 14 24.54 14.60 -4.83
C GLY A 14 23.93 14.76 -3.45
N ASN A 15 23.07 15.77 -3.30
CA ASN A 15 22.41 16.04 -2.02
C ASN A 15 21.74 14.77 -1.48
N THR A 16 21.72 14.64 -0.16
CA THR A 16 21.10 13.49 0.47
C THR A 16 19.59 13.55 0.39
N ASP A 17 18.92 12.42 0.64
CA ASP A 17 17.47 12.37 0.59
C ASP A 17 16.85 13.19 1.72
N ASP A 18 15.70 13.79 1.45
CA ASP A 18 15.01 14.61 2.44
C ASP A 18 14.40 13.73 3.53
N PRO A 19 14.67 14.08 4.79
CA PRO A 19 14.15 13.34 5.95
C PRO A 19 12.67 13.04 5.82
N SER A 20 12.27 11.86 6.29
CA SER A 20 10.87 11.46 6.23
C SER A 20 10.55 10.44 7.33
N GLY A 21 9.31 10.46 7.80
CA GLY A 21 8.89 9.54 8.84
C GLY A 21 7.94 8.47 8.34
N GLY A 22 8.15 7.23 8.78
CA GLY A 22 7.29 6.14 8.34
C GLY A 22 5.83 6.42 8.60
N ASN A 23 4.97 5.59 8.05
CA ASN A 23 3.52 5.75 8.22
C ASN A 23 2.82 4.39 8.25
N LYS A 24 2.01 4.17 9.28
CA LYS A 24 1.29 2.92 9.43
C LYS A 24 0.52 2.58 8.16
N VAL A 25 -0.09 3.59 7.55
CA VAL A 25 -0.85 3.40 6.33
C VAL A 25 0.06 3.30 5.11
N LEU A 26 -0.34 2.51 4.12
CA LEU A 26 0.45 2.33 2.92
C LEU A 26 -0.45 2.32 1.68
N LEU A 27 0.02 2.96 0.62
CA LEU A 27 -0.73 3.03 -0.63
C LEU A 27 -0.31 1.93 -1.59
N LEU A 28 -1.19 0.95 -1.79
CA LEU A 28 -0.91 -0.16 -2.68
C LEU A 28 -1.53 0.07 -4.06
N SER A 29 -0.72 -0.09 -5.10
CA SER A 29 -1.19 0.11 -6.47
C SER A 29 -1.03 -1.17 -7.28
N ILE A 30 -2.15 -1.74 -7.71
CA ILE A 30 -2.13 -2.96 -8.50
C ILE A 30 -1.88 -2.65 -9.99
N GLN A 31 -0.99 -3.44 -10.59
CA GLN A 31 -0.66 -3.25 -12.00
C GLN A 31 -1.39 -4.26 -12.88
N ASN A 32 -1.88 -3.80 -14.02
CA ASN A 32 -2.60 -4.67 -14.94
C ASN A 32 -3.44 -5.69 -14.19
N PRO A 33 -4.29 -5.20 -13.27
CA PRO A 33 -5.16 -6.06 -12.46
C PRO A 33 -5.90 -7.09 -13.30
N LEU A 34 -5.56 -8.37 -13.07
CA LEU A 34 -6.20 -9.46 -13.81
C LEU A 34 -7.45 -9.94 -13.10
N TYR A 35 -7.30 -10.38 -11.86
CA TYR A 35 -8.42 -10.87 -11.07
C TYR A 35 -8.91 -9.80 -10.10
N PRO A 36 -10.24 -9.75 -9.89
CA PRO A 36 -10.86 -8.78 -8.98
C PRO A 36 -10.15 -8.70 -7.63
N ILE A 37 -9.51 -7.57 -7.37
CA ILE A 37 -8.79 -7.37 -6.12
C ILE A 37 -9.71 -6.80 -5.04
N THR A 38 -9.92 -7.57 -3.97
CA THR A 38 -10.77 -7.13 -2.87
C THR A 38 -10.05 -7.23 -1.54
N VAL A 39 -10.64 -6.66 -0.50
CA VAL A 39 -10.06 -6.68 0.83
C VAL A 39 -9.61 -8.09 1.21
N ASP A 40 -10.17 -9.09 0.54
CA ASP A 40 -9.84 -10.48 0.80
C ASP A 40 -8.44 -10.81 0.28
N VAL A 41 -8.12 -10.29 -0.89
CA VAL A 41 -6.81 -10.53 -1.51
C VAL A 41 -5.71 -9.80 -0.74
N LEU A 42 -6.06 -8.65 -0.17
CA LEU A 42 -5.10 -7.85 0.59
C LEU A 42 -5.19 -8.17 2.08
N TYR A 43 -5.93 -9.22 2.41
CA TYR A 43 -6.09 -9.62 3.81
C TYR A 43 -5.63 -11.05 4.02
N THR A 44 -5.27 -11.72 2.93
CA THR A 44 -4.80 -13.10 2.99
C THR A 44 -3.31 -13.18 2.71
N VAL A 45 -2.81 -12.29 1.86
CA VAL A 45 -1.40 -12.26 1.52
C VAL A 45 -0.65 -11.23 2.34
N CYS A 46 -1.39 -10.44 3.11
CA CYS A 46 -0.80 -9.41 3.96
C CYS A 46 -0.72 -9.87 5.41
N ASN A 47 -1.81 -10.46 5.89
CA ASN A 47 -1.86 -10.95 7.27
C ASN A 47 -0.68 -11.86 7.57
N PRO A 48 -0.38 -12.78 6.64
CA PRO A 48 0.72 -13.73 6.78
C PRO A 48 2.03 -13.04 7.21
N VAL A 49 2.12 -11.75 6.91
CA VAL A 49 3.31 -10.97 7.26
C VAL A 49 3.15 -10.31 8.62
N GLY A 50 2.06 -9.56 8.79
CA GLY A 50 1.82 -8.88 10.05
C GLY A 50 0.39 -9.06 10.53
N LYS A 51 -0.22 -7.97 10.98
CA LYS A 51 -1.59 -8.01 11.47
C LYS A 51 -2.44 -6.94 10.79
N VAL A 52 -3.14 -7.33 9.72
CA VAL A 52 -3.99 -6.41 8.99
C VAL A 52 -4.98 -5.71 9.91
N GLN A 53 -5.08 -4.40 9.77
CA GLN A 53 -5.98 -3.61 10.60
C GLN A 53 -7.15 -3.08 9.77
N ARG A 54 -6.85 -2.18 8.84
CA ARG A 54 -7.88 -1.59 7.99
C ARG A 54 -7.48 -1.70 6.52
N ILE A 55 -8.49 -1.94 5.66
CA ILE A 55 -8.25 -2.07 4.23
C ILE A 55 -9.17 -1.17 3.43
N VAL A 56 -8.61 -0.43 2.48
CA VAL A 56 -9.39 0.47 1.64
C VAL A 56 -8.97 0.36 0.18
N ILE A 57 -9.96 0.25 -0.70
CA ILE A 57 -9.70 0.14 -2.13
C ILE A 57 -10.44 1.23 -2.91
N PHE A 58 -9.68 2.14 -3.51
CA PHE A 58 -10.25 3.23 -4.28
C PHE A 58 -9.77 3.18 -5.73
N LYS A 59 -10.66 3.53 -6.66
CA LYS A 59 -10.32 3.53 -8.08
C LYS A 59 -10.32 4.94 -8.64
N ARG A 60 -9.74 5.88 -7.89
CA ARG A 60 -9.68 7.27 -8.31
C ARG A 60 -8.93 7.40 -9.63
N ASN A 61 -7.61 7.18 -9.58
CA ASN A 61 -6.78 7.28 -10.77
C ASN A 61 -6.34 5.90 -11.24
N GLY A 62 -7.29 4.98 -11.33
CA GLY A 62 -6.98 3.63 -11.77
C GLY A 62 -7.43 2.58 -10.77
N ILE A 63 -6.47 1.79 -10.28
CA ILE A 63 -6.78 0.74 -9.32
C ILE A 63 -5.78 0.76 -8.16
N GLN A 64 -6.15 1.45 -7.08
CA GLN A 64 -5.29 1.55 -5.90
C GLN A 64 -6.03 1.13 -4.65
N ALA A 65 -5.29 0.93 -3.56
CA ALA A 65 -5.89 0.52 -2.30
C ALA A 65 -4.94 0.80 -1.13
N MET A 66 -5.42 1.54 -0.15
CA MET A 66 -4.61 1.87 1.02
C MET A 66 -4.85 0.87 2.16
N VAL A 67 -3.79 0.18 2.55
CA VAL A 67 -3.88 -0.81 3.62
C VAL A 67 -3.13 -0.34 4.86
N GLU A 68 -3.80 -0.42 6.02
CA GLU A 68 -3.20 0.00 7.28
C GLU A 68 -2.81 -1.21 8.11
N PHE A 69 -1.81 -1.03 8.97
CA PHE A 69 -1.34 -2.11 9.84
C PHE A 69 -1.37 -1.70 11.30
N GLU A 70 -1.17 -2.67 12.20
CA GLU A 70 -1.18 -2.40 13.62
C GLU A 70 -0.51 -1.06 13.93
N SER A 71 0.81 -1.01 13.81
CA SER A 71 1.56 0.21 14.08
C SER A 71 2.65 0.42 13.03
N VAL A 72 3.46 1.45 13.23
CA VAL A 72 4.54 1.76 12.30
C VAL A 72 5.45 0.56 12.10
N LEU A 73 5.91 -0.02 13.21
CA LEU A 73 6.79 -1.18 13.15
C LEU A 73 6.28 -2.22 12.15
N CYS A 74 5.06 -2.69 12.39
CA CYS A 74 4.45 -3.69 11.51
C CYS A 74 4.41 -3.20 10.08
N ALA A 75 4.30 -1.88 9.91
CA ALA A 75 4.26 -1.28 8.58
C ALA A 75 5.61 -1.38 7.89
N GLN A 76 6.68 -1.23 8.66
CA GLN A 76 8.03 -1.30 8.13
C GLN A 76 8.27 -2.63 7.42
N LYS A 77 8.03 -3.73 8.14
CA LYS A 77 8.22 -5.07 7.58
C LYS A 77 7.19 -5.36 6.50
N ALA A 78 5.93 -4.99 6.76
CA ALA A 78 4.86 -5.22 5.81
C ALA A 78 5.18 -4.57 4.47
N LYS A 79 5.58 -3.31 4.50
CA LYS A 79 5.92 -2.58 3.28
C LYS A 79 6.91 -3.38 2.43
N ALA A 80 8.04 -3.73 3.02
CA ALA A 80 9.06 -4.50 2.31
C ALA A 80 8.52 -5.84 1.85
N ALA A 81 8.06 -6.66 2.80
CA ALA A 81 7.52 -7.97 2.50
C ALA A 81 6.51 -7.89 1.36
N LEU A 82 5.84 -6.75 1.24
CA LEU A 82 4.84 -6.55 0.19
C LEU A 82 5.44 -5.76 -0.98
N ASN A 83 6.60 -5.15 -0.74
CA ASN A 83 7.27 -4.37 -1.77
C ASN A 83 7.58 -5.23 -2.98
N GLY A 84 6.85 -4.99 -4.07
CA GLY A 84 7.06 -5.76 -5.29
C GLY A 84 6.64 -7.20 -5.15
N ALA A 85 5.80 -7.48 -4.15
CA ALA A 85 5.33 -8.83 -3.91
C ALA A 85 4.31 -9.25 -4.96
N ASP A 86 4.77 -10.01 -5.95
CA ASP A 86 3.91 -10.47 -7.03
C ASP A 86 2.92 -11.52 -6.52
N ILE A 87 1.63 -11.17 -6.52
CA ILE A 87 0.59 -12.07 -6.06
C ILE A 87 0.36 -13.20 -7.06
N TYR A 88 0.54 -12.90 -8.33
CA TYR A 88 0.36 -13.89 -9.39
C TYR A 88 1.47 -13.80 -10.42
N ALA A 89 1.78 -14.94 -11.05
CA ALA A 89 2.83 -14.99 -12.06
C ALA A 89 2.85 -13.71 -12.89
N GLY A 90 3.85 -12.86 -12.63
CA GLY A 90 3.98 -11.61 -13.35
C GLY A 90 2.63 -10.95 -13.59
N CYS A 91 2.04 -10.43 -12.52
CA CYS A 91 0.75 -9.76 -12.63
C CYS A 91 0.35 -9.15 -11.29
N CYS A 92 -0.41 -8.06 -11.35
CA CYS A 92 -0.86 -7.37 -10.14
C CYS A 92 0.32 -6.94 -9.29
N THR A 93 1.29 -6.26 -9.91
CA THR A 93 2.47 -5.79 -9.21
C THR A 93 2.10 -4.84 -8.07
N LEU A 94 2.27 -5.31 -6.84
CA LEU A 94 1.95 -4.50 -5.67
C LEU A 94 2.94 -3.34 -5.53
N LYS A 95 2.45 -2.13 -5.82
CA LYS A 95 3.28 -0.94 -5.72
C LYS A 95 2.97 -0.15 -4.45
N ILE A 96 3.71 -0.45 -3.38
CA ILE A 96 3.52 0.21 -2.10
C ILE A 96 4.19 1.59 -2.10
N GLU A 97 3.51 2.56 -1.51
CA GLU A 97 4.04 3.93 -1.44
C GLU A 97 3.55 4.63 -0.17
N TYR A 98 4.49 5.15 0.61
CA TYR A 98 4.17 5.84 1.85
C TYR A 98 3.06 6.87 1.62
N ALA A 99 1.83 6.52 1.98
CA ALA A 99 0.69 7.41 1.81
C ALA A 99 0.95 8.75 2.47
N ARG A 100 0.49 9.83 1.82
CA ARG A 100 0.68 11.17 2.35
C ARG A 100 -0.07 11.35 3.67
N PRO A 101 -1.32 10.86 3.71
CA PRO A 101 -2.17 10.96 4.90
C PRO A 101 -1.85 9.88 5.93
N THR A 102 -2.01 10.21 7.20
CA THR A 102 -1.74 9.27 8.28
C THR A 102 -2.97 8.44 8.61
N ARG A 103 -4.13 8.87 8.11
CA ARG A 103 -5.38 8.17 8.36
C ARG A 103 -6.10 7.88 7.05
N LEU A 104 -7.08 6.99 7.10
CA LEU A 104 -7.85 6.63 5.92
C LEU A 104 -9.35 6.89 6.13
N ASN A 105 -10.13 6.76 5.07
CA ASN A 105 -11.56 6.98 5.15
C ASN A 105 -12.33 5.81 4.53
N VAL A 106 -12.80 4.91 5.39
CA VAL A 106 -13.55 3.75 4.93
C VAL A 106 -15.02 4.11 4.66
N ILE A 107 -15.35 4.28 3.38
CA ILE A 107 -16.70 4.62 2.98
C ILE A 107 -17.73 3.90 3.85
N ARG A 108 -17.73 2.57 3.76
CA ARG A 108 -18.66 1.76 4.55
C ARG A 108 -18.29 0.28 4.46
N ASN A 109 -18.45 -0.43 5.57
CA ASN A 109 -18.14 -1.85 5.62
C ASN A 109 -18.57 -2.55 4.33
N ASP A 110 -17.62 -2.78 3.45
CA ASP A 110 -17.90 -3.45 2.18
C ASP A 110 -16.60 -3.86 1.48
N ASN A 111 -16.73 -4.62 0.40
CA ASN A 111 -15.57 -5.08 -0.36
C ASN A 111 -14.59 -3.94 -0.61
N ASP A 112 -15.08 -2.88 -1.25
CA ASP A 112 -14.25 -1.72 -1.55
C ASP A 112 -13.32 -1.40 -0.39
N SER A 113 -13.84 -1.50 0.83
CA SER A 113 -13.04 -1.22 2.03
C SER A 113 -13.72 -1.81 3.26
N TRP A 114 -12.91 -2.42 4.13
CA TRP A 114 -13.42 -3.03 5.35
C TRP A 114 -12.66 -2.51 6.56
N ASP A 115 -13.40 -2.06 7.57
CA ASP A 115 -12.80 -1.54 8.79
C ASP A 115 -13.28 -2.31 10.02
N TYR A 116 -12.68 -3.48 10.24
CA TYR A 116 -13.06 -4.32 11.38
C TYR A 116 -12.61 -3.69 12.70
N THR A 117 -11.44 -3.07 12.69
CA THR A 117 -10.90 -2.42 13.88
C THR A 117 -11.81 -1.29 14.34
N LYS A 118 -12.64 -0.78 13.44
CA LYS A 118 -13.56 0.29 13.77
C LYS A 118 -14.99 -0.08 13.38
N PRO A 119 -15.72 -0.69 14.32
CA PRO A 119 -17.11 -1.11 14.10
C PRO A 119 -18.09 0.05 14.22
N TYR A 120 -17.57 1.23 14.57
CA TYR A 120 -18.40 2.42 14.73
C TYR A 120 -18.17 3.39 13.58
N LEU A 121 -19.01 3.29 12.55
CA LEU A 121 -18.91 4.16 11.39
C LEU A 121 -20.18 4.97 11.20
N GLY A 122 -20.05 6.30 11.23
CA GLY A 122 -21.20 7.17 11.07
C GLY A 122 -22.35 6.79 11.98
N ARG A 123 -22.18 7.07 13.27
CA ARG A 123 -23.21 6.77 14.27
C ARG A 123 -24.40 7.70 14.11
N ARG A 124 -25.32 7.33 13.23
CA ARG A 124 -26.51 8.13 12.99
C ARG A 124 -27.69 7.63 13.82
N GLY A 1 28.26 13.89 -37.48
CA GLY A 1 28.80 12.71 -36.84
C GLY A 1 29.78 13.04 -35.73
N SER A 2 29.37 12.83 -34.48
CA SER A 2 30.22 13.12 -33.33
C SER A 2 30.69 11.83 -32.67
N SER A 3 31.76 11.93 -31.90
CA SER A 3 32.31 10.77 -31.20
C SER A 3 31.38 10.30 -30.09
N GLY A 4 31.64 9.11 -29.57
CA GLY A 4 30.81 8.57 -28.51
C GLY A 4 29.79 7.58 -29.03
N SER A 5 30.11 6.29 -28.94
CA SER A 5 29.22 5.24 -29.41
C SER A 5 29.01 4.18 -28.32
N SER A 6 30.10 3.76 -27.69
CA SER A 6 30.03 2.76 -26.65
C SER A 6 30.36 3.37 -25.28
N GLY A 7 29.32 3.70 -24.53
CA GLY A 7 29.52 4.28 -23.22
C GLY A 7 29.58 3.24 -22.11
N LYS A 8 30.69 2.51 -22.05
CA LYS A 8 30.88 1.49 -21.03
C LYS A 8 30.41 1.97 -19.66
N ARG A 9 30.44 3.28 -19.46
CA ARG A 9 30.01 3.88 -18.20
C ARG A 9 28.94 4.93 -18.43
N ILE A 10 28.22 5.28 -17.37
CA ILE A 10 27.15 6.28 -17.45
C ILE A 10 27.41 7.43 -16.49
N THR A 11 27.10 8.65 -16.94
CA THR A 11 27.29 9.83 -16.11
C THR A 11 26.86 9.57 -14.67
N ARG A 12 25.64 9.09 -14.50
CA ARG A 12 25.10 8.80 -13.17
C ARG A 12 24.05 7.70 -13.24
N PRO A 13 24.03 6.84 -12.21
CA PRO A 13 23.08 5.73 -12.13
C PRO A 13 21.68 6.20 -11.70
N GLY A 14 20.67 5.44 -12.08
CA GLY A 14 19.31 5.79 -11.73
C GLY A 14 19.19 6.26 -10.29
N ASN A 15 18.82 7.53 -10.12
CA ASN A 15 18.68 8.11 -8.78
C ASN A 15 17.63 7.36 -7.98
N THR A 16 18.07 6.61 -6.98
CA THR A 16 17.17 5.84 -6.13
C THR A 16 17.37 6.17 -4.66
N ASP A 17 16.66 7.18 -4.19
CA ASP A 17 16.77 7.61 -2.79
C ASP A 17 15.48 7.30 -2.03
N ASP A 18 15.59 6.52 -0.97
CA ASP A 18 14.43 6.16 -0.15
C ASP A 18 14.08 7.28 0.82
N PRO A 19 12.77 7.47 1.05
CA PRO A 19 12.27 8.51 1.96
C PRO A 19 12.43 8.12 3.42
N SER A 20 12.40 9.12 4.29
CA SER A 20 12.55 8.88 5.73
C SER A 20 11.34 9.42 6.49
N GLY A 21 10.14 9.18 5.95
CA GLY A 21 8.93 9.65 6.59
C GLY A 21 8.18 8.54 7.30
N GLY A 22 7.63 7.61 6.51
CA GLY A 22 6.88 6.51 7.08
C GLY A 22 5.46 6.89 7.44
N ASN A 23 4.58 5.90 7.51
CA ASN A 23 3.19 6.13 7.84
C ASN A 23 2.45 4.81 8.07
N LYS A 24 1.50 4.82 9.00
CA LYS A 24 0.72 3.63 9.31
C LYS A 24 0.02 3.10 8.07
N VAL A 25 -0.55 4.00 7.28
CA VAL A 25 -1.24 3.61 6.06
C VAL A 25 -0.29 3.56 4.87
N LEU A 26 -0.55 2.65 3.95
CA LEU A 26 0.29 2.50 2.77
C LEU A 26 -0.57 2.35 1.51
N LEU A 27 -0.32 3.21 0.52
CA LEU A 27 -1.07 3.16 -0.73
C LEU A 27 -0.49 2.11 -1.66
N LEU A 28 -1.24 1.02 -1.85
CA LEU A 28 -0.81 -0.07 -2.73
C LEU A 28 -1.41 0.09 -4.12
N SER A 29 -0.56 0.01 -5.13
CA SER A 29 -1.01 0.14 -6.51
C SER A 29 -0.84 -1.18 -7.27
N ILE A 30 -1.93 -1.63 -7.89
CA ILE A 30 -1.90 -2.88 -8.64
C ILE A 30 -1.50 -2.64 -10.10
N GLN A 31 -0.44 -3.29 -10.53
CA GLN A 31 0.04 -3.14 -11.91
C GLN A 31 -0.81 -3.96 -12.86
N ASN A 32 -1.11 -3.38 -14.02
CA ASN A 32 -1.91 -4.07 -15.03
C ASN A 32 -3.11 -4.77 -14.39
N PRO A 33 -3.89 -4.01 -13.61
CA PRO A 33 -5.08 -4.54 -12.93
C PRO A 33 -5.94 -5.40 -13.84
N LEU A 34 -5.65 -6.70 -13.86
CA LEU A 34 -6.40 -7.64 -14.69
C LEU A 34 -7.49 -8.33 -13.88
N TYR A 35 -7.14 -8.73 -12.66
CA TYR A 35 -8.09 -9.41 -11.78
C TYR A 35 -8.46 -8.53 -10.59
N PRO A 36 -9.67 -8.76 -10.04
CA PRO A 36 -10.16 -8.00 -8.89
C PRO A 36 -9.50 -8.43 -7.58
N ILE A 37 -8.78 -7.50 -6.97
CA ILE A 37 -8.09 -7.77 -5.72
C ILE A 37 -8.89 -7.23 -4.53
N THR A 38 -9.73 -8.08 -3.96
CA THR A 38 -10.56 -7.68 -2.83
C THR A 38 -9.71 -7.54 -1.57
N VAL A 39 -10.29 -6.93 -0.53
CA VAL A 39 -9.59 -6.74 0.73
C VAL A 39 -9.06 -8.07 1.28
N ASP A 40 -9.85 -9.12 1.13
CA ASP A 40 -9.46 -10.45 1.60
C ASP A 40 -8.16 -10.90 0.93
N VAL A 41 -8.15 -10.84 -0.40
CA VAL A 41 -6.97 -11.25 -1.17
C VAL A 41 -5.70 -10.67 -0.58
N LEU A 42 -5.77 -9.42 -0.13
CA LEU A 42 -4.62 -8.74 0.46
C LEU A 42 -4.38 -9.23 1.88
N TYR A 43 -5.37 -9.03 2.75
CA TYR A 43 -5.26 -9.45 4.14
C TYR A 43 -4.74 -10.88 4.24
N THR A 44 -5.11 -11.71 3.27
CA THR A 44 -4.69 -13.10 3.25
C THR A 44 -3.17 -13.21 3.10
N VAL A 45 -2.62 -12.46 2.15
CA VAL A 45 -1.17 -12.47 1.91
C VAL A 45 -0.47 -11.45 2.80
N CYS A 46 -1.24 -10.60 3.46
CA CYS A 46 -0.69 -9.59 4.35
C CYS A 46 -0.50 -10.14 5.76
N ASN A 47 -1.54 -10.78 6.29
CA ASN A 47 -1.49 -11.35 7.62
C ASN A 47 -0.22 -12.19 7.82
N PRO A 48 0.07 -13.05 6.82
CA PRO A 48 1.26 -13.91 6.85
C PRO A 48 2.52 -13.15 7.22
N VAL A 49 2.48 -11.83 7.10
CA VAL A 49 3.62 -10.99 7.42
C VAL A 49 3.41 -10.27 8.75
N GLY A 50 2.20 -9.77 8.96
CA GLY A 50 1.88 -9.08 10.20
C GLY A 50 0.40 -9.06 10.51
N LYS A 51 -0.07 -7.97 11.09
CA LYS A 51 -1.49 -7.84 11.43
C LYS A 51 -2.10 -6.60 10.77
N VAL A 52 -3.19 -6.80 10.05
CA VAL A 52 -3.87 -5.70 9.36
C VAL A 52 -5.03 -5.18 10.20
N GLN A 53 -5.28 -3.87 10.09
CA GLN A 53 -6.37 -3.24 10.84
C GLN A 53 -7.51 -2.86 9.92
N ARG A 54 -7.23 -1.98 8.96
CA ARG A 54 -8.24 -1.53 8.02
C ARG A 54 -7.69 -1.53 6.59
N ILE A 55 -8.57 -1.80 5.63
CA ILE A 55 -8.17 -1.84 4.23
C ILE A 55 -9.24 -1.21 3.33
N VAL A 56 -8.81 -0.31 2.45
CA VAL A 56 -9.74 0.36 1.54
C VAL A 56 -9.29 0.20 0.09
N ILE A 57 -10.23 -0.11 -0.79
CA ILE A 57 -9.94 -0.28 -2.20
C ILE A 57 -10.74 0.70 -3.05
N PHE A 58 -10.02 1.53 -3.81
CA PHE A 58 -10.67 2.52 -4.68
C PHE A 58 -10.00 2.55 -6.05
N LYS A 59 -10.75 2.98 -7.05
CA LYS A 59 -10.24 3.07 -8.42
C LYS A 59 -10.56 4.42 -9.03
N ARG A 60 -10.42 5.48 -8.25
CA ARG A 60 -10.70 6.83 -8.71
C ARG A 60 -9.65 7.27 -9.73
N ASN A 61 -8.39 7.25 -9.32
CA ASN A 61 -7.29 7.65 -10.20
C ASN A 61 -6.32 6.49 -10.41
N GLY A 62 -6.85 5.30 -10.68
CA GLY A 62 -6.02 4.14 -10.90
C GLY A 62 -6.24 3.06 -9.85
N ILE A 63 -6.49 1.84 -10.31
CA ILE A 63 -6.71 0.72 -9.40
C ILE A 63 -5.71 0.73 -8.25
N GLN A 64 -6.16 1.15 -7.07
CA GLN A 64 -5.31 1.20 -5.89
C GLN A 64 -6.10 0.88 -4.63
N ALA A 65 -5.39 0.71 -3.52
CA ALA A 65 -6.03 0.40 -2.24
C ALA A 65 -5.11 0.75 -1.08
N MET A 66 -5.65 1.47 -0.10
CA MET A 66 -4.87 1.88 1.07
C MET A 66 -4.96 0.81 2.16
N VAL A 67 -3.80 0.24 2.50
CA VAL A 67 -3.74 -0.80 3.53
C VAL A 67 -3.10 -0.27 4.80
N GLU A 68 -3.83 -0.37 5.92
CA GLU A 68 -3.33 0.10 7.20
C GLU A 68 -2.86 -1.07 8.06
N PHE A 69 -1.88 -0.80 8.93
CA PHE A 69 -1.35 -1.83 9.81
C PHE A 69 -1.39 -1.38 11.26
N GLU A 70 -1.30 -2.34 12.18
CA GLU A 70 -1.34 -2.03 13.61
C GLU A 70 -0.65 -0.70 13.89
N SER A 71 0.66 -0.68 13.74
CA SER A 71 1.44 0.55 13.99
C SER A 71 2.54 0.71 12.94
N VAL A 72 3.14 1.89 12.91
CA VAL A 72 4.22 2.17 11.96
C VAL A 72 5.16 0.99 11.84
N LEU A 73 5.74 0.57 12.96
CA LEU A 73 6.66 -0.56 12.97
C LEU A 73 6.22 -1.64 11.98
N CYS A 74 5.06 -2.22 12.24
CA CYS A 74 4.52 -3.27 11.37
C CYS A 74 4.61 -2.86 9.91
N ALA A 75 4.28 -1.60 9.63
CA ALA A 75 4.31 -1.08 8.27
C ALA A 75 5.69 -1.27 7.66
N GLN A 76 6.73 -1.07 8.46
CA GLN A 76 8.10 -1.20 8.00
C GLN A 76 8.34 -2.59 7.39
N LYS A 77 8.12 -3.62 8.20
CA LYS A 77 8.31 -5.00 7.74
C LYS A 77 7.28 -5.36 6.68
N ALA A 78 6.01 -5.11 6.98
CA ALA A 78 4.93 -5.40 6.04
C ALA A 78 5.24 -4.84 4.65
N LYS A 79 5.62 -3.57 4.60
CA LYS A 79 5.94 -2.92 3.34
C LYS A 79 6.97 -3.73 2.55
N ALA A 80 8.03 -4.15 3.24
CA ALA A 80 9.07 -4.94 2.61
C ALA A 80 8.52 -6.24 2.04
N ALA A 81 8.15 -7.16 2.92
CA ALA A 81 7.60 -8.45 2.50
C ALA A 81 6.62 -8.28 1.35
N LEU A 82 5.86 -7.20 1.39
CA LEU A 82 4.88 -6.91 0.34
C LEU A 82 5.52 -6.17 -0.83
N ASN A 83 6.62 -5.49 -0.54
CA ASN A 83 7.34 -4.75 -1.58
C ASN A 83 7.78 -5.66 -2.71
N GLY A 84 7.06 -5.60 -3.83
CA GLY A 84 7.39 -6.44 -4.96
C GLY A 84 6.87 -7.86 -4.82
N ALA A 85 5.84 -8.03 -4.00
CA ALA A 85 5.25 -9.35 -3.78
C ALA A 85 4.08 -9.57 -4.72
N ASP A 86 4.35 -10.21 -5.85
CA ASP A 86 3.32 -10.50 -6.84
C ASP A 86 2.34 -11.54 -6.31
N ILE A 87 1.09 -11.44 -6.74
CA ILE A 87 0.05 -12.37 -6.31
C ILE A 87 -0.28 -13.37 -7.41
N TYR A 88 -0.33 -12.89 -8.64
CA TYR A 88 -0.64 -13.75 -9.78
C TYR A 88 0.59 -13.93 -10.67
N ALA A 89 0.47 -14.81 -11.67
CA ALA A 89 1.56 -15.08 -12.59
C ALA A 89 2.01 -13.79 -13.29
N GLY A 90 3.19 -13.31 -12.91
CA GLY A 90 3.70 -12.09 -13.50
C GLY A 90 2.62 -11.10 -13.85
N CYS A 91 1.82 -10.73 -12.86
CA CYS A 91 0.73 -9.79 -13.06
C CYS A 91 0.20 -9.25 -11.74
N CYS A 92 -0.36 -8.05 -11.77
CA CYS A 92 -0.89 -7.43 -10.56
C CYS A 92 0.22 -7.17 -9.54
N THR A 93 1.34 -6.65 -10.02
CA THR A 93 2.48 -6.37 -9.15
C THR A 93 2.11 -5.36 -8.07
N LEU A 94 2.41 -5.70 -6.83
CA LEU A 94 2.11 -4.83 -5.70
C LEU A 94 3.13 -3.70 -5.60
N LYS A 95 2.64 -2.47 -5.62
CA LYS A 95 3.50 -1.29 -5.53
C LYS A 95 3.12 -0.43 -4.33
N ILE A 96 3.65 -0.77 -3.16
CA ILE A 96 3.36 -0.02 -1.95
C ILE A 96 3.91 1.40 -2.04
N GLU A 97 3.19 2.35 -1.46
CA GLU A 97 3.61 3.74 -1.47
C GLU A 97 3.02 4.50 -0.28
N TYR A 98 3.88 4.88 0.65
CA TYR A 98 3.44 5.61 1.84
C TYR A 98 2.34 6.60 1.50
N ALA A 99 1.11 6.27 1.89
CA ALA A 99 -0.04 7.14 1.62
C ALA A 99 0.21 8.54 2.17
N ARG A 100 -0.56 9.50 1.66
CA ARG A 100 -0.43 10.90 2.08
C ARG A 100 -0.99 11.08 3.48
N PRO A 101 -2.29 10.78 3.65
CA PRO A 101 -2.98 10.91 4.93
C PRO A 101 -2.57 9.82 5.92
N THR A 102 -2.79 10.10 7.21
CA THR A 102 -2.44 9.15 8.26
C THR A 102 -3.59 8.18 8.53
N ARG A 103 -4.80 8.61 8.21
CA ARG A 103 -5.99 7.78 8.42
C ARG A 103 -6.73 7.57 7.12
N LEU A 104 -7.90 6.94 7.20
CA LEU A 104 -8.72 6.67 6.02
C LEU A 104 -10.20 6.83 6.35
N ASN A 105 -11.03 6.84 5.30
CA ASN A 105 -12.46 6.99 5.48
C ASN A 105 -13.22 5.85 4.79
N VAL A 106 -13.89 5.02 5.57
CA VAL A 106 -14.64 3.90 5.03
C VAL A 106 -16.14 4.17 5.08
N ILE A 107 -16.72 4.51 3.93
CA ILE A 107 -18.15 4.79 3.84
C ILE A 107 -18.97 3.60 4.33
N ARG A 108 -18.67 2.43 3.79
CA ARG A 108 -19.39 1.21 4.17
C ARG A 108 -18.44 0.02 4.23
N ASN A 109 -18.82 -0.98 5.02
CA ASN A 109 -18.00 -2.18 5.17
C ASN A 109 -18.38 -3.23 4.13
N ASP A 110 -17.80 -3.12 2.94
CA ASP A 110 -18.07 -4.06 1.86
C ASP A 110 -16.77 -4.59 1.26
N ASN A 111 -16.90 -5.56 0.36
CA ASN A 111 -15.74 -6.15 -0.30
C ASN A 111 -14.70 -5.08 -0.62
N ASP A 112 -15.14 -4.03 -1.29
CA ASP A 112 -14.25 -2.93 -1.67
C ASP A 112 -13.35 -2.54 -0.50
N SER A 113 -13.95 -2.13 0.61
CA SER A 113 -13.21 -1.72 1.79
C SER A 113 -13.82 -2.32 3.05
N TRP A 114 -12.96 -2.79 3.95
CA TRP A 114 -13.41 -3.38 5.21
C TRP A 114 -12.53 -2.95 6.37
N ASP A 115 -13.16 -2.43 7.42
CA ASP A 115 -12.43 -1.98 8.60
C ASP A 115 -12.57 -2.99 9.74
N TYR A 116 -11.55 -3.83 9.90
CA TYR A 116 -11.57 -4.85 10.95
C TYR A 116 -11.07 -4.26 12.27
N THR A 117 -11.50 -3.03 12.56
CA THR A 117 -11.11 -2.36 13.79
C THR A 117 -12.30 -2.12 14.69
N LYS A 118 -13.43 -1.76 14.09
CA LYS A 118 -14.65 -1.50 14.84
C LYS A 118 -15.81 -2.33 14.28
N PRO A 119 -15.98 -3.56 14.82
CA PRO A 119 -17.05 -4.46 14.39
C PRO A 119 -18.39 -4.08 14.98
N TYR A 120 -18.39 -3.08 15.85
CA TYR A 120 -19.63 -2.61 16.48
C TYR A 120 -20.11 -1.31 15.84
N LEU A 121 -20.12 -1.28 14.51
CA LEU A 121 -20.56 -0.11 13.77
C LEU A 121 -21.72 -0.46 12.84
N GLY A 122 -22.91 -0.03 13.21
CA GLY A 122 -24.09 -0.29 12.40
C GLY A 122 -25.38 -0.12 13.17
N ARG A 123 -25.50 0.97 13.90
CA ARG A 123 -26.69 1.26 14.69
C ARG A 123 -27.55 2.31 14.01
N ARG A 124 -28.33 1.89 13.02
CA ARG A 124 -29.20 2.81 12.29
C ARG A 124 -29.86 3.80 13.24
N GLY A 1 17.19 1.58 -38.16
CA GLY A 1 15.83 1.94 -37.80
C GLY A 1 15.16 0.89 -36.94
N SER A 2 14.91 1.24 -35.68
CA SER A 2 14.28 0.31 -34.74
C SER A 2 13.56 1.08 -33.64
N SER A 3 12.23 0.93 -33.60
CA SER A 3 11.42 1.61 -32.61
C SER A 3 11.56 0.93 -31.24
N GLY A 4 11.98 1.71 -30.25
CA GLY A 4 12.15 1.17 -28.91
C GLY A 4 13.09 2.00 -28.06
N SER A 5 12.54 3.01 -27.39
CA SER A 5 13.34 3.90 -26.55
C SER A 5 12.85 3.84 -25.11
N SER A 6 13.77 3.52 -24.20
CA SER A 6 13.44 3.43 -22.78
C SER A 6 14.69 3.25 -21.94
N GLY A 7 14.68 3.81 -20.73
CA GLY A 7 15.82 3.70 -19.85
C GLY A 7 15.96 2.31 -19.27
N LYS A 8 16.87 2.16 -18.31
CA LYS A 8 17.11 0.86 -17.67
C LYS A 8 16.09 0.61 -16.57
N ARG A 9 15.84 1.63 -15.75
CA ARG A 9 14.88 1.51 -14.65
C ARG A 9 13.73 2.48 -14.84
N ILE A 10 12.63 1.99 -15.43
CA ILE A 10 11.46 2.81 -15.66
C ILE A 10 10.75 3.14 -14.35
N THR A 11 11.37 4.00 -13.54
CA THR A 11 10.80 4.39 -12.26
C THR A 11 11.06 5.87 -11.99
N ARG A 12 10.16 6.48 -11.21
CA ARG A 12 10.29 7.89 -10.87
C ARG A 12 10.34 8.08 -9.36
N PRO A 13 11.43 8.72 -8.88
CA PRO A 13 11.63 8.99 -7.45
C PRO A 13 10.78 10.15 -6.95
N GLY A 14 9.74 9.84 -6.20
CA GLY A 14 8.86 10.87 -5.68
C GLY A 14 8.63 10.73 -4.19
N ASN A 15 9.72 10.61 -3.44
CA ASN A 15 9.63 10.46 -1.98
C ASN A 15 11.01 10.58 -1.34
N THR A 16 11.02 10.93 -0.06
CA THR A 16 12.28 11.07 0.68
C THR A 16 12.37 10.06 1.81
N ASP A 17 13.59 9.72 2.20
CA ASP A 17 13.83 8.77 3.27
C ASP A 17 14.07 9.49 4.59
N ASP A 18 13.24 9.19 5.59
CA ASP A 18 13.37 9.81 6.90
C ASP A 18 13.89 8.81 7.93
N PRO A 19 14.59 9.32 8.96
CA PRO A 19 15.15 8.49 10.02
C PRO A 19 14.10 8.03 11.02
N SER A 20 13.97 6.72 11.18
CA SER A 20 12.99 6.15 12.11
C SER A 20 11.62 6.75 11.88
N GLY A 21 11.26 6.91 10.62
CA GLY A 21 9.96 7.48 10.28
C GLY A 21 9.01 6.46 9.68
N GLY A 22 8.14 6.92 8.79
CA GLY A 22 7.19 6.03 8.16
C GLY A 22 5.75 6.33 8.54
N ASN A 23 4.84 5.46 8.13
CA ASN A 23 3.42 5.64 8.43
C ASN A 23 2.68 4.31 8.39
N LYS A 24 1.73 4.13 9.31
CA LYS A 24 0.95 2.90 9.37
C LYS A 24 0.23 2.65 8.06
N VAL A 25 -0.35 3.71 7.49
CA VAL A 25 -1.07 3.59 6.23
C VAL A 25 -0.11 3.42 5.05
N LEU A 26 -0.47 2.55 4.12
CA LEU A 26 0.36 2.29 2.95
C LEU A 26 -0.49 2.17 1.69
N LEU A 27 -0.15 2.95 0.67
CA LEU A 27 -0.88 2.93 -0.58
C LEU A 27 -0.36 1.83 -1.50
N LEU A 28 -1.19 0.83 -1.76
CA LEU A 28 -0.82 -0.28 -2.62
C LEU A 28 -1.42 -0.11 -4.02
N SER A 29 -0.58 -0.31 -5.03
CA SER A 29 -1.01 -0.17 -6.41
C SER A 29 -0.83 -1.49 -7.17
N ILE A 30 -1.83 -1.83 -7.98
CA ILE A 30 -1.79 -3.06 -8.75
C ILE A 30 -1.50 -2.78 -10.23
N GLN A 31 -0.46 -3.42 -10.75
CA GLN A 31 -0.08 -3.23 -12.15
C GLN A 31 -0.92 -4.11 -13.07
N ASN A 32 -1.27 -3.58 -14.23
CA ASN A 32 -2.08 -4.31 -15.20
C ASN A 32 -3.18 -5.10 -14.50
N PRO A 33 -3.98 -4.41 -13.68
CA PRO A 33 -5.08 -5.03 -12.93
C PRO A 33 -5.90 -5.97 -13.80
N LEU A 34 -5.70 -7.27 -13.61
CA LEU A 34 -6.43 -8.27 -14.37
C LEU A 34 -7.50 -8.94 -13.52
N TYR A 35 -7.12 -9.33 -12.31
CA TYR A 35 -8.04 -9.98 -11.39
C TYR A 35 -8.56 -9.00 -10.35
N PRO A 36 -9.76 -9.28 -9.83
CA PRO A 36 -10.40 -8.43 -8.81
C PRO A 36 -9.75 -8.57 -7.43
N ILE A 37 -9.15 -7.49 -6.95
CA ILE A 37 -8.49 -7.49 -5.65
C ILE A 37 -9.38 -6.88 -4.58
N THR A 38 -9.71 -7.66 -3.56
CA THR A 38 -10.55 -7.19 -2.47
C THR A 38 -9.84 -7.34 -1.12
N VAL A 39 -10.26 -6.53 -0.15
CA VAL A 39 -9.66 -6.57 1.18
C VAL A 39 -9.23 -7.98 1.55
N ASP A 40 -10.00 -8.96 1.10
CA ASP A 40 -9.70 -10.36 1.39
C ASP A 40 -8.34 -10.75 0.81
N VAL A 41 -8.24 -10.74 -0.51
CA VAL A 41 -7.00 -11.09 -1.19
C VAL A 41 -5.80 -10.45 -0.50
N LEU A 42 -5.87 -9.14 -0.28
CA LEU A 42 -4.79 -8.41 0.37
C LEU A 42 -4.54 -8.95 1.78
N TYR A 43 -5.58 -8.91 2.61
CA TYR A 43 -5.48 -9.39 3.99
C TYR A 43 -4.96 -10.82 4.02
N THR A 44 -5.21 -11.56 2.94
CA THR A 44 -4.77 -12.94 2.84
C THR A 44 -3.25 -13.04 2.73
N VAL A 45 -2.67 -12.21 1.85
CA VAL A 45 -1.24 -12.20 1.65
C VAL A 45 -0.54 -11.27 2.63
N CYS A 46 -1.32 -10.41 3.28
CA CYS A 46 -0.79 -9.46 4.25
C CYS A 46 -0.72 -10.10 5.64
N ASN A 47 -1.79 -10.78 6.03
CA ASN A 47 -1.84 -11.43 7.34
C ASN A 47 -0.57 -12.23 7.59
N PRO A 48 -0.17 -13.04 6.60
CA PRO A 48 1.03 -13.87 6.69
C PRO A 48 2.24 -13.10 7.21
N VAL A 49 2.19 -11.78 7.08
CA VAL A 49 3.28 -10.93 7.53
C VAL A 49 2.98 -10.32 8.89
N GLY A 50 1.72 -9.95 9.12
CA GLY A 50 1.32 -9.37 10.38
C GLY A 50 -0.18 -9.33 10.55
N LYS A 51 -0.65 -8.40 11.37
CA LYS A 51 -2.08 -8.25 11.62
C LYS A 51 -2.66 -7.06 10.87
N VAL A 52 -3.89 -7.19 10.40
CA VAL A 52 -4.55 -6.12 9.66
C VAL A 52 -5.67 -5.49 10.49
N GLN A 53 -5.80 -4.18 10.38
CA GLN A 53 -6.82 -3.45 11.12
C GLN A 53 -7.90 -2.91 10.18
N ARG A 54 -7.50 -1.99 9.30
CA ARG A 54 -8.43 -1.40 8.35
C ARG A 54 -7.85 -1.42 6.94
N ILE A 55 -8.72 -1.61 5.95
CA ILE A 55 -8.29 -1.66 4.55
C ILE A 55 -9.27 -0.89 3.66
N VAL A 56 -8.72 -0.17 2.69
CA VAL A 56 -9.54 0.60 1.77
C VAL A 56 -9.12 0.35 0.31
N ILE A 57 -10.10 0.24 -0.57
CA ILE A 57 -9.84 0.01 -1.98
C ILE A 57 -10.57 1.01 -2.86
N PHE A 58 -9.81 1.92 -3.47
CA PHE A 58 -10.39 2.94 -4.34
C PHE A 58 -9.85 2.82 -5.76
N LYS A 59 -10.65 3.23 -6.73
CA LYS A 59 -10.27 3.15 -8.14
C LYS A 59 -10.28 4.54 -8.77
N ARG A 60 -9.80 5.53 -8.02
CA ARG A 60 -9.76 6.91 -8.52
C ARG A 60 -8.93 7.00 -9.80
N ASN A 61 -7.64 6.70 -9.69
CA ASN A 61 -6.74 6.75 -10.83
C ASN A 61 -6.33 5.34 -11.27
N GLY A 62 -7.30 4.43 -11.30
CA GLY A 62 -7.01 3.07 -11.69
C GLY A 62 -7.45 2.06 -10.65
N ILE A 63 -6.51 1.26 -10.18
CA ILE A 63 -6.79 0.25 -9.17
C ILE A 63 -5.82 0.34 -8.01
N GLN A 64 -6.19 1.11 -6.99
CA GLN A 64 -5.35 1.28 -5.81
C GLN A 64 -6.10 0.94 -4.54
N ALA A 65 -5.37 0.65 -3.47
CA ALA A 65 -5.98 0.30 -2.20
C ALA A 65 -5.03 0.58 -1.04
N MET A 66 -5.48 1.40 -0.10
CA MET A 66 -4.67 1.76 1.06
C MET A 66 -4.84 0.72 2.17
N VAL A 67 -3.71 0.18 2.63
CA VAL A 67 -3.73 -0.83 3.69
C VAL A 67 -3.10 -0.28 4.97
N GLU A 68 -3.89 -0.23 6.04
CA GLU A 68 -3.41 0.27 7.31
C GLU A 68 -2.93 -0.87 8.20
N PHE A 69 -2.06 -0.55 9.15
CA PHE A 69 -1.51 -1.55 10.06
C PHE A 69 -1.61 -1.08 11.51
N GLU A 70 -1.36 -2.00 12.44
CA GLU A 70 -1.42 -1.67 13.87
C GLU A 70 -0.54 -0.48 14.19
N SER A 71 0.76 -0.65 14.00
CA SER A 71 1.72 0.42 14.29
C SER A 71 2.64 0.65 13.09
N VAL A 72 3.46 1.70 13.18
CA VAL A 72 4.38 2.03 12.10
C VAL A 72 5.38 0.90 11.87
N LEU A 73 6.02 0.45 12.94
CA LEU A 73 7.00 -0.62 12.86
C LEU A 73 6.53 -1.71 11.91
N CYS A 74 5.42 -2.36 12.26
CA CYS A 74 4.86 -3.42 11.44
C CYS A 74 4.82 -3.01 9.97
N ALA A 75 4.46 -1.76 9.72
CA ALA A 75 4.38 -1.24 8.35
C ALA A 75 5.72 -1.38 7.65
N GLN A 76 6.80 -1.12 8.37
CA GLN A 76 8.15 -1.21 7.81
C GLN A 76 8.40 -2.60 7.22
N LYS A 77 8.25 -3.62 8.05
CA LYS A 77 8.46 -5.00 7.62
C LYS A 77 7.45 -5.38 6.54
N ALA A 78 6.17 -5.33 6.89
CA ALA A 78 5.10 -5.68 5.96
C ALA A 78 5.32 -4.99 4.61
N LYS A 79 5.55 -3.69 4.65
CA LYS A 79 5.76 -2.91 3.44
C LYS A 79 6.79 -3.59 2.53
N ALA A 80 7.94 -3.93 3.10
CA ALA A 80 9.00 -4.59 2.34
C ALA A 80 8.52 -5.91 1.76
N ALA A 81 8.22 -6.87 2.65
CA ALA A 81 7.76 -8.18 2.23
C ALA A 81 6.74 -8.06 1.09
N LEU A 82 5.90 -7.04 1.16
CA LEU A 82 4.88 -6.81 0.14
C LEU A 82 5.43 -5.96 -1.00
N ASN A 83 6.49 -5.21 -0.72
CA ASN A 83 7.11 -4.35 -1.71
C ASN A 83 7.57 -5.17 -2.91
N GLY A 84 6.82 -5.06 -4.01
CA GLY A 84 7.17 -5.80 -5.22
C GLY A 84 6.79 -7.26 -5.13
N ALA A 85 5.84 -7.58 -4.27
CA ALA A 85 5.39 -8.95 -4.09
C ALA A 85 4.42 -9.35 -5.20
N ASP A 86 4.81 -10.37 -5.97
CA ASP A 86 3.97 -10.85 -7.06
C ASP A 86 2.83 -11.70 -6.53
N ILE A 87 1.60 -11.32 -6.92
CA ILE A 87 0.41 -12.04 -6.48
C ILE A 87 -0.05 -13.03 -7.55
N TYR A 88 0.00 -12.60 -8.80
CA TYR A 88 -0.42 -13.44 -9.92
C TYR A 88 0.75 -13.71 -10.86
N ALA A 89 0.52 -14.60 -11.83
CA ALA A 89 1.55 -14.95 -12.81
C ALA A 89 2.09 -13.69 -13.49
N GLY A 90 3.30 -13.29 -13.11
CA GLY A 90 3.91 -12.12 -13.70
C GLY A 90 2.90 -11.03 -14.02
N CYS A 91 2.13 -10.64 -13.01
CA CYS A 91 1.12 -9.60 -13.18
C CYS A 91 0.62 -9.09 -11.83
N CYS A 92 -0.04 -7.94 -11.85
CA CYS A 92 -0.56 -7.34 -10.62
C CYS A 92 0.58 -6.99 -9.67
N THR A 93 1.66 -6.43 -10.22
CA THR A 93 2.82 -6.05 -9.42
C THR A 93 2.42 -5.09 -8.30
N LEU A 94 2.64 -5.51 -7.06
CA LEU A 94 2.30 -4.69 -5.90
C LEU A 94 3.25 -3.51 -5.78
N LYS A 95 2.70 -2.31 -5.68
CA LYS A 95 3.50 -1.10 -5.55
C LYS A 95 3.05 -0.28 -4.35
N ILE A 96 3.73 -0.48 -3.21
CA ILE A 96 3.40 0.24 -2.00
C ILE A 96 3.95 1.67 -2.04
N GLU A 97 3.22 2.59 -1.41
CA GLU A 97 3.63 3.99 -1.38
C GLU A 97 3.15 4.66 -0.10
N TYR A 98 4.08 5.25 0.65
CA TYR A 98 3.75 5.92 1.90
C TYR A 98 2.59 6.90 1.70
N ALA A 99 1.38 6.46 2.05
CA ALA A 99 0.20 7.29 1.91
C ALA A 99 0.43 8.68 2.48
N ARG A 100 0.02 9.70 1.74
CA ARG A 100 0.19 11.08 2.17
C ARG A 100 -0.54 11.33 3.48
N PRO A 101 -1.79 10.87 3.57
CA PRO A 101 -2.61 11.04 4.78
C PRO A 101 -2.26 10.02 5.86
N THR A 102 -2.44 10.42 7.11
CA THR A 102 -2.14 9.55 8.24
C THR A 102 -3.38 8.78 8.68
N ARG A 103 -4.54 9.34 8.39
CA ARG A 103 -5.80 8.70 8.77
C ARG A 103 -6.70 8.51 7.53
N LEU A 104 -7.35 7.36 7.47
CA LEU A 104 -8.24 7.04 6.35
C LEU A 104 -9.70 7.28 6.73
N ASN A 105 -10.59 7.10 5.75
CA ASN A 105 -12.02 7.29 5.98
C ASN A 105 -12.82 6.11 5.45
N VAL A 106 -13.47 5.38 6.35
CA VAL A 106 -14.27 4.23 5.97
C VAL A 106 -15.76 4.48 6.23
N ILE A 107 -16.51 4.70 5.17
CA ILE A 107 -17.94 4.96 5.29
C ILE A 107 -18.68 3.72 5.79
N ARG A 108 -18.57 2.63 5.05
CA ARG A 108 -19.22 1.38 5.43
C ARG A 108 -18.25 0.21 5.32
N ASN A 109 -18.72 -0.97 5.72
CA ASN A 109 -17.89 -2.18 5.67
C ASN A 109 -18.31 -3.06 4.51
N ASP A 110 -17.50 -3.08 3.45
CA ASP A 110 -17.78 -3.89 2.28
C ASP A 110 -16.48 -4.34 1.60
N ASN A 111 -16.60 -5.31 0.69
CA ASN A 111 -15.44 -5.82 -0.03
C ASN A 111 -14.41 -4.72 -0.26
N ASP A 112 -14.90 -3.52 -0.59
CA ASP A 112 -14.02 -2.38 -0.83
C ASP A 112 -13.14 -2.09 0.37
N SER A 113 -13.78 -1.85 1.52
CA SER A 113 -13.04 -1.56 2.75
C SER A 113 -13.62 -2.34 3.91
N TRP A 114 -12.79 -2.60 4.92
CA TRP A 114 -13.21 -3.35 6.09
C TRP A 114 -12.53 -2.82 7.35
N ASP A 115 -13.31 -2.63 8.41
CA ASP A 115 -12.78 -2.12 9.67
C ASP A 115 -12.86 -3.19 10.75
N TYR A 116 -11.70 -3.73 11.14
CA TYR A 116 -11.64 -4.76 12.17
C TYR A 116 -11.75 -4.15 13.56
N THR A 117 -10.92 -3.13 13.82
CA THR A 117 -10.92 -2.46 15.11
C THR A 117 -12.34 -2.25 15.62
N LYS A 118 -13.26 -2.03 14.69
CA LYS A 118 -14.66 -1.80 15.04
C LYS A 118 -15.59 -2.62 14.15
N PRO A 119 -15.91 -3.85 14.57
CA PRO A 119 -16.79 -4.74 13.83
C PRO A 119 -18.26 -4.40 14.01
N TYR A 120 -18.55 -3.61 15.03
CA TYR A 120 -19.93 -3.21 15.32
C TYR A 120 -20.17 -1.77 14.89
N LEU A 121 -20.19 -1.53 13.59
CA LEU A 121 -20.41 -0.20 13.05
C LEU A 121 -21.49 -0.22 11.97
N GLY A 122 -22.63 0.41 12.27
CA GLY A 122 -23.73 0.45 11.32
C GLY A 122 -24.79 -0.58 11.61
N ARG A 123 -26.01 -0.32 11.14
CA ARG A 123 -27.13 -1.23 11.37
C ARG A 123 -26.66 -2.68 11.35
N ARG A 124 -25.98 -3.06 10.28
CA ARG A 124 -25.47 -4.43 10.14
C ARG A 124 -24.60 -4.81 11.34
N GLY A 1 42.18 -41.04 -18.05
CA GLY A 1 42.17 -39.72 -17.45
C GLY A 1 40.90 -38.95 -17.80
N SER A 2 40.74 -37.79 -17.17
CA SER A 2 39.56 -36.95 -17.40
C SER A 2 39.87 -35.49 -17.08
N SER A 3 38.89 -34.63 -17.33
CA SER A 3 39.05 -33.20 -17.07
C SER A 3 37.70 -32.55 -16.78
N GLY A 4 37.74 -31.29 -16.34
CA GLY A 4 36.51 -30.58 -16.03
C GLY A 4 36.65 -29.08 -16.24
N SER A 5 35.54 -28.36 -16.06
CA SER A 5 35.54 -26.91 -16.24
C SER A 5 34.46 -26.26 -15.39
N SER A 6 34.87 -25.44 -14.44
CA SER A 6 33.94 -24.75 -13.55
C SER A 6 33.28 -23.57 -14.26
N GLY A 7 32.33 -22.93 -13.59
CA GLY A 7 31.63 -21.81 -14.17
C GLY A 7 31.37 -20.71 -13.17
N LYS A 8 31.74 -19.48 -13.51
CA LYS A 8 31.55 -18.34 -12.62
C LYS A 8 31.28 -17.07 -13.42
N ARG A 9 30.59 -16.11 -12.81
CA ARG A 9 30.27 -14.85 -13.47
C ARG A 9 30.30 -13.69 -12.47
N ILE A 10 30.63 -12.51 -12.96
CA ILE A 10 30.70 -11.33 -12.11
C ILE A 10 29.31 -10.89 -11.65
N THR A 11 29.26 -10.00 -10.67
CA THR A 11 28.00 -9.51 -10.15
C THR A 11 28.03 -8.00 -9.95
N ARG A 12 26.87 -7.36 -10.04
CA ARG A 12 26.78 -5.92 -9.87
C ARG A 12 26.32 -5.57 -8.45
N PRO A 13 26.68 -4.35 -7.99
CA PRO A 13 26.31 -3.88 -6.66
C PRO A 13 24.85 -3.45 -6.58
N GLY A 14 24.25 -3.61 -5.39
CA GLY A 14 22.87 -3.24 -5.20
C GLY A 14 22.70 -2.08 -4.24
N ASN A 15 21.98 -1.05 -4.67
CA ASN A 15 21.76 0.13 -3.84
C ASN A 15 20.80 -0.20 -2.69
N THR A 16 20.74 0.70 -1.71
CA THR A 16 19.87 0.51 -0.56
C THR A 16 18.84 1.62 -0.46
N ASP A 17 17.61 1.26 -0.12
CA ASP A 17 16.52 2.22 0.01
C ASP A 17 16.67 3.03 1.29
N ASP A 18 15.89 4.10 1.40
CA ASP A 18 15.93 4.96 2.58
C ASP A 18 14.58 4.99 3.29
N PRO A 19 14.60 4.83 4.62
CA PRO A 19 13.39 4.82 5.44
C PRO A 19 12.88 6.24 5.72
N SER A 20 13.17 7.17 4.82
CA SER A 20 12.76 8.55 4.98
C SER A 20 11.29 8.62 5.43
N GLY A 21 11.10 8.80 6.73
CA GLY A 21 9.76 8.89 7.27
C GLY A 21 9.11 7.53 7.44
N GLY A 22 7.79 7.52 7.61
CA GLY A 22 7.08 6.27 7.79
C GLY A 22 5.68 6.47 8.35
N ASN A 23 4.72 5.71 7.84
CA ASN A 23 3.34 5.82 8.30
C ASN A 23 2.67 4.44 8.32
N LYS A 24 1.76 4.25 9.27
CA LYS A 24 1.05 2.99 9.40
C LYS A 24 0.31 2.64 8.12
N VAL A 25 -0.31 3.65 7.51
CA VAL A 25 -1.05 3.45 6.26
C VAL A 25 -0.11 3.36 5.07
N LEU A 26 -0.40 2.43 4.17
CA LEU A 26 0.42 2.24 2.97
C LEU A 26 -0.45 2.13 1.72
N LEU A 27 -0.25 3.05 0.78
CA LEU A 27 -1.01 3.05 -0.45
C LEU A 27 -0.51 1.97 -1.41
N LEU A 28 -1.28 0.90 -1.55
CA LEU A 28 -0.92 -0.21 -2.42
C LEU A 28 -1.51 -0.01 -3.82
N SER A 29 -0.66 -0.01 -4.83
CA SER A 29 -1.10 0.16 -6.20
C SER A 29 -0.84 -1.11 -7.02
N ILE A 30 -1.92 -1.69 -7.54
CA ILE A 30 -1.81 -2.91 -8.34
C ILE A 30 -1.39 -2.59 -9.76
N GLN A 31 -0.42 -3.35 -10.27
CA GLN A 31 0.08 -3.15 -11.63
C GLN A 31 -0.69 -4.01 -12.63
N ASN A 32 -0.94 -3.45 -13.80
CA ASN A 32 -1.68 -4.16 -14.84
C ASN A 32 -2.76 -5.05 -14.24
N PRO A 33 -3.62 -4.44 -13.42
CA PRO A 33 -4.72 -5.17 -12.77
C PRO A 33 -5.50 -6.05 -13.73
N LEU A 34 -5.44 -7.36 -13.49
CA LEU A 34 -6.14 -8.32 -14.35
C LEU A 34 -7.34 -8.91 -13.62
N TYR A 35 -7.10 -9.48 -12.45
CA TYR A 35 -8.16 -10.08 -11.65
C TYR A 35 -8.61 -9.15 -10.53
N PRO A 36 -9.93 -9.06 -10.32
CA PRO A 36 -10.51 -8.21 -9.28
C PRO A 36 -9.83 -8.41 -7.93
N ILE A 37 -9.36 -7.30 -7.34
CA ILE A 37 -8.69 -7.36 -6.05
C ILE A 37 -9.61 -6.84 -4.94
N THR A 38 -9.78 -7.66 -3.90
CA THR A 38 -10.63 -7.29 -2.77
C THR A 38 -9.86 -7.40 -1.45
N VAL A 39 -10.41 -6.78 -0.41
CA VAL A 39 -9.79 -6.81 0.91
C VAL A 39 -9.21 -8.18 1.22
N ASP A 40 -9.89 -9.22 0.74
CA ASP A 40 -9.44 -10.59 0.97
C ASP A 40 -8.02 -10.78 0.45
N VAL A 41 -7.76 -10.29 -0.75
CA VAL A 41 -6.44 -10.41 -1.37
C VAL A 41 -5.38 -9.70 -0.53
N LEU A 42 -5.63 -8.44 -0.21
CA LEU A 42 -4.70 -7.64 0.58
C LEU A 42 -4.92 -7.88 2.07
N TYR A 43 -5.47 -9.05 2.40
CA TYR A 43 -5.73 -9.40 3.79
C TYR A 43 -5.19 -10.79 4.11
N THR A 44 -5.32 -11.70 3.14
CA THR A 44 -4.86 -13.08 3.31
C THR A 44 -3.35 -13.17 3.08
N VAL A 45 -2.84 -12.36 2.16
CA VAL A 45 -1.42 -12.36 1.85
C VAL A 45 -0.66 -11.40 2.76
N CYS A 46 -1.38 -10.47 3.37
CA CYS A 46 -0.78 -9.50 4.27
C CYS A 46 -0.63 -10.07 5.68
N ASN A 47 -1.73 -10.61 6.19
CA ASN A 47 -1.74 -11.19 7.54
C ASN A 47 -0.50 -12.07 7.75
N PRO A 48 -0.22 -12.95 6.78
CA PRO A 48 0.93 -13.85 6.84
C PRO A 48 2.21 -13.14 7.23
N VAL A 49 2.32 -11.86 6.85
CA VAL A 49 3.49 -11.07 7.17
C VAL A 49 3.36 -10.39 8.52
N GLY A 50 2.16 -9.90 8.82
CA GLY A 50 1.92 -9.24 10.09
C GLY A 50 0.45 -9.19 10.45
N LYS A 51 -0.02 -8.01 10.86
CA LYS A 51 -1.41 -7.83 11.23
C LYS A 51 -2.06 -6.73 10.38
N VAL A 52 -3.33 -6.93 10.04
CA VAL A 52 -4.07 -5.97 9.24
C VAL A 52 -5.13 -5.26 10.07
N GLN A 53 -5.12 -3.92 10.01
CA GLN A 53 -6.08 -3.12 10.76
C GLN A 53 -7.30 -2.82 9.90
N ARG A 54 -7.09 -2.15 8.78
CA ARG A 54 -8.17 -1.79 7.88
C ARG A 54 -7.71 -1.79 6.42
N ILE A 55 -8.64 -2.02 5.51
CA ILE A 55 -8.33 -2.05 4.08
C ILE A 55 -9.32 -1.22 3.29
N VAL A 56 -8.80 -0.41 2.36
CA VAL A 56 -9.64 0.44 1.52
C VAL A 56 -9.23 0.34 0.06
N ILE A 57 -10.13 -0.18 -0.77
CA ILE A 57 -9.85 -0.31 -2.20
C ILE A 57 -10.65 0.70 -3.02
N PHE A 58 -9.97 1.72 -3.52
CA PHE A 58 -10.61 2.76 -4.32
C PHE A 58 -10.03 2.79 -5.73
N LYS A 59 -10.86 3.17 -6.69
CA LYS A 59 -10.43 3.25 -8.09
C LYS A 59 -10.55 4.68 -8.61
N ARG A 60 -10.17 5.64 -7.78
CA ARG A 60 -10.23 7.05 -8.16
C ARG A 60 -9.48 7.30 -9.46
N ASN A 61 -8.17 7.07 -9.43
CA ASN A 61 -7.34 7.27 -10.62
C ASN A 61 -6.86 5.93 -11.18
N GLY A 62 -7.77 4.97 -11.23
CA GLY A 62 -7.43 3.65 -11.75
C GLY A 62 -7.70 2.55 -10.75
N ILE A 63 -6.65 1.83 -10.35
CA ILE A 63 -6.79 0.74 -9.40
C ILE A 63 -5.83 0.91 -8.23
N GLN A 64 -6.32 1.49 -7.14
CA GLN A 64 -5.51 1.71 -5.96
C GLN A 64 -6.20 1.17 -4.71
N ALA A 65 -5.42 0.88 -3.68
CA ALA A 65 -5.96 0.37 -2.43
C ALA A 65 -5.02 0.67 -1.25
N MET A 66 -5.52 1.43 -0.29
CA MET A 66 -4.73 1.79 0.88
C MET A 66 -4.86 0.72 1.97
N VAL A 67 -3.72 0.20 2.44
CA VAL A 67 -3.72 -0.82 3.47
C VAL A 67 -3.14 -0.27 4.77
N GLU A 68 -3.83 -0.51 5.88
CA GLU A 68 -3.39 -0.05 7.18
C GLU A 68 -2.82 -1.19 8.00
N PHE A 69 -1.89 -0.87 8.91
CA PHE A 69 -1.28 -1.89 9.75
C PHE A 69 -1.31 -1.45 11.22
N GLU A 70 -1.22 -2.44 12.11
CA GLU A 70 -1.25 -2.16 13.55
C GLU A 70 -0.56 -0.84 13.87
N SER A 71 0.75 -0.79 13.64
CA SER A 71 1.53 0.41 13.90
C SER A 71 2.63 0.59 12.86
N VAL A 72 3.34 1.72 12.93
CA VAL A 72 4.41 2.00 12.00
C VAL A 72 5.35 0.81 11.85
N LEU A 73 5.95 0.40 12.96
CA LEU A 73 6.88 -0.73 12.95
C LEU A 73 6.41 -1.81 11.98
N CYS A 74 5.22 -2.34 12.20
CA CYS A 74 4.65 -3.37 11.35
C CYS A 74 4.67 -2.92 9.88
N ALA A 75 4.33 -1.66 9.65
CA ALA A 75 4.30 -1.11 8.30
C ALA A 75 5.66 -1.26 7.62
N GLN A 76 6.73 -1.10 8.40
CA GLN A 76 8.08 -1.22 7.86
C GLN A 76 8.30 -2.60 7.25
N LYS A 77 8.13 -3.64 8.05
CA LYS A 77 8.31 -5.00 7.58
C LYS A 77 7.25 -5.37 6.53
N ALA A 78 5.99 -5.16 6.88
CA ALA A 78 4.89 -5.47 5.97
C ALA A 78 5.14 -4.86 4.60
N LYS A 79 5.51 -3.58 4.58
CA LYS A 79 5.78 -2.89 3.33
C LYS A 79 6.78 -3.65 2.48
N ALA A 80 7.94 -3.95 3.05
CA ALA A 80 8.99 -4.68 2.35
C ALA A 80 8.45 -5.99 1.79
N ALA A 81 8.10 -6.91 2.69
CA ALA A 81 7.57 -8.21 2.28
C ALA A 81 6.59 -8.06 1.13
N LEU A 82 5.73 -7.05 1.22
CA LEU A 82 4.73 -6.81 0.19
C LEU A 82 5.33 -6.03 -0.98
N ASN A 83 6.43 -5.34 -0.72
CA ASN A 83 7.11 -4.57 -1.75
C ASN A 83 7.60 -5.48 -2.89
N GLY A 84 6.86 -5.48 -3.99
CA GLY A 84 7.23 -6.31 -5.13
C GLY A 84 6.86 -7.76 -4.93
N ALA A 85 5.91 -8.02 -4.03
CA ALA A 85 5.48 -9.38 -3.75
C ALA A 85 4.45 -9.85 -4.79
N ASP A 86 4.94 -10.52 -5.82
CA ASP A 86 4.06 -11.03 -6.87
C ASP A 86 2.92 -11.85 -6.29
N ILE A 87 1.70 -11.38 -6.50
CA ILE A 87 0.51 -12.07 -5.99
C ILE A 87 -0.03 -13.05 -7.02
N TYR A 88 0.03 -12.67 -8.29
CA TYR A 88 -0.46 -13.52 -9.36
C TYR A 88 0.65 -13.84 -10.35
N ALA A 89 0.36 -14.72 -11.31
CA ALA A 89 1.34 -15.11 -12.32
C ALA A 89 1.87 -13.89 -13.07
N GLY A 90 3.10 -13.49 -12.75
CA GLY A 90 3.69 -12.34 -13.41
C GLY A 90 2.67 -11.27 -13.74
N CYS A 91 1.99 -10.76 -12.72
CA CYS A 91 0.99 -9.72 -12.93
C CYS A 91 0.45 -9.24 -11.58
N CYS A 92 -0.20 -8.07 -11.61
CA CYS A 92 -0.76 -7.49 -10.39
C CYS A 92 0.34 -7.18 -9.37
N THR A 93 1.44 -6.62 -9.85
CA THR A 93 2.56 -6.30 -8.98
C THR A 93 2.13 -5.35 -7.87
N LEU A 94 2.76 -5.49 -6.70
CA LEU A 94 2.44 -4.66 -5.56
C LEU A 94 3.33 -3.41 -5.52
N LYS A 95 2.72 -2.24 -5.59
CA LYS A 95 3.45 -0.99 -5.56
C LYS A 95 3.08 -0.17 -4.33
N ILE A 96 3.67 -0.53 -3.19
CA ILE A 96 3.39 0.18 -1.94
C ILE A 96 3.91 1.62 -2.00
N GLU A 97 3.22 2.52 -1.32
CA GLU A 97 3.60 3.93 -1.29
C GLU A 97 3.15 4.58 0.01
N TYR A 98 4.12 4.98 0.83
CA TYR A 98 3.83 5.63 2.11
C TYR A 98 2.68 6.62 1.96
N ALA A 99 1.49 6.21 2.39
CA ALA A 99 0.31 7.05 2.31
C ALA A 99 0.58 8.43 2.92
N ARG A 100 0.09 9.47 2.25
CA ARG A 100 0.27 10.83 2.74
C ARG A 100 -0.45 11.05 4.06
N PRO A 101 -1.71 10.59 4.14
CA PRO A 101 -2.53 10.73 5.34
C PRO A 101 -2.20 9.67 6.39
N THR A 102 -2.36 10.04 7.65
CA THR A 102 -2.08 9.12 8.75
C THR A 102 -3.26 8.19 9.00
N ARG A 103 -4.46 8.63 8.64
CA ARG A 103 -5.66 7.83 8.82
C ARG A 103 -6.33 7.55 7.48
N LEU A 104 -7.50 6.92 7.54
CA LEU A 104 -8.25 6.59 6.34
C LEU A 104 -9.74 6.84 6.53
N ASN A 105 -10.51 6.70 5.45
CA ASN A 105 -11.95 6.91 5.50
C ASN A 105 -12.70 5.68 4.99
N VAL A 106 -13.49 5.07 5.86
CA VAL A 106 -14.26 3.88 5.50
C VAL A 106 -15.75 4.11 5.71
N ILE A 107 -16.44 4.58 4.68
CA ILE A 107 -17.87 4.84 4.76
C ILE A 107 -18.61 3.63 5.33
N ARG A 108 -18.45 2.48 4.68
CA ARG A 108 -19.11 1.26 5.12
C ARG A 108 -18.18 0.06 4.92
N ASN A 109 -18.66 -1.12 5.35
CA ASN A 109 -17.88 -2.34 5.22
C ASN A 109 -18.32 -3.15 4.01
N ASP A 110 -17.61 -2.98 2.90
CA ASP A 110 -17.93 -3.69 1.66
C ASP A 110 -16.66 -4.23 1.01
N ASN A 111 -16.84 -5.04 -0.03
CA ASN A 111 -15.71 -5.63 -0.75
C ASN A 111 -14.61 -4.60 -0.96
N ASP A 112 -14.99 -3.40 -1.38
CA ASP A 112 -14.03 -2.33 -1.61
C ASP A 112 -13.20 -2.06 -0.36
N SER A 113 -13.86 -1.66 0.71
CA SER A 113 -13.17 -1.36 1.96
C SER A 113 -13.84 -2.08 3.13
N TRP A 114 -13.03 -2.65 4.01
CA TRP A 114 -13.53 -3.38 5.16
C TRP A 114 -12.67 -3.11 6.40
N ASP A 115 -13.33 -2.80 7.51
CA ASP A 115 -12.62 -2.52 8.76
C ASP A 115 -12.97 -3.56 9.82
N TYR A 116 -12.16 -4.60 9.90
CA TYR A 116 -12.38 -5.67 10.87
C TYR A 116 -12.13 -5.17 12.29
N THR A 117 -11.04 -4.42 12.46
CA THR A 117 -10.67 -3.89 13.77
C THR A 117 -11.91 -3.46 14.55
N LYS A 118 -12.78 -2.69 13.91
CA LYS A 118 -14.01 -2.22 14.55
C LYS A 118 -15.22 -2.92 13.97
N PRO A 119 -15.74 -3.90 14.72
CA PRO A 119 -16.93 -4.67 14.30
C PRO A 119 -18.20 -3.84 14.35
N TYR A 120 -19.34 -4.53 14.41
CA TYR A 120 -20.63 -3.86 14.45
C TYR A 120 -20.61 -2.58 13.62
N LEU A 121 -20.23 -2.71 12.35
CA LEU A 121 -20.16 -1.56 11.46
C LEU A 121 -21.02 -1.79 10.21
N GLY A 122 -21.56 -0.71 9.66
CA GLY A 122 -22.39 -0.81 8.48
C GLY A 122 -23.79 -0.29 8.69
N ARG A 123 -24.50 -0.89 9.65
CA ARG A 123 -25.87 -0.47 9.95
C ARG A 123 -26.01 1.04 9.85
N ARG A 124 -25.05 1.77 10.41
CA ARG A 124 -25.07 3.22 10.38
C ARG A 124 -24.78 3.74 8.98
N GLY A 1 3.21 -21.88 -12.16
CA GLY A 1 4.50 -21.30 -12.42
C GLY A 1 5.57 -21.81 -11.46
N SER A 2 6.54 -20.96 -11.14
CA SER A 2 7.62 -21.34 -10.24
C SER A 2 8.18 -20.13 -9.52
N SER A 3 8.73 -20.34 -8.33
CA SER A 3 9.30 -19.26 -7.54
C SER A 3 10.81 -19.43 -7.39
N GLY A 4 11.48 -18.39 -6.90
CA GLY A 4 12.92 -18.44 -6.72
C GLY A 4 13.31 -19.19 -5.47
N SER A 5 14.07 -20.28 -5.65
CA SER A 5 14.52 -21.09 -4.52
C SER A 5 16.04 -21.10 -4.43
N SER A 6 16.69 -21.58 -5.47
CA SER A 6 18.14 -21.65 -5.51
C SER A 6 18.75 -20.25 -5.64
N GLY A 7 18.27 -19.49 -6.62
CA GLY A 7 18.77 -18.16 -6.84
C GLY A 7 18.47 -17.64 -8.24
N LYS A 8 17.32 -16.98 -8.38
CA LYS A 8 16.91 -16.44 -9.68
C LYS A 8 17.78 -15.26 -10.06
N ARG A 9 18.03 -14.37 -9.11
CA ARG A 9 18.86 -13.18 -9.35
C ARG A 9 19.66 -12.82 -8.11
N ILE A 10 20.98 -12.82 -8.24
CA ILE A 10 21.85 -12.48 -7.13
C ILE A 10 21.39 -11.21 -6.43
N THR A 11 21.67 -11.12 -5.14
CA THR A 11 21.29 -9.95 -4.35
C THR A 11 22.30 -9.67 -3.25
N ARG A 12 22.82 -8.45 -3.23
CA ARG A 12 23.81 -8.05 -2.22
C ARG A 12 23.40 -6.74 -1.55
N PRO A 13 23.08 -6.82 -0.25
CA PRO A 13 22.67 -5.65 0.53
C PRO A 13 23.85 -4.78 0.93
N GLY A 14 23.71 -3.48 0.76
CA GLY A 14 24.77 -2.55 1.12
C GLY A 14 24.33 -1.11 1.08
N ASN A 15 23.14 -0.84 1.61
CA ASN A 15 22.59 0.51 1.64
C ASN A 15 21.84 0.77 2.95
N THR A 16 21.68 2.05 3.28
CA THR A 16 20.98 2.43 4.50
C THR A 16 20.35 3.81 4.36
N ASP A 17 19.17 3.97 4.94
CA ASP A 17 18.46 5.24 4.88
C ASP A 17 17.36 5.31 5.95
N ASP A 18 17.30 6.43 6.65
CA ASP A 18 16.30 6.62 7.70
C ASP A 18 14.89 6.67 7.10
N PRO A 19 13.93 6.10 7.85
CA PRO A 19 12.52 6.07 7.41
C PRO A 19 11.82 7.41 7.61
N SER A 20 12.46 8.30 8.36
CA SER A 20 11.90 9.62 8.63
C SER A 20 10.46 9.50 9.11
N GLY A 21 10.21 8.53 9.99
CA GLY A 21 8.87 8.34 10.52
C GLY A 21 7.90 7.84 9.47
N GLY A 22 7.83 6.53 9.32
CA GLY A 22 6.93 5.95 8.33
C GLY A 22 5.47 6.28 8.60
N ASN A 23 4.58 5.34 8.31
CA ASN A 23 3.15 5.54 8.53
C ASN A 23 2.40 4.22 8.44
N LYS A 24 1.64 3.91 9.50
CA LYS A 24 0.87 2.67 9.54
C LYS A 24 0.12 2.45 8.23
N VAL A 25 -0.42 3.53 7.67
CA VAL A 25 -1.17 3.45 6.43
C VAL A 25 -0.22 3.36 5.22
N LEU A 26 -0.55 2.48 4.29
CA LEU A 26 0.27 2.30 3.10
C LEU A 26 -0.60 2.20 1.84
N LEU A 27 -0.26 2.97 0.82
CA LEU A 27 -1.00 2.97 -0.42
C LEU A 27 -0.49 1.90 -1.37
N LEU A 28 -1.36 0.96 -1.72
CA LEU A 28 -0.99 -0.13 -2.62
C LEU A 28 -1.64 0.04 -3.99
N SER A 29 -0.87 -0.15 -5.04
CA SER A 29 -1.37 -0.02 -6.41
C SER A 29 -1.23 -1.32 -7.17
N ILE A 30 -2.26 -1.68 -7.92
CA ILE A 30 -2.25 -2.91 -8.70
C ILE A 30 -1.90 -2.63 -10.16
N GLN A 31 -0.92 -3.37 -10.69
CA GLN A 31 -0.50 -3.19 -12.07
C GLN A 31 -1.31 -4.10 -13.01
N ASN A 32 -1.68 -3.57 -14.16
CA ASN A 32 -2.45 -4.33 -15.13
C ASN A 32 -3.49 -5.20 -14.44
N PRO A 33 -4.32 -4.57 -13.59
CA PRO A 33 -5.38 -5.27 -12.85
C PRO A 33 -6.15 -6.25 -13.72
N LEU A 34 -5.73 -7.50 -13.71
CA LEU A 34 -6.39 -8.54 -14.51
C LEU A 34 -7.42 -9.30 -13.67
N TYR A 35 -7.03 -9.65 -12.45
CA TYR A 35 -7.92 -10.38 -11.55
C TYR A 35 -8.52 -9.45 -10.50
N PRO A 36 -9.71 -9.81 -9.99
CA PRO A 36 -10.42 -9.02 -8.98
C PRO A 36 -9.73 -9.09 -7.62
N ILE A 37 -9.24 -7.96 -7.15
CA ILE A 37 -8.57 -7.88 -5.86
C ILE A 37 -9.51 -7.39 -4.77
N THR A 38 -9.88 -8.28 -3.86
CA THR A 38 -10.77 -7.93 -2.77
C THR A 38 -10.02 -7.81 -1.45
N VAL A 39 -10.60 -7.09 -0.50
CA VAL A 39 -9.99 -6.90 0.82
C VAL A 39 -9.36 -8.20 1.32
N ASP A 40 -9.90 -9.33 0.86
CA ASP A 40 -9.40 -10.63 1.26
C ASP A 40 -8.00 -10.87 0.70
N VAL A 41 -7.89 -10.88 -0.62
CA VAL A 41 -6.61 -11.10 -1.29
C VAL A 41 -5.49 -10.38 -0.55
N LEU A 42 -5.73 -9.13 -0.19
CA LEU A 42 -4.73 -8.32 0.50
C LEU A 42 -4.69 -8.70 1.99
N TYR A 43 -5.84 -8.98 2.56
CA TYR A 43 -5.93 -9.36 3.97
C TYR A 43 -5.64 -10.84 4.16
N THR A 44 -4.98 -11.44 3.17
CA THR A 44 -4.64 -12.86 3.22
C THR A 44 -3.15 -13.08 3.05
N VAL A 45 -2.53 -12.27 2.19
CA VAL A 45 -1.10 -12.36 1.93
C VAL A 45 -0.32 -11.34 2.74
N CYS A 46 -1.03 -10.30 3.20
CA CYS A 46 -0.40 -9.25 3.99
C CYS A 46 -0.44 -9.58 5.48
N ASN A 47 -1.60 -10.03 5.94
CA ASN A 47 -1.78 -10.38 7.35
C ASN A 47 -0.69 -11.34 7.81
N PRO A 48 -0.40 -12.36 6.99
CA PRO A 48 0.62 -13.36 7.29
C PRO A 48 1.94 -12.73 7.74
N VAL A 49 2.49 -11.86 6.89
CA VAL A 49 3.74 -11.18 7.20
C VAL A 49 3.64 -10.43 8.52
N GLY A 50 2.56 -9.67 8.69
CA GLY A 50 2.38 -8.91 9.91
C GLY A 50 0.92 -8.88 10.35
N LYS A 51 0.29 -7.72 10.20
CA LYS A 51 -1.11 -7.56 10.59
C LYS A 51 -1.78 -6.48 9.75
N VAL A 52 -3.09 -6.62 9.56
CA VAL A 52 -3.86 -5.65 8.78
C VAL A 52 -5.07 -5.15 9.56
N GLN A 53 -5.16 -3.84 9.76
CA GLN A 53 -6.26 -3.24 10.49
C GLN A 53 -7.47 -3.04 9.57
N ARG A 54 -7.34 -2.12 8.63
CA ARG A 54 -8.42 -1.84 7.69
C ARG A 54 -7.88 -1.68 6.27
N ILE A 55 -8.75 -1.88 5.28
CA ILE A 55 -8.36 -1.76 3.89
C ILE A 55 -9.43 -1.02 3.08
N VAL A 56 -8.99 -0.06 2.27
CA VAL A 56 -9.91 0.72 1.44
C VAL A 56 -9.49 0.69 -0.02
N ILE A 57 -10.28 0.00 -0.84
CA ILE A 57 -9.99 -0.10 -2.26
C ILE A 57 -10.74 0.98 -3.05
N PHE A 58 -9.98 1.74 -3.84
CA PHE A 58 -10.57 2.80 -4.66
C PHE A 58 -9.90 2.87 -6.03
N LYS A 59 -10.72 2.99 -7.07
CA LYS A 59 -10.20 3.08 -8.44
C LYS A 59 -9.80 4.52 -8.78
N ARG A 60 -9.16 5.19 -7.84
CA ARG A 60 -8.72 6.57 -8.04
C ARG A 60 -7.32 6.61 -8.64
N ASN A 61 -7.21 7.19 -9.83
CA ASN A 61 -5.93 7.29 -10.52
C ASN A 61 -5.23 5.94 -10.59
N GLY A 62 -6.01 4.90 -10.87
CA GLY A 62 -5.46 3.56 -10.96
C GLY A 62 -5.89 2.68 -9.81
N ILE A 63 -6.27 1.44 -10.12
CA ILE A 63 -6.70 0.49 -9.10
C ILE A 63 -5.74 0.48 -7.91
N GLN A 64 -6.15 1.12 -6.82
CA GLN A 64 -5.32 1.17 -5.62
C GLN A 64 -6.14 0.85 -4.38
N ALA A 65 -5.45 0.56 -3.28
CA ALA A 65 -6.12 0.24 -2.02
C ALA A 65 -5.24 0.60 -0.83
N MET A 66 -5.77 1.46 0.04
CA MET A 66 -5.04 1.88 1.23
C MET A 66 -5.19 0.87 2.36
N VAL A 67 -4.08 0.24 2.73
CA VAL A 67 -4.09 -0.76 3.80
C VAL A 67 -3.43 -0.21 5.07
N GLU A 68 -4.20 -0.16 6.14
CA GLU A 68 -3.70 0.35 7.42
C GLU A 68 -3.14 -0.79 8.26
N PHE A 69 -2.16 -0.46 9.11
CA PHE A 69 -1.54 -1.45 9.98
C PHE A 69 -1.64 -1.03 11.44
N GLU A 70 -1.41 -1.99 12.34
CA GLU A 70 -1.48 -1.72 13.77
C GLU A 70 -0.59 -0.54 14.14
N SER A 71 0.72 -0.76 14.12
CA SER A 71 1.68 0.28 14.46
C SER A 71 2.53 0.65 13.25
N VAL A 72 3.51 1.53 13.48
CA VAL A 72 4.40 1.96 12.40
C VAL A 72 5.45 0.90 12.10
N LEU A 73 6.04 0.34 13.14
CA LEU A 73 7.06 -0.69 12.98
C LEU A 73 6.58 -1.80 12.06
N CYS A 74 5.56 -2.53 12.51
CA CYS A 74 4.99 -3.63 11.73
C CYS A 74 4.86 -3.23 10.26
N ALA A 75 4.49 -1.98 10.01
CA ALA A 75 4.32 -1.48 8.66
C ALA A 75 5.63 -1.57 7.87
N GLN A 76 6.75 -1.29 8.56
CA GLN A 76 8.06 -1.34 7.93
C GLN A 76 8.33 -2.74 7.36
N LYS A 77 8.32 -3.74 8.24
CA LYS A 77 8.58 -5.12 7.83
C LYS A 77 7.60 -5.54 6.74
N ALA A 78 6.30 -5.38 7.02
CA ALA A 78 5.27 -5.76 6.05
C ALA A 78 5.53 -5.12 4.69
N LYS A 79 5.67 -3.79 4.68
CA LYS A 79 5.93 -3.05 3.45
C LYS A 79 6.96 -3.77 2.59
N ALA A 80 8.10 -4.11 3.20
CA ALA A 80 9.17 -4.79 2.50
C ALA A 80 8.62 -5.97 1.68
N ALA A 81 8.25 -7.04 2.38
CA ALA A 81 7.72 -8.22 1.72
C ALA A 81 6.67 -7.85 0.67
N LEU A 82 5.72 -7.02 1.06
CA LEU A 82 4.66 -6.58 0.15
C LEU A 82 5.25 -5.81 -1.03
N ASN A 83 6.40 -5.20 -0.82
CA ASN A 83 7.07 -4.43 -1.87
C ASN A 83 7.41 -5.33 -3.06
N GLY A 84 6.64 -5.19 -4.13
CA GLY A 84 6.86 -5.98 -5.32
C GLY A 84 6.41 -7.42 -5.16
N ALA A 85 5.46 -7.64 -4.26
CA ALA A 85 4.94 -8.97 -4.00
C ALA A 85 3.82 -9.33 -4.98
N ASP A 86 4.19 -9.98 -6.08
CA ASP A 86 3.22 -10.38 -7.09
C ASP A 86 2.30 -11.47 -6.56
N ILE A 87 1.00 -11.28 -6.76
CA ILE A 87 0.00 -12.25 -6.31
C ILE A 87 -0.24 -13.33 -7.37
N TYR A 88 -0.18 -12.92 -8.63
CA TYR A 88 -0.40 -13.84 -9.74
C TYR A 88 0.81 -13.90 -10.65
N ALA A 89 0.78 -14.81 -11.62
CA ALA A 89 1.87 -14.96 -12.57
C ALA A 89 2.17 -13.64 -13.27
N GLY A 90 3.35 -13.07 -13.00
CA GLY A 90 3.72 -11.82 -13.61
C GLY A 90 2.54 -10.90 -13.84
N CYS A 91 2.03 -10.31 -12.76
CA CYS A 91 0.89 -9.41 -12.85
C CYS A 91 0.58 -8.78 -11.49
N CYS A 92 -0.41 -7.90 -11.46
CA CYS A 92 -0.80 -7.23 -10.23
C CYS A 92 0.42 -6.86 -9.40
N THR A 93 1.41 -6.27 -10.05
CA THR A 93 2.65 -5.87 -9.38
C THR A 93 2.35 -4.90 -8.24
N LEU A 94 2.14 -5.44 -7.06
CA LEU A 94 1.86 -4.62 -5.88
C LEU A 94 2.81 -3.43 -5.79
N LYS A 95 2.25 -2.25 -5.60
CA LYS A 95 3.04 -1.03 -5.49
C LYS A 95 2.69 -0.26 -4.22
N ILE A 96 3.50 -0.46 -3.18
CA ILE A 96 3.28 0.22 -1.90
C ILE A 96 3.82 1.65 -1.95
N GLU A 97 3.14 2.55 -1.25
CA GLU A 97 3.55 3.95 -1.20
C GLU A 97 3.09 4.61 0.10
N TYR A 98 4.06 5.00 0.92
CA TYR A 98 3.75 5.64 2.20
C TYR A 98 2.63 6.67 2.04
N ALA A 99 1.41 6.27 2.38
CA ALA A 99 0.26 7.16 2.27
C ALA A 99 0.55 8.51 2.90
N ARG A 100 0.05 9.57 2.27
CA ARG A 100 0.26 10.93 2.77
C ARG A 100 -0.51 11.16 4.06
N PRO A 101 -1.80 10.77 4.05
CA PRO A 101 -2.67 10.92 5.22
C PRO A 101 -2.41 9.86 6.29
N THR A 102 -2.54 10.26 7.54
CA THR A 102 -2.32 9.35 8.66
C THR A 102 -3.56 8.52 8.96
N ARG A 103 -4.73 9.12 8.71
CA ARG A 103 -6.00 8.45 8.96
C ARG A 103 -6.72 8.17 7.64
N LEU A 104 -7.68 7.24 7.68
CA LEU A 104 -8.45 6.88 6.50
C LEU A 104 -9.94 7.15 6.72
N ASN A 105 -10.74 6.83 5.70
CA ASN A 105 -12.18 7.03 5.78
C ASN A 105 -12.93 5.90 5.09
N VAL A 106 -13.66 5.12 5.87
CA VAL A 106 -14.42 3.99 5.34
C VAL A 106 -15.92 4.20 5.54
N ILE A 107 -16.63 4.52 4.45
CA ILE A 107 -18.06 4.75 4.52
C ILE A 107 -18.81 3.46 4.85
N ARG A 108 -18.58 2.43 4.04
CA ARG A 108 -19.23 1.14 4.24
C ARG A 108 -18.22 0.00 4.12
N ASN A 109 -18.51 -1.11 4.79
CA ASN A 109 -17.62 -2.27 4.76
C ASN A 109 -18.01 -3.21 3.61
N ASP A 110 -17.45 -2.95 2.44
CA ASP A 110 -17.73 -3.77 1.26
C ASP A 110 -16.44 -4.34 0.67
N ASN A 111 -16.58 -5.24 -0.29
CA ASN A 111 -15.43 -5.85 -0.94
C ASN A 111 -14.32 -4.83 -1.16
N ASP A 112 -14.70 -3.66 -1.67
CA ASP A 112 -13.74 -2.59 -1.94
C ASP A 112 -12.98 -2.22 -0.66
N SER A 113 -13.72 -1.75 0.34
CA SER A 113 -13.13 -1.34 1.61
C SER A 113 -13.75 -2.11 2.78
N TRP A 114 -12.90 -2.66 3.64
CA TRP A 114 -13.37 -3.41 4.79
C TRP A 114 -12.47 -3.18 6.00
N ASP A 115 -13.04 -2.64 7.07
CA ASP A 115 -12.29 -2.37 8.29
C ASP A 115 -12.47 -3.49 9.31
N TYR A 116 -11.38 -4.16 9.65
CA TYR A 116 -11.44 -5.26 10.61
C TYR A 116 -11.01 -4.79 11.99
N THR A 117 -11.51 -3.63 12.40
CA THR A 117 -11.19 -3.07 13.70
C THR A 117 -12.43 -2.97 14.59
N LYS A 118 -13.54 -2.57 13.99
CA LYS A 118 -14.80 -2.43 14.72
C LYS A 118 -15.94 -3.11 13.97
N PRO A 119 -16.26 -4.35 14.37
CA PRO A 119 -17.33 -5.13 13.75
C PRO A 119 -18.72 -4.64 14.17
N TYR A 120 -18.76 -3.75 15.15
CA TYR A 120 -20.02 -3.20 15.63
C TYR A 120 -20.15 -1.73 15.25
N LEU A 121 -21.05 -1.45 14.31
CA LEU A 121 -21.28 -0.08 13.87
C LEU A 121 -22.77 0.21 13.76
N GLY A 122 -23.52 -0.20 14.77
CA GLY A 122 -24.96 0.03 14.77
C GLY A 122 -25.32 1.42 15.26
N ARG A 123 -26.61 1.73 15.25
CA ARG A 123 -27.09 3.03 15.70
C ARG A 123 -27.17 3.08 17.22
N ARG A 124 -27.42 1.93 17.84
CA ARG A 124 -27.52 1.85 19.29
C ARG A 124 -26.42 2.66 19.96
#